data_1KT9
# 
_entry.id   1KT9 
# 
_audit_conform.dict_name       mmcif_pdbx.dic 
_audit_conform.dict_version    5.386 
_audit_conform.dict_location   http://mmcif.pdb.org/dictionaries/ascii/mmcif_pdbx.dic 
# 
loop_
_database_2.database_id 
_database_2.database_code 
_database_2.pdbx_database_accession 
_database_2.pdbx_DOI 
PDB   1KT9         pdb_00001kt9 10.2210/pdb1kt9/pdb 
RCSB  RCSB015319   ?            ?                   
WWPDB D_1000015319 ?            ?                   
# 
loop_
_pdbx_audit_revision_history.ordinal 
_pdbx_audit_revision_history.data_content_type 
_pdbx_audit_revision_history.major_revision 
_pdbx_audit_revision_history.minor_revision 
_pdbx_audit_revision_history.revision_date 
1 'Structure model' 1 0 2002-05-08 
2 'Structure model' 1 1 2008-04-27 
3 'Structure model' 1 2 2011-07-13 
4 'Structure model' 1 3 2024-02-14 
# 
_pdbx_audit_revision_details.ordinal             1 
_pdbx_audit_revision_details.revision_ordinal    1 
_pdbx_audit_revision_details.data_content_type   'Structure model' 
_pdbx_audit_revision_details.provider            repository 
_pdbx_audit_revision_details.type                'Initial release' 
_pdbx_audit_revision_details.description         ? 
_pdbx_audit_revision_details.details             ? 
# 
loop_
_pdbx_audit_revision_group.ordinal 
_pdbx_audit_revision_group.revision_ordinal 
_pdbx_audit_revision_group.data_content_type 
_pdbx_audit_revision_group.group 
1 2 'Structure model' 'Version format compliance' 
2 3 'Structure model' 'Version format compliance' 
3 4 'Structure model' 'Data collection'           
4 4 'Structure model' 'Database references'       
# 
loop_
_pdbx_audit_revision_category.ordinal 
_pdbx_audit_revision_category.revision_ordinal 
_pdbx_audit_revision_category.data_content_type 
_pdbx_audit_revision_category.category 
1 4 'Structure model' chem_comp_atom 
2 4 'Structure model' chem_comp_bond 
3 4 'Structure model' database_2     
# 
loop_
_pdbx_audit_revision_item.ordinal 
_pdbx_audit_revision_item.revision_ordinal 
_pdbx_audit_revision_item.data_content_type 
_pdbx_audit_revision_item.item 
1 4 'Structure model' '_database_2.pdbx_DOI'                
2 4 'Structure model' '_database_2.pdbx_database_accession' 
# 
_pdbx_database_status.status_code                     REL 
_pdbx_database_status.entry_id                        1KT9 
_pdbx_database_status.recvd_initial_deposition_date   2002-01-15 
_pdbx_database_status.deposit_site                    RCSB 
_pdbx_database_status.process_site                    RCSB 
_pdbx_database_status.SG_entry                        . 
_pdbx_database_status.pdb_format_compatible           Y 
_pdbx_database_status.status_code_mr                  ? 
_pdbx_database_status.status_code_sf                  ? 
_pdbx_database_status.status_code_cs                  ? 
_pdbx_database_status.status_code_nmr_data            ? 
_pdbx_database_status.methods_development_category    ? 
# 
loop_
_audit_author.name 
_audit_author.pdbx_ordinal 
'Bailey, S.'        1 
'Sedelnikova, S.E.' 2 
'Blackburn, G.M.'   3 
'Abdelghany, H.M.'  4 
'Baker, P.J.'       5 
'McLennan, A.G.'    6 
'Rafferty, J.B.'    7 
# 
loop_
_citation.id 
_citation.title 
_citation.journal_abbrev 
_citation.journal_volume 
_citation.page_first 
_citation.page_last 
_citation.year 
_citation.journal_id_ASTM 
_citation.country 
_citation.journal_id_ISSN 
_citation.journal_id_CSD 
_citation.book_publisher 
_citation.pdbx_database_id_PubMed 
_citation.pdbx_database_id_DOI 
primary 
'The crystal structure of diadenosine tetraphosphate hydrolase from Caenorhabditis elegans in free and binary complex forms' 
Structure            10   589 600 2002 STRUE6 UK 0969-2126 2005 ? 11937063 '10.1016/S0969-2126(02)00746-3' 
1       
;Cloning, characterisation and crystallisation of a diadenosine 5',5"'-P(1),P(4)-tetraphosphate pyrophosphohydrolase from Caenorhabditis elegans.
;
BIOCHIM.BIOPHYS.ACTA 1550 27  36  2001 BBACAQ NE 0006-3002 0113 ? ?        '10.1016/S0167-4838(01)00263-1' 
# 
loop_
_citation_author.citation_id 
_citation_author.name 
_citation_author.ordinal 
_citation_author.identifier_ORCID 
primary 'Bailey, S.'        1  ? 
primary 'Sedelnikova, S.E.' 2  ? 
primary 'Blackburn, G.M.'   3  ? 
primary 'Abdelghany, H.M.'  4  ? 
primary 'Baker, P.J.'       5  ? 
primary 'McLennan, A.G.'    6  ? 
primary 'Rafferty, J.B.'    7  ? 
1       'Abdelghany, H.M.'  8  ? 
1       'Gasmi, L.'         9  ? 
1       'Cartwright, J.L.'  10 ? 
1       'Bailey, S.'        11 ? 
1       'Rafferty, J.B.'    12 ? 
1       'McLennan, A.G.'    13 ? 
# 
loop_
_entity.id 
_entity.type 
_entity.src_method 
_entity.pdbx_description 
_entity.formula_weight 
_entity.pdbx_number_of_molecules 
_entity.pdbx_ec 
_entity.pdbx_mutation 
_entity.pdbx_fragment 
_entity.details 
1 polymer man 'Diadenosine Tetraphosphate Hydrolase' 15913.135 1  3.6.1.17 ? ? ? 
2 water   nat water                                  18.015    98 ?        ? ? ? 
# 
_entity_poly.entity_id                      1 
_entity_poly.type                           'polypeptide(L)' 
_entity_poly.nstd_linkage                   no 
_entity_poly.nstd_monomer                   no 
_entity_poly.pdbx_seq_one_letter_code       
;MVVKAAGLVIYRKLAGKIEFLLLQASYPPHHWTPPKGHVDPGEDEWQAAIRETKEEANITKEQLTIHEDCHETLFYEAKG
KPKSVKYWLAKLNNPDDVQLSHEHQNWKWCELEDAIKIADYAEMGSLLRKFSAFLAGF
;
_entity_poly.pdbx_seq_one_letter_code_can   
;MVVKAAGLVIYRKLAGKIEFLLLQASYPPHHWTPPKGHVDPGEDEWQAAIRETKEEANITKEQLTIHEDCHETLFYEAKG
KPKSVKYWLAKLNNPDDVQLSHEHQNWKWCELEDAIKIADYAEMGSLLRKFSAFLAGF
;
_entity_poly.pdbx_strand_id                 A 
_entity_poly.pdbx_target_identifier         ? 
# 
_pdbx_entity_nonpoly.entity_id   2 
_pdbx_entity_nonpoly.name        water 
_pdbx_entity_nonpoly.comp_id     HOH 
# 
loop_
_entity_poly_seq.entity_id 
_entity_poly_seq.num 
_entity_poly_seq.mon_id 
_entity_poly_seq.hetero 
1 1   MET n 
1 2   VAL n 
1 3   VAL n 
1 4   LYS n 
1 5   ALA n 
1 6   ALA n 
1 7   GLY n 
1 8   LEU n 
1 9   VAL n 
1 10  ILE n 
1 11  TYR n 
1 12  ARG n 
1 13  LYS n 
1 14  LEU n 
1 15  ALA n 
1 16  GLY n 
1 17  LYS n 
1 18  ILE n 
1 19  GLU n 
1 20  PHE n 
1 21  LEU n 
1 22  LEU n 
1 23  LEU n 
1 24  GLN n 
1 25  ALA n 
1 26  SER n 
1 27  TYR n 
1 28  PRO n 
1 29  PRO n 
1 30  HIS n 
1 31  HIS n 
1 32  TRP n 
1 33  THR n 
1 34  PRO n 
1 35  PRO n 
1 36  LYS n 
1 37  GLY n 
1 38  HIS n 
1 39  VAL n 
1 40  ASP n 
1 41  PRO n 
1 42  GLY n 
1 43  GLU n 
1 44  ASP n 
1 45  GLU n 
1 46  TRP n 
1 47  GLN n 
1 48  ALA n 
1 49  ALA n 
1 50  ILE n 
1 51  ARG n 
1 52  GLU n 
1 53  THR n 
1 54  LYS n 
1 55  GLU n 
1 56  GLU n 
1 57  ALA n 
1 58  ASN n 
1 59  ILE n 
1 60  THR n 
1 61  LYS n 
1 62  GLU n 
1 63  GLN n 
1 64  LEU n 
1 65  THR n 
1 66  ILE n 
1 67  HIS n 
1 68  GLU n 
1 69  ASP n 
1 70  CYS n 
1 71  HIS n 
1 72  GLU n 
1 73  THR n 
1 74  LEU n 
1 75  PHE n 
1 76  TYR n 
1 77  GLU n 
1 78  ALA n 
1 79  LYS n 
1 80  GLY n 
1 81  LYS n 
1 82  PRO n 
1 83  LYS n 
1 84  SER n 
1 85  VAL n 
1 86  LYS n 
1 87  TYR n 
1 88  TRP n 
1 89  LEU n 
1 90  ALA n 
1 91  LYS n 
1 92  LEU n 
1 93  ASN n 
1 94  ASN n 
1 95  PRO n 
1 96  ASP n 
1 97  ASP n 
1 98  VAL n 
1 99  GLN n 
1 100 LEU n 
1 101 SER n 
1 102 HIS n 
1 103 GLU n 
1 104 HIS n 
1 105 GLN n 
1 106 ASN n 
1 107 TRP n 
1 108 LYS n 
1 109 TRP n 
1 110 CYS n 
1 111 GLU n 
1 112 LEU n 
1 113 GLU n 
1 114 ASP n 
1 115 ALA n 
1 116 ILE n 
1 117 LYS n 
1 118 ILE n 
1 119 ALA n 
1 120 ASP n 
1 121 TYR n 
1 122 ALA n 
1 123 GLU n 
1 124 MET n 
1 125 GLY n 
1 126 SER n 
1 127 LEU n 
1 128 LEU n 
1 129 ARG n 
1 130 LYS n 
1 131 PHE n 
1 132 SER n 
1 133 ALA n 
1 134 PHE n 
1 135 LEU n 
1 136 ALA n 
1 137 GLY n 
1 138 PHE n 
# 
_entity_src_gen.entity_id                          1 
_entity_src_gen.pdbx_src_id                        1 
_entity_src_gen.pdbx_alt_source_flag               sample 
_entity_src_gen.pdbx_seq_type                      ? 
_entity_src_gen.pdbx_beg_seq_num                   ? 
_entity_src_gen.pdbx_end_seq_num                   ? 
_entity_src_gen.gene_src_common_name               ? 
_entity_src_gen.gene_src_genus                     Caenorhabditis 
_entity_src_gen.pdbx_gene_src_gene                 Y37H9A.6 
_entity_src_gen.gene_src_species                   ? 
_entity_src_gen.gene_src_strain                    ? 
_entity_src_gen.gene_src_tissue                    ? 
_entity_src_gen.gene_src_tissue_fraction           ? 
_entity_src_gen.gene_src_details                   ? 
_entity_src_gen.pdbx_gene_src_fragment             ? 
_entity_src_gen.pdbx_gene_src_scientific_name      'Caenorhabditis elegans' 
_entity_src_gen.pdbx_gene_src_ncbi_taxonomy_id     6239 
_entity_src_gen.pdbx_gene_src_variant              ? 
_entity_src_gen.pdbx_gene_src_cell_line            ? 
_entity_src_gen.pdbx_gene_src_atcc                 ? 
_entity_src_gen.pdbx_gene_src_organ                ? 
_entity_src_gen.pdbx_gene_src_organelle            ? 
_entity_src_gen.pdbx_gene_src_cell                 ? 
_entity_src_gen.pdbx_gene_src_cellular_location    ? 
_entity_src_gen.host_org_common_name               ? 
_entity_src_gen.pdbx_host_org_scientific_name      'Escherichia coli BL21(DE3)' 
_entity_src_gen.pdbx_host_org_ncbi_taxonomy_id     469008 
_entity_src_gen.host_org_genus                     Escherichia 
_entity_src_gen.pdbx_host_org_gene                 ? 
_entity_src_gen.pdbx_host_org_organ                ? 
_entity_src_gen.host_org_species                   'Escherichia coli' 
_entity_src_gen.pdbx_host_org_tissue               ? 
_entity_src_gen.pdbx_host_org_tissue_fraction      ? 
_entity_src_gen.pdbx_host_org_strain               'BL21(DE3)' 
_entity_src_gen.pdbx_host_org_variant              ? 
_entity_src_gen.pdbx_host_org_cell_line            ? 
_entity_src_gen.pdbx_host_org_atcc                 ? 
_entity_src_gen.pdbx_host_org_culture_collection   ? 
_entity_src_gen.pdbx_host_org_cell                 ? 
_entity_src_gen.pdbx_host_org_organelle            ? 
_entity_src_gen.pdbx_host_org_cellular_location    ? 
_entity_src_gen.pdbx_host_org_vector_type          PLASMID 
_entity_src_gen.pdbx_host_org_vector               ? 
_entity_src_gen.host_org_details                   ? 
_entity_src_gen.expression_system_id               ? 
_entity_src_gen.plasmid_name                       pET15b 
_entity_src_gen.plasmid_details                    ? 
_entity_src_gen.pdbx_description                   ? 
# 
loop_
_chem_comp.id 
_chem_comp.type 
_chem_comp.mon_nstd_flag 
_chem_comp.name 
_chem_comp.pdbx_synonyms 
_chem_comp.formula 
_chem_comp.formula_weight 
ALA 'L-peptide linking' y ALANINE         ? 'C3 H7 N O2'     89.093  
ARG 'L-peptide linking' y ARGININE        ? 'C6 H15 N4 O2 1' 175.209 
ASN 'L-peptide linking' y ASPARAGINE      ? 'C4 H8 N2 O3'    132.118 
ASP 'L-peptide linking' y 'ASPARTIC ACID' ? 'C4 H7 N O4'     133.103 
CYS 'L-peptide linking' y CYSTEINE        ? 'C3 H7 N O2 S'   121.158 
GLN 'L-peptide linking' y GLUTAMINE       ? 'C5 H10 N2 O3'   146.144 
GLU 'L-peptide linking' y 'GLUTAMIC ACID' ? 'C5 H9 N O4'     147.129 
GLY 'peptide linking'   y GLYCINE         ? 'C2 H5 N O2'     75.067  
HIS 'L-peptide linking' y HISTIDINE       ? 'C6 H10 N3 O2 1' 156.162 
HOH non-polymer         . WATER           ? 'H2 O'           18.015  
ILE 'L-peptide linking' y ISOLEUCINE      ? 'C6 H13 N O2'    131.173 
LEU 'L-peptide linking' y LEUCINE         ? 'C6 H13 N O2'    131.173 
LYS 'L-peptide linking' y LYSINE          ? 'C6 H15 N2 O2 1' 147.195 
MET 'L-peptide linking' y METHIONINE      ? 'C5 H11 N O2 S'  149.211 
PHE 'L-peptide linking' y PHENYLALANINE   ? 'C9 H11 N O2'    165.189 
PRO 'L-peptide linking' y PROLINE         ? 'C5 H9 N O2'     115.130 
SER 'L-peptide linking' y SERINE          ? 'C3 H7 N O3'     105.093 
THR 'L-peptide linking' y THREONINE       ? 'C4 H9 N O3'     119.119 
TRP 'L-peptide linking' y TRYPTOPHAN      ? 'C11 H12 N2 O2'  204.225 
TYR 'L-peptide linking' y TYROSINE        ? 'C9 H11 N O3'    181.189 
VAL 'L-peptide linking' y VALINE          ? 'C5 H11 N O2'    117.146 
# 
loop_
_pdbx_poly_seq_scheme.asym_id 
_pdbx_poly_seq_scheme.entity_id 
_pdbx_poly_seq_scheme.seq_id 
_pdbx_poly_seq_scheme.mon_id 
_pdbx_poly_seq_scheme.ndb_seq_num 
_pdbx_poly_seq_scheme.pdb_seq_num 
_pdbx_poly_seq_scheme.auth_seq_num 
_pdbx_poly_seq_scheme.pdb_mon_id 
_pdbx_poly_seq_scheme.auth_mon_id 
_pdbx_poly_seq_scheme.pdb_strand_id 
_pdbx_poly_seq_scheme.pdb_ins_code 
_pdbx_poly_seq_scheme.hetero 
A 1 1   MET 1   1   1   MET MET A . n 
A 1 2   VAL 2   2   2   VAL VAL A . n 
A 1 3   VAL 3   3   3   VAL VAL A . n 
A 1 4   LYS 4   4   4   LYS LYS A . n 
A 1 5   ALA 5   5   5   ALA ALA A . n 
A 1 6   ALA 6   6   6   ALA ALA A . n 
A 1 7   GLY 7   7   7   GLY GLY A . n 
A 1 8   LEU 8   8   8   LEU LEU A . n 
A 1 9   VAL 9   9   9   VAL VAL A . n 
A 1 10  ILE 10  10  10  ILE ILE A . n 
A 1 11  TYR 11  11  11  TYR TYR A . n 
A 1 12  ARG 12  12  12  ARG ARG A . n 
A 1 13  LYS 13  13  13  LYS LYS A . n 
A 1 14  LEU 14  14  14  LEU LEU A . n 
A 1 15  ALA 15  15  15  ALA ALA A . n 
A 1 16  GLY 16  16  16  GLY GLY A . n 
A 1 17  LYS 17  17  17  LYS LYS A . n 
A 1 18  ILE 18  18  18  ILE ILE A . n 
A 1 19  GLU 19  19  19  GLU GLU A . n 
A 1 20  PHE 20  20  20  PHE PHE A . n 
A 1 21  LEU 21  21  21  LEU LEU A . n 
A 1 22  LEU 22  22  22  LEU LEU A . n 
A 1 23  LEU 23  23  23  LEU LEU A . n 
A 1 24  GLN 24  24  24  GLN GLN A . n 
A 1 25  ALA 25  25  25  ALA ALA A . n 
A 1 26  SER 26  26  ?   ?   ?   A . n 
A 1 27  TYR 27  27  27  TYR TYR A . n 
A 1 28  PRO 28  28  28  PRO PRO A . n 
A 1 29  PRO 29  29  29  PRO PRO A . n 
A 1 30  HIS 30  30  30  HIS HIS A . n 
A 1 31  HIS 31  31  31  HIS HIS A . n 
A 1 32  TRP 32  32  32  TRP TRP A . n 
A 1 33  THR 33  33  33  THR THR A . n 
A 1 34  PRO 34  34  34  PRO PRO A . n 
A 1 35  PRO 35  35  35  PRO PRO A . n 
A 1 36  LYS 36  36  36  LYS LYS A . n 
A 1 37  GLY 37  37  37  GLY GLY A . n 
A 1 38  HIS 38  38  38  HIS HIS A . n 
A 1 39  VAL 39  39  39  VAL VAL A . n 
A 1 40  ASP 40  40  40  ASP ASP A . n 
A 1 41  PRO 41  41  41  PRO PRO A . n 
A 1 42  GLY 42  42  42  GLY GLY A . n 
A 1 43  GLU 43  43  43  GLU GLU A . n 
A 1 44  ASP 44  44  44  ASP ASP A . n 
A 1 45  GLU 45  45  45  GLU GLU A . n 
A 1 46  TRP 46  46  46  TRP TRP A . n 
A 1 47  GLN 47  47  47  GLN GLN A . n 
A 1 48  ALA 48  48  48  ALA ALA A . n 
A 1 49  ALA 49  49  49  ALA ALA A . n 
A 1 50  ILE 50  50  50  ILE ILE A . n 
A 1 51  ARG 51  51  51  ARG ARG A . n 
A 1 52  GLU 52  52  52  GLU GLU A . n 
A 1 53  THR 53  53  53  THR THR A . n 
A 1 54  LYS 54  54  54  LYS LYS A . n 
A 1 55  GLU 55  55  55  GLU GLU A . n 
A 1 56  GLU 56  56  56  GLU GLU A . n 
A 1 57  ALA 57  57  57  ALA ALA A . n 
A 1 58  ASN 58  58  58  ASN ASN A . n 
A 1 59  ILE 59  59  59  ILE ILE A . n 
A 1 60  THR 60  60  60  THR THR A . n 
A 1 61  LYS 61  61  61  LYS LYS A . n 
A 1 62  GLU 62  62  62  GLU GLU A . n 
A 1 63  GLN 63  63  63  GLN GLN A . n 
A 1 64  LEU 64  64  64  LEU LEU A . n 
A 1 65  THR 65  65  65  THR THR A . n 
A 1 66  ILE 66  66  66  ILE ILE A . n 
A 1 67  HIS 67  67  67  HIS HIS A . n 
A 1 68  GLU 68  68  68  GLU GLU A . n 
A 1 69  ASP 69  69  69  ASP ASP A . n 
A 1 70  CYS 70  70  70  CYS CYS A . n 
A 1 71  HIS 71  71  71  HIS HIS A . n 
A 1 72  GLU 72  72  72  GLU GLU A . n 
A 1 73  THR 73  73  73  THR THR A . n 
A 1 74  LEU 74  74  74  LEU LEU A . n 
A 1 75  PHE 75  75  75  PHE PHE A . n 
A 1 76  TYR 76  76  76  TYR TYR A . n 
A 1 77  GLU 77  77  77  GLU GLU A . n 
A 1 78  ALA 78  78  78  ALA ALA A . n 
A 1 79  LYS 79  79  79  LYS LYS A . n 
A 1 80  GLY 80  80  80  GLY GLY A . n 
A 1 81  LYS 81  81  81  LYS LYS A . n 
A 1 82  PRO 82  82  82  PRO PRO A . n 
A 1 83  LYS 83  83  83  LYS LYS A . n 
A 1 84  SER 84  84  84  SER SER A . n 
A 1 85  VAL 85  85  85  VAL VAL A . n 
A 1 86  LYS 86  86  86  LYS LYS A . n 
A 1 87  TYR 87  87  87  TYR TYR A . n 
A 1 88  TRP 88  88  88  TRP TRP A . n 
A 1 89  LEU 89  89  89  LEU LEU A . n 
A 1 90  ALA 90  90  90  ALA ALA A . n 
A 1 91  LYS 91  91  91  LYS LYS A . n 
A 1 92  LEU 92  92  92  LEU LEU A . n 
A 1 93  ASN 93  93  93  ASN ASN A . n 
A 1 94  ASN 94  94  94  ASN ASN A . n 
A 1 95  PRO 95  95  95  PRO PRO A . n 
A 1 96  ASP 96  96  96  ASP ASP A . n 
A 1 97  ASP 97  97  97  ASP ASP A . n 
A 1 98  VAL 98  98  98  VAL VAL A . n 
A 1 99  GLN 99  99  99  GLN GLN A . n 
A 1 100 LEU 100 100 100 LEU LEU A . n 
A 1 101 SER 101 101 101 SER SER A . n 
A 1 102 HIS 102 102 102 HIS HIS A . n 
A 1 103 GLU 103 103 ?   ?   ?   A . n 
A 1 104 HIS 104 104 ?   ?   ?   A . n 
A 1 105 GLN 105 105 ?   ?   ?   A . n 
A 1 106 ASN 106 106 106 ASN ASN A . n 
A 1 107 TRP 107 107 107 TRP TRP A . n 
A 1 108 LYS 108 108 108 LYS LYS A . n 
A 1 109 TRP 109 109 109 TRP TRP A . n 
A 1 110 CYS 110 110 110 CYS CYS A . n 
A 1 111 GLU 111 111 111 GLU GLU A . n 
A 1 112 LEU 112 112 112 LEU LEU A . n 
A 1 113 GLU 113 113 113 GLU GLU A . n 
A 1 114 ASP 114 114 114 ASP ASP A . n 
A 1 115 ALA 115 115 115 ALA ALA A . n 
A 1 116 ILE 116 116 116 ILE ILE A . n 
A 1 117 LYS 117 117 117 LYS LYS A . n 
A 1 118 ILE 118 118 118 ILE ILE A . n 
A 1 119 ALA 119 119 119 ALA ALA A . n 
A 1 120 ASP 120 120 120 ASP ASP A . n 
A 1 121 TYR 121 121 121 TYR TYR A . n 
A 1 122 ALA 122 122 122 ALA ALA A . n 
A 1 123 GLU 123 123 123 GLU GLU A . n 
A 1 124 MET 124 124 124 MET MET A . n 
A 1 125 GLY 125 125 125 GLY GLY A . n 
A 1 126 SER 126 126 126 SER SER A . n 
A 1 127 LEU 127 127 127 LEU LEU A . n 
A 1 128 LEU 128 128 128 LEU LEU A . n 
A 1 129 ARG 129 129 129 ARG ARG A . n 
A 1 130 LYS 130 130 130 LYS LYS A . n 
A 1 131 PHE 131 131 131 PHE PHE A . n 
A 1 132 SER 132 132 132 SER SER A . n 
A 1 133 ALA 133 133 133 ALA ALA A . n 
A 1 134 PHE 134 134 134 PHE PHE A . n 
A 1 135 LEU 135 135 135 LEU LEU A . n 
A 1 136 ALA 136 136 136 ALA ALA A . n 
A 1 137 GLY 137 137 ?   ?   ?   A . n 
A 1 138 PHE 138 138 ?   ?   ?   A . n 
# 
loop_
_pdbx_nonpoly_scheme.asym_id 
_pdbx_nonpoly_scheme.entity_id 
_pdbx_nonpoly_scheme.mon_id 
_pdbx_nonpoly_scheme.ndb_seq_num 
_pdbx_nonpoly_scheme.pdb_seq_num 
_pdbx_nonpoly_scheme.auth_seq_num 
_pdbx_nonpoly_scheme.pdb_mon_id 
_pdbx_nonpoly_scheme.auth_mon_id 
_pdbx_nonpoly_scheme.pdb_strand_id 
_pdbx_nonpoly_scheme.pdb_ins_code 
B 2 HOH 1  139 1   HOH HOH A . 
B 2 HOH 2  140 2   HOH HOH A . 
B 2 HOH 3  141 3   HOH HOH A . 
B 2 HOH 4  142 4   HOH HOH A . 
B 2 HOH 5  143 5   HOH HOH A . 
B 2 HOH 6  144 6   HOH HOH A . 
B 2 HOH 7  145 7   HOH HOH A . 
B 2 HOH 8  146 8   HOH HOH A . 
B 2 HOH 9  147 9   HOH HOH A . 
B 2 HOH 10 148 10  HOH HOH A . 
B 2 HOH 11 149 11  HOH HOH A . 
B 2 HOH 12 150 12  HOH HOH A . 
B 2 HOH 13 151 13  HOH HOH A . 
B 2 HOH 14 152 14  HOH HOH A . 
B 2 HOH 15 153 15  HOH HOH A . 
B 2 HOH 16 154 16  HOH HOH A . 
B 2 HOH 17 155 17  HOH HOH A . 
B 2 HOH 18 156 18  HOH HOH A . 
B 2 HOH 19 157 19  HOH HOH A . 
B 2 HOH 20 158 20  HOH HOH A . 
B 2 HOH 21 159 21  HOH HOH A . 
B 2 HOH 22 160 22  HOH HOH A . 
B 2 HOH 23 161 23  HOH HOH A . 
B 2 HOH 24 162 24  HOH HOH A . 
B 2 HOH 25 163 25  HOH HOH A . 
B 2 HOH 26 164 26  HOH HOH A . 
B 2 HOH 27 165 27  HOH HOH A . 
B 2 HOH 28 166 28  HOH HOH A . 
B 2 HOH 29 167 29  HOH HOH A . 
B 2 HOH 30 168 30  HOH HOH A . 
B 2 HOH 31 169 31  HOH HOH A . 
B 2 HOH 32 170 32  HOH HOH A . 
B 2 HOH 33 171 33  HOH HOH A . 
B 2 HOH 34 172 34  HOH HOH A . 
B 2 HOH 35 173 35  HOH HOH A . 
B 2 HOH 36 174 36  HOH HOH A . 
B 2 HOH 37 175 37  HOH HOH A . 
B 2 HOH 38 176 38  HOH HOH A . 
B 2 HOH 39 177 39  HOH HOH A . 
B 2 HOH 40 178 40  HOH HOH A . 
B 2 HOH 41 179 41  HOH HOH A . 
B 2 HOH 42 180 42  HOH HOH A . 
B 2 HOH 43 181 43  HOH HOH A . 
B 2 HOH 44 182 44  HOH HOH A . 
B 2 HOH 45 183 45  HOH HOH A . 
B 2 HOH 46 184 46  HOH HOH A . 
B 2 HOH 47 185 47  HOH HOH A . 
B 2 HOH 48 186 48  HOH HOH A . 
B 2 HOH 49 187 49  HOH HOH A . 
B 2 HOH 50 188 50  HOH HOH A . 
B 2 HOH 51 189 51  HOH HOH A . 
B 2 HOH 52 190 53  HOH HOH A . 
B 2 HOH 53 191 54  HOH HOH A . 
B 2 HOH 54 192 55  HOH HOH A . 
B 2 HOH 55 193 56  HOH HOH A . 
B 2 HOH 56 194 57  HOH HOH A . 
B 2 HOH 57 195 59  HOH HOH A . 
B 2 HOH 58 196 61  HOH HOH A . 
B 2 HOH 59 197 62  HOH HOH A . 
B 2 HOH 60 198 63  HOH HOH A . 
B 2 HOH 61 199 65  HOH HOH A . 
B 2 HOH 62 200 66  HOH HOH A . 
B 2 HOH 63 201 67  HOH HOH A . 
B 2 HOH 64 202 68  HOH HOH A . 
B 2 HOH 65 203 69  HOH HOH A . 
B 2 HOH 66 204 70  HOH HOH A . 
B 2 HOH 67 205 71  HOH HOH A . 
B 2 HOH 68 206 77  HOH HOH A . 
B 2 HOH 69 207 79  HOH HOH A . 
B 2 HOH 70 208 81  HOH HOH A . 
B 2 HOH 71 209 84  HOH HOH A . 
B 2 HOH 72 210 85  HOH HOH A . 
B 2 HOH 73 211 86  HOH HOH A . 
B 2 HOH 74 212 90  HOH HOH A . 
B 2 HOH 75 213 91  HOH HOH A . 
B 2 HOH 76 214 93  HOH HOH A . 
B 2 HOH 77 215 97  HOH HOH A . 
B 2 HOH 78 216 99  HOH HOH A . 
B 2 HOH 79 217 100 HOH HOH A . 
B 2 HOH 80 218 101 HOH HOH A . 
B 2 HOH 81 219 102 HOH HOH A . 
B 2 HOH 82 220 103 HOH HOH A . 
B 2 HOH 83 221 105 HOH HOH A . 
B 2 HOH 84 222 106 HOH HOH A . 
B 2 HOH 85 223 108 HOH HOH A . 
B 2 HOH 86 224 114 HOH HOH A . 
B 2 HOH 87 225 115 HOH HOH A . 
B 2 HOH 88 226 116 HOH HOH A . 
B 2 HOH 89 227 121 HOH HOH A . 
B 2 HOH 90 228 123 HOH HOH A . 
B 2 HOH 91 229 124 HOH HOH A . 
B 2 HOH 92 230 132 HOH HOH A . 
B 2 HOH 93 231 133 HOH HOH A . 
B 2 HOH 94 232 134 HOH HOH A . 
B 2 HOH 95 233 136 HOH HOH A . 
B 2 HOH 96 234 141 HOH HOH A . 
B 2 HOH 97 235 142 HOH HOH A . 
B 2 HOH 98 236 148 HOH HOH A . 
# 
loop_
_pdbx_unobs_or_zero_occ_atoms.id 
_pdbx_unobs_or_zero_occ_atoms.PDB_model_num 
_pdbx_unobs_or_zero_occ_atoms.polymer_flag 
_pdbx_unobs_or_zero_occ_atoms.occupancy_flag 
_pdbx_unobs_or_zero_occ_atoms.auth_asym_id 
_pdbx_unobs_or_zero_occ_atoms.auth_comp_id 
_pdbx_unobs_or_zero_occ_atoms.auth_seq_id 
_pdbx_unobs_or_zero_occ_atoms.PDB_ins_code 
_pdbx_unobs_or_zero_occ_atoms.auth_atom_id 
_pdbx_unobs_or_zero_occ_atoms.label_alt_id 
_pdbx_unobs_or_zero_occ_atoms.label_asym_id 
_pdbx_unobs_or_zero_occ_atoms.label_comp_id 
_pdbx_unobs_or_zero_occ_atoms.label_seq_id 
_pdbx_unobs_or_zero_occ_atoms.label_atom_id 
1  1 Y 1 A MET 1   ? CG  ? A MET 1   CG  
2  1 Y 1 A MET 1   ? SD  ? A MET 1   SD  
3  1 Y 1 A MET 1   ? CE  ? A MET 1   CE  
4  1 Y 1 A LYS 13  ? CG  ? A LYS 13  CG  
5  1 Y 1 A LYS 13  ? CD  ? A LYS 13  CD  
6  1 Y 1 A LYS 13  ? CE  ? A LYS 13  CE  
7  1 Y 1 A LYS 13  ? NZ  ? A LYS 13  NZ  
8  1 Y 1 A LYS 17  ? CG  ? A LYS 17  CG  
9  1 Y 1 A LYS 17  ? CD  ? A LYS 17  CD  
10 1 Y 1 A LYS 17  ? CE  ? A LYS 17  CE  
11 1 Y 1 A LYS 17  ? NZ  ? A LYS 17  NZ  
12 1 Y 1 A LYS 61  ? CG  ? A LYS 61  CG  
13 1 Y 1 A LYS 61  ? CD  ? A LYS 61  CD  
14 1 Y 1 A LYS 61  ? CE  ? A LYS 61  CE  
15 1 Y 1 A LYS 61  ? NZ  ? A LYS 61  NZ  
16 1 Y 1 A GLU 68  ? CG  ? A GLU 68  CG  
17 1 Y 1 A GLU 68  ? CD  ? A GLU 68  CD  
18 1 Y 1 A GLU 68  ? OE1 ? A GLU 68  OE1 
19 1 Y 1 A GLU 68  ? OE2 ? A GLU 68  OE2 
20 1 Y 1 A ASP 69  ? CG  ? A ASP 69  CG  
21 1 Y 1 A ASP 69  ? OD1 ? A ASP 69  OD1 
22 1 Y 1 A ASP 69  ? OD2 ? A ASP 69  OD2 
23 1 Y 1 A LYS 79  ? CG  ? A LYS 79  CG  
24 1 Y 1 A LYS 79  ? CD  ? A LYS 79  CD  
25 1 Y 1 A LYS 79  ? CE  ? A LYS 79  CE  
26 1 Y 1 A LYS 79  ? NZ  ? A LYS 79  NZ  
27 1 Y 1 A LYS 81  ? CG  ? A LYS 81  CG  
28 1 Y 1 A LYS 81  ? CD  ? A LYS 81  CD  
29 1 Y 1 A LYS 81  ? CE  ? A LYS 81  CE  
30 1 Y 1 A LYS 81  ? NZ  ? A LYS 81  NZ  
31 1 Y 1 A LYS 117 ? CG  ? A LYS 117 CG  
32 1 Y 1 A LYS 117 ? CD  ? A LYS 117 CD  
33 1 Y 1 A LYS 117 ? CE  ? A LYS 117 CE  
34 1 Y 1 A LYS 117 ? NZ  ? A LYS 117 NZ  
35 1 Y 1 A GLU 123 ? CG  ? A GLU 123 CG  
36 1 Y 1 A GLU 123 ? CD  ? A GLU 123 CD  
37 1 Y 1 A GLU 123 ? OE1 ? A GLU 123 OE1 
38 1 Y 1 A GLU 123 ? OE2 ? A GLU 123 OE2 
39 1 Y 1 A LYS 130 ? CG  ? A LYS 130 CG  
40 1 Y 1 A LYS 130 ? CD  ? A LYS 130 CD  
41 1 Y 1 A LYS 130 ? CE  ? A LYS 130 CE  
42 1 Y 1 A LYS 130 ? NZ  ? A LYS 130 NZ  
# 
loop_
_software.name 
_software.classification 
_software.version 
_software.citation_id 
_software.pdbx_ordinal 
MLPHARE   phasing          .   ? 1 
REFMAC    refinement       5.0 ? 2 
DENZO     'data reduction' .   ? 3 
SCALEPACK 'data scaling'   .   ? 4 
# 
_cell.entry_id           1KT9 
_cell.length_a           62.794 
_cell.length_b           72.934 
_cell.length_c           61.046 
_cell.angle_alpha        90.00 
_cell.angle_beta         90.00 
_cell.angle_gamma        90.00 
_cell.Z_PDB              8 
_cell.pdbx_unique_axis   ? 
# 
_symmetry.entry_id                         1KT9 
_symmetry.space_group_name_H-M             'C 2 2 21' 
_symmetry.pdbx_full_space_group_name_H-M   ? 
_symmetry.cell_setting                     ? 
_symmetry.Int_Tables_number                20 
# 
_exptl.entry_id          1KT9 
_exptl.method            'X-RAY DIFFRACTION' 
_exptl.crystals_number   1 
# 
_exptl_crystal.id                    1 
_exptl_crystal.density_meas          ? 
_exptl_crystal.density_percent_sol   43.97 
_exptl_crystal.density_Matthews      2.20 
_exptl_crystal.description           ? 
# 
_exptl_crystal_grow.crystal_id      1 
_exptl_crystal_grow.method          'VAPOR DIFFUSION, SITTING DROP' 
_exptl_crystal_grow.temp            293 
_exptl_crystal_grow.temp_details    ? 
_exptl_crystal_grow.pH              5.6 
_exptl_crystal_grow.pdbx_details    
'PEG 4000, ammonium acetate, sodium citrate, pH 5.6, VAPOR DIFFUSION, SITTING DROP, temperature 293K' 
_exptl_crystal_grow.pdbx_pH_range   . 
# 
_diffrn.id                     1 
_diffrn.ambient_temp           100 
_diffrn.ambient_temp_details   ? 
_diffrn.crystal_id             1 
# 
_diffrn_detector.diffrn_id              1 
_diffrn_detector.detector               CCD 
_diffrn_detector.type                   'ADSC QUANTUM 4' 
_diffrn_detector.pdbx_collection_date   2000-07-11 
_diffrn_detector.details                ? 
# 
_diffrn_radiation.diffrn_id                        1 
_diffrn_radiation.wavelength_id                    1 
_diffrn_radiation.pdbx_monochromatic_or_laue_m_l   M 
_diffrn_radiation.monochromator                    ? 
_diffrn_radiation.pdbx_diffrn_protocol             MAD 
_diffrn_radiation.pdbx_scattering_type             x-ray 
# 
_diffrn_radiation_wavelength.id           1 
_diffrn_radiation_wavelength.wavelength   0.87 
_diffrn_radiation_wavelength.wt           1.0 
# 
_diffrn_source.diffrn_id                   1 
_diffrn_source.source                      SYNCHROTRON 
_diffrn_source.type                        'SRS BEAMLINE PX9.6' 
_diffrn_source.pdbx_synchrotron_site       SRS 
_diffrn_source.pdbx_synchrotron_beamline   PX9.6 
_diffrn_source.pdbx_wavelength             ? 
_diffrn_source.pdbx_wavelength_list        0.87 
# 
_reflns.entry_id                     1KT9 
_reflns.observed_criterion_sigma_I   0 
_reflns.observed_criterion_sigma_F   2 
_reflns.d_resolution_low             18 
_reflns.d_resolution_high            1.98 
_reflns.number_obs                   9864 
_reflns.number_all                   53439 
_reflns.percent_possible_obs         99.8 
_reflns.pdbx_Rmerge_I_obs            ? 
_reflns.pdbx_Rsym_value              ? 
_reflns.pdbx_netI_over_sigmaI        ? 
_reflns.B_iso_Wilson_estimate        ? 
_reflns.pdbx_redundancy              ? 
_reflns.R_free_details               ? 
_reflns.limit_h_max                  ? 
_reflns.limit_h_min                  ? 
_reflns.limit_k_max                  ? 
_reflns.limit_k_min                  ? 
_reflns.limit_l_max                  ? 
_reflns.limit_l_min                  ? 
_reflns.observed_criterion_F_max     ? 
_reflns.observed_criterion_F_min     ? 
_reflns.pdbx_diffrn_id               1 
_reflns.pdbx_ordinal                 1 
# 
_reflns_shell.d_res_high             1.98 
_reflns_shell.d_res_low              2.05 
_reflns_shell.percent_possible_all   97.9 
_reflns_shell.Rmerge_I_obs           ? 
_reflns_shell.pdbx_Rsym_value        ? 
_reflns_shell.meanI_over_sigI_obs    ? 
_reflns_shell.pdbx_redundancy        ? 
_reflns_shell.percent_possible_obs   ? 
_reflns_shell.number_unique_all      ? 
_reflns_shell.pdbx_diffrn_id         ? 
_reflns_shell.pdbx_ordinal           1 
# 
_refine.entry_id                                 1KT9 
_refine.ls_number_reflns_obs                     9389 
_refine.ls_number_reflns_all                     9389 
_refine.pdbx_ls_sigma_I                          ? 
_refine.pdbx_ls_sigma_F                          0 
_refine.pdbx_data_cutoff_high_absF               ? 
_refine.pdbx_data_cutoff_low_absF                ? 
_refine.ls_d_res_low                             20.00 
_refine.ls_d_res_high                            1.98 
_refine.ls_percent_reflns_obs                    98.0 
_refine.ls_R_factor_obs                          0.1971500 
_refine.ls_R_factor_all                          ? 
_refine.ls_R_factor_R_work                       0.1963100 
_refine.ls_R_factor_R_free                       0.2132000 
_refine.ls_R_factor_R_free_error                 ? 
_refine.ls_R_factor_R_free_error_details         ? 
_refine.ls_percent_reflns_R_free                 4.8 
_refine.ls_number_reflns_R_free                  474 
_refine.ls_number_parameters                     ? 
_refine.ls_number_restraints                     ? 
_refine.occupancy_min                            ? 
_refine.occupancy_max                            ? 
_refine.B_iso_mean                               14.727 
_refine.aniso_B[1][1]                            0.59 
_refine.aniso_B[2][2]                            0.98 
_refine.aniso_B[3][3]                            -1.58 
_refine.aniso_B[1][2]                            0.00 
_refine.aniso_B[1][3]                            0.00 
_refine.aniso_B[2][3]                            0.00 
_refine.solvent_model_details                    'BABINET MODEL WITH MASK' 
_refine.solvent_model_param_ksol                 ? 
_refine.solvent_model_param_bsol                 ? 
_refine.pdbx_ls_cross_valid_method               THROUGHOUT 
_refine.details                                  'HYDROGENS HAVE BEEN ADDED IN THE RIDING POSITIONS' 
_refine.pdbx_starting_model                      ? 
_refine.pdbx_method_to_determine_struct          MAD 
_refine.pdbx_isotropic_thermal_model             ? 
_refine.pdbx_stereochemistry_target_values       'Engh & Huber' 
_refine.pdbx_stereochem_target_val_spec_case     ? 
_refine.pdbx_R_Free_selection_details            RANDOM 
_refine.pdbx_overall_ESU_R_Free                  0.150 
_refine.overall_SU_B                             5.165 
_refine.ls_redundancy_reflns_obs                 ? 
_refine.B_iso_min                                ? 
_refine.B_iso_max                                ? 
_refine.correlation_coeff_Fo_to_Fc               0.944 
_refine.overall_SU_R_Cruickshank_DPI             ? 
_refine.overall_SU_R_free                        ? 
_refine.overall_SU_ML                            0.149 
_refine.pdbx_overall_ESU_R                       .192 
_refine.pdbx_data_cutoff_high_rms_absF           ? 
_refine.correlation_coeff_Fo_to_Fc_free          0.938 
_refine.pdbx_solvent_vdw_probe_radii             1.40 
_refine.pdbx_solvent_ion_probe_radii             0.80 
_refine.pdbx_solvent_shrinkage_radii             0.80 
_refine.pdbx_refine_id                           'X-RAY DIFFRACTION' 
_refine.pdbx_diffrn_id                           1 
_refine.pdbx_TLS_residual_ADP_flag               ? 
_refine.pdbx_overall_phase_error                 ? 
_refine.pdbx_overall_SU_R_free_Cruickshank_DPI   ? 
_refine.pdbx_overall_SU_R_Blow_DPI               ? 
_refine.pdbx_overall_SU_R_free_Blow_DPI          ? 
# 
_refine_hist.pdbx_refine_id                   'X-RAY DIFFRACTION' 
_refine_hist.cycle_id                         LAST 
_refine_hist.pdbx_number_atoms_protein        1032 
_refine_hist.pdbx_number_atoms_nucleic_acid   0 
_refine_hist.pdbx_number_atoms_ligand         0 
_refine_hist.number_atoms_solvent             98 
_refine_hist.number_atoms_total               1130 
_refine_hist.d_res_high                       1.98 
_refine_hist.d_res_low                        20.00 
# 
loop_
_refine_ls_restr.type 
_refine_ls_restr.dev_ideal 
_refine_ls_restr.dev_ideal_target 
_refine_ls_restr.weight 
_refine_ls_restr.number 
_refine_ls_restr.pdbx_refine_id 
_refine_ls_restr.pdbx_restraint_function 
r_bond_refined_d         0.018  0.021  ? 1061 'X-RAY DIFFRACTION' ? 
r_bond_other_d           0.001  0.020  ? 927  'X-RAY DIFFRACTION' ? 
r_angle_refined_deg      1.627  1.929  ? 1447 'X-RAY DIFFRACTION' ? 
r_angle_other_deg        0.812  3.000  ? 2148 'X-RAY DIFFRACTION' ? 
r_dihedral_angle_1_deg   5.248  3.000  ? 129  'X-RAY DIFFRACTION' ? 
r_dihedral_angle_3_deg   15.810 15.000 ? 170  'X-RAY DIFFRACTION' ? 
r_chiral_restr           0.096  0.200  ? 158  'X-RAY DIFFRACTION' ? 
r_gen_planes_refined     0.007  0.020  ? 1179 'X-RAY DIFFRACTION' ? 
r_gen_planes_other       0.004  0.020  ? 211  'X-RAY DIFFRACTION' ? 
r_nbd_refined            0.247  0.300  ? 249  'X-RAY DIFFRACTION' ? 
r_nbd_other              0.217  0.300  ? 813  'X-RAY DIFFRACTION' ? 
r_nbtor_other            ?      ?      ? ?    'X-RAY DIFFRACTION' ? 
r_xyhbond_nbd_refined    0.175  0.500  ? 73   'X-RAY DIFFRACTION' ? 
r_xyhbond_nbd_other      0.005  0.500  ? 1    'X-RAY DIFFRACTION' ? 
r_symmetry_vdw_refined   0.343  0.300  ? 15   'X-RAY DIFFRACTION' ? 
r_symmetry_vdw_other     0.432  0.300  ? 37   'X-RAY DIFFRACTION' ? 
r_symmetry_hbond_refined 0.216  0.500  ? 11   'X-RAY DIFFRACTION' ? 
r_mcbond_it              0.893  1.500  ? 658  'X-RAY DIFFRACTION' ? 
r_mcangle_it             1.528  2.000  ? 1043 'X-RAY DIFFRACTION' ? 
r_scbond_it              2.248  3.000  ? 403  'X-RAY DIFFRACTION' ? 
r_scangle_it             3.416  4.500  ? 404  'X-RAY DIFFRACTION' ? 
r_rigid_bond_restr       ?      ?      ? ?    'X-RAY DIFFRACTION' ? 
r_sphericity_free        ?      ?      ? ?    'X-RAY DIFFRACTION' ? 
r_sphericity_bonded      ?      ?      ? ?    'X-RAY DIFFRACTION' ? 
# 
_refine_ls_shell.pdbx_total_number_of_bins_used   20 
_refine_ls_shell.d_res_high                       1.980 
_refine_ls_shell.d_res_low                        2.031 
_refine_ls_shell.number_reflns_R_work             695 
_refine_ls_shell.R_factor_R_work                  0.2030000 
_refine_ls_shell.percent_reflns_obs               ? 
_refine_ls_shell.R_factor_R_free                  0.2760000 
_refine_ls_shell.R_factor_R_free_error            ? 
_refine_ls_shell.percent_reflns_R_free            ? 
_refine_ls_shell.number_reflns_R_free             38 
_refine_ls_shell.redundancy_reflns_obs            ? 
_refine_ls_shell.number_reflns_all                ? 
_refine_ls_shell.number_reflns_obs                ? 
_refine_ls_shell.pdbx_refine_id                   'X-RAY DIFFRACTION' 
_refine_ls_shell.R_factor_all                     ? 
# 
_struct.entry_id                  1KT9 
_struct.title                     'Crystal Structure of C. elegans Ap4A Hydrolase' 
_struct.pdbx_model_details        ? 
_struct.pdbx_CASP_flag            ? 
_struct.pdbx_model_type_details   ? 
# 
_struct_keywords.entry_id        1KT9 
_struct_keywords.pdbx_keywords   HYDROLASE 
_struct_keywords.text            'Nudix, HYDROLASE' 
# 
loop_
_struct_asym.id 
_struct_asym.pdbx_blank_PDB_chainid_flag 
_struct_asym.pdbx_modified 
_struct_asym.entity_id 
_struct_asym.details 
A N N 1 ? 
B N N 2 ? 
# 
_struct_ref.id                         1 
_struct_ref.db_name                    UNP 
_struct_ref.db_code                    AP4A_CAEEL 
_struct_ref.entity_id                  1 
_struct_ref.pdbx_seq_one_letter_code   
;MVVKAAGLVIYRKLAGKIEFLLLQASYPPHHWTPPKGHVDPGEDEWQAAIRETKEEANITKEQLTIHEDCHETLFYEAKG
KPKSVKYWLAKLNNPDDVQLSHEHQNWKWCELEDAIKIADYAEMGSLLRKFSAFLAGF
;
_struct_ref.pdbx_align_begin           1 
_struct_ref.pdbx_db_accession          Q9U2M7 
_struct_ref.pdbx_db_isoform            ? 
# 
_struct_ref_seq.align_id                      1 
_struct_ref_seq.ref_id                        1 
_struct_ref_seq.pdbx_PDB_id_code              1KT9 
_struct_ref_seq.pdbx_strand_id                A 
_struct_ref_seq.seq_align_beg                 1 
_struct_ref_seq.pdbx_seq_align_beg_ins_code   ? 
_struct_ref_seq.seq_align_end                 138 
_struct_ref_seq.pdbx_seq_align_end_ins_code   ? 
_struct_ref_seq.pdbx_db_accession             Q9U2M7 
_struct_ref_seq.db_align_beg                  1 
_struct_ref_seq.pdbx_db_align_beg_ins_code    ? 
_struct_ref_seq.db_align_end                  138 
_struct_ref_seq.pdbx_db_align_end_ins_code    ? 
_struct_ref_seq.pdbx_auth_seq_align_beg       1 
_struct_ref_seq.pdbx_auth_seq_align_end       138 
# 
_pdbx_struct_assembly.id                   1 
_pdbx_struct_assembly.details              author_defined_assembly 
_pdbx_struct_assembly.method_details       ? 
_pdbx_struct_assembly.oligomeric_details   monomeric 
_pdbx_struct_assembly.oligomeric_count     1 
# 
_pdbx_struct_assembly_gen.assembly_id       1 
_pdbx_struct_assembly_gen.oper_expression   1 
_pdbx_struct_assembly_gen.asym_id_list      A,B 
# 
_pdbx_struct_oper_list.id                   1 
_pdbx_struct_oper_list.type                 'identity operation' 
_pdbx_struct_oper_list.name                 1_555 
_pdbx_struct_oper_list.symmetry_operation   x,y,z 
_pdbx_struct_oper_list.matrix[1][1]         1.0000000000 
_pdbx_struct_oper_list.matrix[1][2]         0.0000000000 
_pdbx_struct_oper_list.matrix[1][3]         0.0000000000 
_pdbx_struct_oper_list.vector[1]            0.0000000000 
_pdbx_struct_oper_list.matrix[2][1]         0.0000000000 
_pdbx_struct_oper_list.matrix[2][2]         1.0000000000 
_pdbx_struct_oper_list.matrix[2][3]         0.0000000000 
_pdbx_struct_oper_list.vector[2]            0.0000000000 
_pdbx_struct_oper_list.matrix[3][1]         0.0000000000 
_pdbx_struct_oper_list.matrix[3][2]         0.0000000000 
_pdbx_struct_oper_list.matrix[3][3]         1.0000000000 
_pdbx_struct_oper_list.vector[3]            0.0000000000 
# 
_struct_biol.id                    1 
_struct_biol.pdbx_parent_biol_id   ? 
_struct_biol.details               ? 
# 
loop_
_struct_conf.conf_type_id 
_struct_conf.id 
_struct_conf.pdbx_PDB_helix_id 
_struct_conf.beg_label_comp_id 
_struct_conf.beg_label_asym_id 
_struct_conf.beg_label_seq_id 
_struct_conf.pdbx_beg_PDB_ins_code 
_struct_conf.end_label_comp_id 
_struct_conf.end_label_asym_id 
_struct_conf.end_label_seq_id 
_struct_conf.pdbx_end_PDB_ins_code 
_struct_conf.beg_auth_comp_id 
_struct_conf.beg_auth_asym_id 
_struct_conf.beg_auth_seq_id 
_struct_conf.end_auth_comp_id 
_struct_conf.end_auth_asym_id 
_struct_conf.end_auth_seq_id 
_struct_conf.pdbx_PDB_helix_class 
_struct_conf.details 
_struct_conf.pdbx_PDB_helix_length 
HELX_P HELX_P1 1 ASP A 44  ? ASN A 58  ? ASP A 44  ASN A 58  1 ? 15 
HELX_P HELX_P2 2 THR A 60  ? GLU A 62  ? THR A 60  GLU A 62  5 ? 3  
HELX_P HELX_P3 3 GLU A 111 ? ASP A 120 ? GLU A 111 ASP A 120 1 ? 10 
HELX_P HELX_P4 4 TYR A 121 ? ALA A 136 ? TYR A 121 ALA A 136 1 ? 16 
# 
_struct_conf_type.id          HELX_P 
_struct_conf_type.criteria    ? 
_struct_conf_type.reference   ? 
# 
_struct_mon_prot_cis.pdbx_id                1 
_struct_mon_prot_cis.label_comp_id          PRO 
_struct_mon_prot_cis.label_seq_id           28 
_struct_mon_prot_cis.label_asym_id          A 
_struct_mon_prot_cis.label_alt_id           . 
_struct_mon_prot_cis.pdbx_PDB_ins_code      ? 
_struct_mon_prot_cis.auth_comp_id           PRO 
_struct_mon_prot_cis.auth_seq_id            28 
_struct_mon_prot_cis.auth_asym_id           A 
_struct_mon_prot_cis.pdbx_label_comp_id_2   PRO 
_struct_mon_prot_cis.pdbx_label_seq_id_2    29 
_struct_mon_prot_cis.pdbx_label_asym_id_2   A 
_struct_mon_prot_cis.pdbx_PDB_ins_code_2    ? 
_struct_mon_prot_cis.pdbx_auth_comp_id_2    PRO 
_struct_mon_prot_cis.pdbx_auth_seq_id_2     29 
_struct_mon_prot_cis.pdbx_auth_asym_id_2    A 
_struct_mon_prot_cis.pdbx_PDB_model_num     1 
_struct_mon_prot_cis.pdbx_omega_angle       4.07 
# 
_struct_sheet.id               A 
_struct_sheet.type             ? 
_struct_sheet.number_strands   10 
_struct_sheet.details          ? 
# 
loop_
_struct_sheet_order.sheet_id 
_struct_sheet_order.range_id_1 
_struct_sheet_order.range_id_2 
_struct_sheet_order.offset 
_struct_sheet_order.sense 
A 1 2  ? anti-parallel 
A 2 3  ? parallel      
A 3 4  ? anti-parallel 
A 4 5  ? anti-parallel 
A 5 6  ? parallel      
A 6 7  ? anti-parallel 
A 7 8  ? anti-parallel 
A 8 9  ? anti-parallel 
A 9 10 ? anti-parallel 
# 
loop_
_struct_sheet_range.sheet_id 
_struct_sheet_range.id 
_struct_sheet_range.beg_label_comp_id 
_struct_sheet_range.beg_label_asym_id 
_struct_sheet_range.beg_label_seq_id 
_struct_sheet_range.pdbx_beg_PDB_ins_code 
_struct_sheet_range.end_label_comp_id 
_struct_sheet_range.end_label_asym_id 
_struct_sheet_range.end_label_seq_id 
_struct_sheet_range.pdbx_end_PDB_ins_code 
_struct_sheet_range.beg_auth_comp_id 
_struct_sheet_range.beg_auth_asym_id 
_struct_sheet_range.beg_auth_seq_id 
_struct_sheet_range.end_auth_comp_id 
_struct_sheet_range.end_auth_asym_id 
_struct_sheet_range.end_auth_seq_id 
A 1  LYS A 36  ? HIS A 38  ? LYS A 36  HIS A 38  
A 2  VAL A 3   ? LEU A 14  ? VAL A 3   LEU A 14  
A 3  LYS A 83  ? LEU A 92  ? LYS A 83  LEU A 92  
A 4  LEU A 64  ? TYR A 76  ? LEU A 64  TYR A 76  
A 5  LYS A 83  ? LEU A 92  ? LYS A 83  LEU A 92  
A 6  VAL A 3   ? LEU A 14  ? VAL A 3   LEU A 14  
A 7  LYS A 17  ? GLN A 24  ? LYS A 17  GLN A 24  
A 8  TRP A 32  ? THR A 33  ? TRP A 32  THR A 33  
A 9  LYS A 17  ? GLN A 24  ? LYS A 17  GLN A 24  
A 10 TRP A 107 ? CYS A 110 ? TRP A 107 CYS A 110 
# 
loop_
_pdbx_struct_sheet_hbond.sheet_id 
_pdbx_struct_sheet_hbond.range_id_1 
_pdbx_struct_sheet_hbond.range_id_2 
_pdbx_struct_sheet_hbond.range_1_label_atom_id 
_pdbx_struct_sheet_hbond.range_1_label_comp_id 
_pdbx_struct_sheet_hbond.range_1_label_asym_id 
_pdbx_struct_sheet_hbond.range_1_label_seq_id 
_pdbx_struct_sheet_hbond.range_1_PDB_ins_code 
_pdbx_struct_sheet_hbond.range_1_auth_atom_id 
_pdbx_struct_sheet_hbond.range_1_auth_comp_id 
_pdbx_struct_sheet_hbond.range_1_auth_asym_id 
_pdbx_struct_sheet_hbond.range_1_auth_seq_id 
_pdbx_struct_sheet_hbond.range_2_label_atom_id 
_pdbx_struct_sheet_hbond.range_2_label_comp_id 
_pdbx_struct_sheet_hbond.range_2_label_asym_id 
_pdbx_struct_sheet_hbond.range_2_label_seq_id 
_pdbx_struct_sheet_hbond.range_2_PDB_ins_code 
_pdbx_struct_sheet_hbond.range_2_auth_atom_id 
_pdbx_struct_sheet_hbond.range_2_auth_comp_id 
_pdbx_struct_sheet_hbond.range_2_auth_asym_id 
_pdbx_struct_sheet_hbond.range_2_auth_seq_id 
A 1 2  O GLY A 37 ? O GLY A 37 N ALA A 6   ? N ALA A 6   
A 2 3  O VAL A 3  ? O VAL A 3  N SER A 84  ? N SER A 84  
A 3 4  N LYS A 91 ? N LYS A 91 O THR A 65  ? O THR A 65  
A 4 5  N TYR A 76 ? N TYR A 76 O LYS A 83  ? O LYS A 83  
A 5 6  N SER A 84 ? N SER A 84 O VAL A 3   ? O VAL A 3   
A 6 7  N LEU A 14 ? N LEU A 14 O LYS A 17  ? O LYS A 17  
A 7 8  N LEU A 23 ? N LEU A 23 O THR A 33  ? O THR A 33  
A 8 9  O THR A 33 ? O THR A 33 N LEU A 23  ? N LEU A 23  
A 9 10 N LEU A 22 ? N LEU A 22 O LYS A 108 ? O LYS A 108 
# 
_pdbx_validate_rmsd_angle.id                         1 
_pdbx_validate_rmsd_angle.PDB_model_num              1 
_pdbx_validate_rmsd_angle.auth_atom_id_1             CB 
_pdbx_validate_rmsd_angle.auth_asym_id_1             A 
_pdbx_validate_rmsd_angle.auth_comp_id_1             ASP 
_pdbx_validate_rmsd_angle.auth_seq_id_1              114 
_pdbx_validate_rmsd_angle.PDB_ins_code_1             ? 
_pdbx_validate_rmsd_angle.label_alt_id_1             ? 
_pdbx_validate_rmsd_angle.auth_atom_id_2             CG 
_pdbx_validate_rmsd_angle.auth_asym_id_2             A 
_pdbx_validate_rmsd_angle.auth_comp_id_2             ASP 
_pdbx_validate_rmsd_angle.auth_seq_id_2              114 
_pdbx_validate_rmsd_angle.PDB_ins_code_2             ? 
_pdbx_validate_rmsd_angle.label_alt_id_2             ? 
_pdbx_validate_rmsd_angle.auth_atom_id_3             OD2 
_pdbx_validate_rmsd_angle.auth_asym_id_3             A 
_pdbx_validate_rmsd_angle.auth_comp_id_3             ASP 
_pdbx_validate_rmsd_angle.auth_seq_id_3              114 
_pdbx_validate_rmsd_angle.PDB_ins_code_3             ? 
_pdbx_validate_rmsd_angle.label_alt_id_3             ? 
_pdbx_validate_rmsd_angle.angle_value                123.88 
_pdbx_validate_rmsd_angle.angle_target_value         118.30 
_pdbx_validate_rmsd_angle.angle_deviation            5.58 
_pdbx_validate_rmsd_angle.angle_standard_deviation   0.90 
_pdbx_validate_rmsd_angle.linker_flag                N 
# 
loop_
_pdbx_validate_torsion.id 
_pdbx_validate_torsion.PDB_model_num 
_pdbx_validate_torsion.auth_comp_id 
_pdbx_validate_torsion.auth_asym_id 
_pdbx_validate_torsion.auth_seq_id 
_pdbx_validate_torsion.PDB_ins_code 
_pdbx_validate_torsion.label_alt_id 
_pdbx_validate_torsion.phi 
_pdbx_validate_torsion.psi 
1 1 VAL A 2   ? ? -21.96 149.73 
2 1 ASP A 120 ? ? 38.76  51.88  
# 
_pdbx_refine_tls.id               1 
_pdbx_refine_tls.details          ? 
_pdbx_refine_tls.method           refined 
_pdbx_refine_tls.origin_x         0.0437 
_pdbx_refine_tls.origin_y         0.2416 
_pdbx_refine_tls.origin_z         -0.2695 
_pdbx_refine_tls.T[1][1]          0.0023 
_pdbx_refine_tls.T[2][2]          0.0468 
_pdbx_refine_tls.T[3][3]          0.0263 
_pdbx_refine_tls.T[1][2]          0.0011 
_pdbx_refine_tls.T[1][3]          -0.0075 
_pdbx_refine_tls.T[2][3]          0.0070 
_pdbx_refine_tls.L[1][1]          2.2823 
_pdbx_refine_tls.L[2][2]          4.1176 
_pdbx_refine_tls.L[3][3]          3.1372 
_pdbx_refine_tls.L[1][2]          0.3669 
_pdbx_refine_tls.L[1][3]          -0.4649 
_pdbx_refine_tls.L[2][3]          -0.0102 
_pdbx_refine_tls.S[1][1]          -0.0422 
_pdbx_refine_tls.S[1][2]          -0.0878 
_pdbx_refine_tls.S[1][3]          -0.0849 
_pdbx_refine_tls.S[2][1]          0.1462 
_pdbx_refine_tls.S[2][2]          0.0063 
_pdbx_refine_tls.S[2][3]          -0.2289 
_pdbx_refine_tls.S[3][1]          0.0905 
_pdbx_refine_tls.S[3][2]          0.2579 
_pdbx_refine_tls.S[3][3]          0.0359 
_pdbx_refine_tls.pdbx_refine_id   'X-RAY DIFFRACTION' 
# 
_pdbx_refine_tls_group.id                  1 
_pdbx_refine_tls_group.refine_tls_id       1 
_pdbx_refine_tls_group.beg_label_asym_id   A 
_pdbx_refine_tls_group.beg_label_seq_id    1 
_pdbx_refine_tls_group.beg_auth_seq_id     1 
_pdbx_refine_tls_group.end_label_asym_id   A 
_pdbx_refine_tls_group.end_label_seq_id    136 
_pdbx_refine_tls_group.end_auth_seq_id     136 
_pdbx_refine_tls_group.selection           ? 
_pdbx_refine_tls_group.beg_auth_asym_id    A 
_pdbx_refine_tls_group.end_auth_asym_id    A 
_pdbx_refine_tls_group.pdbx_refine_id      'X-RAY DIFFRACTION' 
_pdbx_refine_tls_group.selection_details   ? 
# 
loop_
_pdbx_unobs_or_zero_occ_residues.id 
_pdbx_unobs_or_zero_occ_residues.PDB_model_num 
_pdbx_unobs_or_zero_occ_residues.polymer_flag 
_pdbx_unobs_or_zero_occ_residues.occupancy_flag 
_pdbx_unobs_or_zero_occ_residues.auth_asym_id 
_pdbx_unobs_or_zero_occ_residues.auth_comp_id 
_pdbx_unobs_or_zero_occ_residues.auth_seq_id 
_pdbx_unobs_or_zero_occ_residues.PDB_ins_code 
_pdbx_unobs_or_zero_occ_residues.label_asym_id 
_pdbx_unobs_or_zero_occ_residues.label_comp_id 
_pdbx_unobs_or_zero_occ_residues.label_seq_id 
1 1 Y 1 A SER 26  ? A SER 26  
2 1 Y 1 A GLU 103 ? A GLU 103 
3 1 Y 1 A HIS 104 ? A HIS 104 
4 1 Y 1 A GLN 105 ? A GLN 105 
5 1 Y 1 A GLY 137 ? A GLY 137 
6 1 Y 1 A PHE 138 ? A PHE 138 
# 
loop_
_chem_comp_atom.comp_id 
_chem_comp_atom.atom_id 
_chem_comp_atom.type_symbol 
_chem_comp_atom.pdbx_aromatic_flag 
_chem_comp_atom.pdbx_stereo_config 
_chem_comp_atom.pdbx_ordinal 
ALA N    N N N 1   
ALA CA   C N S 2   
ALA C    C N N 3   
ALA O    O N N 4   
ALA CB   C N N 5   
ALA OXT  O N N 6   
ALA H    H N N 7   
ALA H2   H N N 8   
ALA HA   H N N 9   
ALA HB1  H N N 10  
ALA HB2  H N N 11  
ALA HB3  H N N 12  
ALA HXT  H N N 13  
ARG N    N N N 14  
ARG CA   C N S 15  
ARG C    C N N 16  
ARG O    O N N 17  
ARG CB   C N N 18  
ARG CG   C N N 19  
ARG CD   C N N 20  
ARG NE   N N N 21  
ARG CZ   C N N 22  
ARG NH1  N N N 23  
ARG NH2  N N N 24  
ARG OXT  O N N 25  
ARG H    H N N 26  
ARG H2   H N N 27  
ARG HA   H N N 28  
ARG HB2  H N N 29  
ARG HB3  H N N 30  
ARG HG2  H N N 31  
ARG HG3  H N N 32  
ARG HD2  H N N 33  
ARG HD3  H N N 34  
ARG HE   H N N 35  
ARG HH11 H N N 36  
ARG HH12 H N N 37  
ARG HH21 H N N 38  
ARG HH22 H N N 39  
ARG HXT  H N N 40  
ASN N    N N N 41  
ASN CA   C N S 42  
ASN C    C N N 43  
ASN O    O N N 44  
ASN CB   C N N 45  
ASN CG   C N N 46  
ASN OD1  O N N 47  
ASN ND2  N N N 48  
ASN OXT  O N N 49  
ASN H    H N N 50  
ASN H2   H N N 51  
ASN HA   H N N 52  
ASN HB2  H N N 53  
ASN HB3  H N N 54  
ASN HD21 H N N 55  
ASN HD22 H N N 56  
ASN HXT  H N N 57  
ASP N    N N N 58  
ASP CA   C N S 59  
ASP C    C N N 60  
ASP O    O N N 61  
ASP CB   C N N 62  
ASP CG   C N N 63  
ASP OD1  O N N 64  
ASP OD2  O N N 65  
ASP OXT  O N N 66  
ASP H    H N N 67  
ASP H2   H N N 68  
ASP HA   H N N 69  
ASP HB2  H N N 70  
ASP HB3  H N N 71  
ASP HD2  H N N 72  
ASP HXT  H N N 73  
CYS N    N N N 74  
CYS CA   C N R 75  
CYS C    C N N 76  
CYS O    O N N 77  
CYS CB   C N N 78  
CYS SG   S N N 79  
CYS OXT  O N N 80  
CYS H    H N N 81  
CYS H2   H N N 82  
CYS HA   H N N 83  
CYS HB2  H N N 84  
CYS HB3  H N N 85  
CYS HG   H N N 86  
CYS HXT  H N N 87  
GLN N    N N N 88  
GLN CA   C N S 89  
GLN C    C N N 90  
GLN O    O N N 91  
GLN CB   C N N 92  
GLN CG   C N N 93  
GLN CD   C N N 94  
GLN OE1  O N N 95  
GLN NE2  N N N 96  
GLN OXT  O N N 97  
GLN H    H N N 98  
GLN H2   H N N 99  
GLN HA   H N N 100 
GLN HB2  H N N 101 
GLN HB3  H N N 102 
GLN HG2  H N N 103 
GLN HG3  H N N 104 
GLN HE21 H N N 105 
GLN HE22 H N N 106 
GLN HXT  H N N 107 
GLU N    N N N 108 
GLU CA   C N S 109 
GLU C    C N N 110 
GLU O    O N N 111 
GLU CB   C N N 112 
GLU CG   C N N 113 
GLU CD   C N N 114 
GLU OE1  O N N 115 
GLU OE2  O N N 116 
GLU OXT  O N N 117 
GLU H    H N N 118 
GLU H2   H N N 119 
GLU HA   H N N 120 
GLU HB2  H N N 121 
GLU HB3  H N N 122 
GLU HG2  H N N 123 
GLU HG3  H N N 124 
GLU HE2  H N N 125 
GLU HXT  H N N 126 
GLY N    N N N 127 
GLY CA   C N N 128 
GLY C    C N N 129 
GLY O    O N N 130 
GLY OXT  O N N 131 
GLY H    H N N 132 
GLY H2   H N N 133 
GLY HA2  H N N 134 
GLY HA3  H N N 135 
GLY HXT  H N N 136 
HIS N    N N N 137 
HIS CA   C N S 138 
HIS C    C N N 139 
HIS O    O N N 140 
HIS CB   C N N 141 
HIS CG   C Y N 142 
HIS ND1  N Y N 143 
HIS CD2  C Y N 144 
HIS CE1  C Y N 145 
HIS NE2  N Y N 146 
HIS OXT  O N N 147 
HIS H    H N N 148 
HIS H2   H N N 149 
HIS HA   H N N 150 
HIS HB2  H N N 151 
HIS HB3  H N N 152 
HIS HD1  H N N 153 
HIS HD2  H N N 154 
HIS HE1  H N N 155 
HIS HE2  H N N 156 
HIS HXT  H N N 157 
HOH O    O N N 158 
HOH H1   H N N 159 
HOH H2   H N N 160 
ILE N    N N N 161 
ILE CA   C N S 162 
ILE C    C N N 163 
ILE O    O N N 164 
ILE CB   C N S 165 
ILE CG1  C N N 166 
ILE CG2  C N N 167 
ILE CD1  C N N 168 
ILE OXT  O N N 169 
ILE H    H N N 170 
ILE H2   H N N 171 
ILE HA   H N N 172 
ILE HB   H N N 173 
ILE HG12 H N N 174 
ILE HG13 H N N 175 
ILE HG21 H N N 176 
ILE HG22 H N N 177 
ILE HG23 H N N 178 
ILE HD11 H N N 179 
ILE HD12 H N N 180 
ILE HD13 H N N 181 
ILE HXT  H N N 182 
LEU N    N N N 183 
LEU CA   C N S 184 
LEU C    C N N 185 
LEU O    O N N 186 
LEU CB   C N N 187 
LEU CG   C N N 188 
LEU CD1  C N N 189 
LEU CD2  C N N 190 
LEU OXT  O N N 191 
LEU H    H N N 192 
LEU H2   H N N 193 
LEU HA   H N N 194 
LEU HB2  H N N 195 
LEU HB3  H N N 196 
LEU HG   H N N 197 
LEU HD11 H N N 198 
LEU HD12 H N N 199 
LEU HD13 H N N 200 
LEU HD21 H N N 201 
LEU HD22 H N N 202 
LEU HD23 H N N 203 
LEU HXT  H N N 204 
LYS N    N N N 205 
LYS CA   C N S 206 
LYS C    C N N 207 
LYS O    O N N 208 
LYS CB   C N N 209 
LYS CG   C N N 210 
LYS CD   C N N 211 
LYS CE   C N N 212 
LYS NZ   N N N 213 
LYS OXT  O N N 214 
LYS H    H N N 215 
LYS H2   H N N 216 
LYS HA   H N N 217 
LYS HB2  H N N 218 
LYS HB3  H N N 219 
LYS HG2  H N N 220 
LYS HG3  H N N 221 
LYS HD2  H N N 222 
LYS HD3  H N N 223 
LYS HE2  H N N 224 
LYS HE3  H N N 225 
LYS HZ1  H N N 226 
LYS HZ2  H N N 227 
LYS HZ3  H N N 228 
LYS HXT  H N N 229 
MET N    N N N 230 
MET CA   C N S 231 
MET C    C N N 232 
MET O    O N N 233 
MET CB   C N N 234 
MET CG   C N N 235 
MET SD   S N N 236 
MET CE   C N N 237 
MET OXT  O N N 238 
MET H    H N N 239 
MET H2   H N N 240 
MET HA   H N N 241 
MET HB2  H N N 242 
MET HB3  H N N 243 
MET HG2  H N N 244 
MET HG3  H N N 245 
MET HE1  H N N 246 
MET HE2  H N N 247 
MET HE3  H N N 248 
MET HXT  H N N 249 
PHE N    N N N 250 
PHE CA   C N S 251 
PHE C    C N N 252 
PHE O    O N N 253 
PHE CB   C N N 254 
PHE CG   C Y N 255 
PHE CD1  C Y N 256 
PHE CD2  C Y N 257 
PHE CE1  C Y N 258 
PHE CE2  C Y N 259 
PHE CZ   C Y N 260 
PHE OXT  O N N 261 
PHE H    H N N 262 
PHE H2   H N N 263 
PHE HA   H N N 264 
PHE HB2  H N N 265 
PHE HB3  H N N 266 
PHE HD1  H N N 267 
PHE HD2  H N N 268 
PHE HE1  H N N 269 
PHE HE2  H N N 270 
PHE HZ   H N N 271 
PHE HXT  H N N 272 
PRO N    N N N 273 
PRO CA   C N S 274 
PRO C    C N N 275 
PRO O    O N N 276 
PRO CB   C N N 277 
PRO CG   C N N 278 
PRO CD   C N N 279 
PRO OXT  O N N 280 
PRO H    H N N 281 
PRO HA   H N N 282 
PRO HB2  H N N 283 
PRO HB3  H N N 284 
PRO HG2  H N N 285 
PRO HG3  H N N 286 
PRO HD2  H N N 287 
PRO HD3  H N N 288 
PRO HXT  H N N 289 
SER N    N N N 290 
SER CA   C N S 291 
SER C    C N N 292 
SER O    O N N 293 
SER CB   C N N 294 
SER OG   O N N 295 
SER OXT  O N N 296 
SER H    H N N 297 
SER H2   H N N 298 
SER HA   H N N 299 
SER HB2  H N N 300 
SER HB3  H N N 301 
SER HG   H N N 302 
SER HXT  H N N 303 
THR N    N N N 304 
THR CA   C N S 305 
THR C    C N N 306 
THR O    O N N 307 
THR CB   C N R 308 
THR OG1  O N N 309 
THR CG2  C N N 310 
THR OXT  O N N 311 
THR H    H N N 312 
THR H2   H N N 313 
THR HA   H N N 314 
THR HB   H N N 315 
THR HG1  H N N 316 
THR HG21 H N N 317 
THR HG22 H N N 318 
THR HG23 H N N 319 
THR HXT  H N N 320 
TRP N    N N N 321 
TRP CA   C N S 322 
TRP C    C N N 323 
TRP O    O N N 324 
TRP CB   C N N 325 
TRP CG   C Y N 326 
TRP CD1  C Y N 327 
TRP CD2  C Y N 328 
TRP NE1  N Y N 329 
TRP CE2  C Y N 330 
TRP CE3  C Y N 331 
TRP CZ2  C Y N 332 
TRP CZ3  C Y N 333 
TRP CH2  C Y N 334 
TRP OXT  O N N 335 
TRP H    H N N 336 
TRP H2   H N N 337 
TRP HA   H N N 338 
TRP HB2  H N N 339 
TRP HB3  H N N 340 
TRP HD1  H N N 341 
TRP HE1  H N N 342 
TRP HE3  H N N 343 
TRP HZ2  H N N 344 
TRP HZ3  H N N 345 
TRP HH2  H N N 346 
TRP HXT  H N N 347 
TYR N    N N N 348 
TYR CA   C N S 349 
TYR C    C N N 350 
TYR O    O N N 351 
TYR CB   C N N 352 
TYR CG   C Y N 353 
TYR CD1  C Y N 354 
TYR CD2  C Y N 355 
TYR CE1  C Y N 356 
TYR CE2  C Y N 357 
TYR CZ   C Y N 358 
TYR OH   O N N 359 
TYR OXT  O N N 360 
TYR H    H N N 361 
TYR H2   H N N 362 
TYR HA   H N N 363 
TYR HB2  H N N 364 
TYR HB3  H N N 365 
TYR HD1  H N N 366 
TYR HD2  H N N 367 
TYR HE1  H N N 368 
TYR HE2  H N N 369 
TYR HH   H N N 370 
TYR HXT  H N N 371 
VAL N    N N N 372 
VAL CA   C N S 373 
VAL C    C N N 374 
VAL O    O N N 375 
VAL CB   C N N 376 
VAL CG1  C N N 377 
VAL CG2  C N N 378 
VAL OXT  O N N 379 
VAL H    H N N 380 
VAL H2   H N N 381 
VAL HA   H N N 382 
VAL HB   H N N 383 
VAL HG11 H N N 384 
VAL HG12 H N N 385 
VAL HG13 H N N 386 
VAL HG21 H N N 387 
VAL HG22 H N N 388 
VAL HG23 H N N 389 
VAL HXT  H N N 390 
# 
loop_
_chem_comp_bond.comp_id 
_chem_comp_bond.atom_id_1 
_chem_comp_bond.atom_id_2 
_chem_comp_bond.value_order 
_chem_comp_bond.pdbx_aromatic_flag 
_chem_comp_bond.pdbx_stereo_config 
_chem_comp_bond.pdbx_ordinal 
ALA N   CA   sing N N 1   
ALA N   H    sing N N 2   
ALA N   H2   sing N N 3   
ALA CA  C    sing N N 4   
ALA CA  CB   sing N N 5   
ALA CA  HA   sing N N 6   
ALA C   O    doub N N 7   
ALA C   OXT  sing N N 8   
ALA CB  HB1  sing N N 9   
ALA CB  HB2  sing N N 10  
ALA CB  HB3  sing N N 11  
ALA OXT HXT  sing N N 12  
ARG N   CA   sing N N 13  
ARG N   H    sing N N 14  
ARG N   H2   sing N N 15  
ARG CA  C    sing N N 16  
ARG CA  CB   sing N N 17  
ARG CA  HA   sing N N 18  
ARG C   O    doub N N 19  
ARG C   OXT  sing N N 20  
ARG CB  CG   sing N N 21  
ARG CB  HB2  sing N N 22  
ARG CB  HB3  sing N N 23  
ARG CG  CD   sing N N 24  
ARG CG  HG2  sing N N 25  
ARG CG  HG3  sing N N 26  
ARG CD  NE   sing N N 27  
ARG CD  HD2  sing N N 28  
ARG CD  HD3  sing N N 29  
ARG NE  CZ   sing N N 30  
ARG NE  HE   sing N N 31  
ARG CZ  NH1  sing N N 32  
ARG CZ  NH2  doub N N 33  
ARG NH1 HH11 sing N N 34  
ARG NH1 HH12 sing N N 35  
ARG NH2 HH21 sing N N 36  
ARG NH2 HH22 sing N N 37  
ARG OXT HXT  sing N N 38  
ASN N   CA   sing N N 39  
ASN N   H    sing N N 40  
ASN N   H2   sing N N 41  
ASN CA  C    sing N N 42  
ASN CA  CB   sing N N 43  
ASN CA  HA   sing N N 44  
ASN C   O    doub N N 45  
ASN C   OXT  sing N N 46  
ASN CB  CG   sing N N 47  
ASN CB  HB2  sing N N 48  
ASN CB  HB3  sing N N 49  
ASN CG  OD1  doub N N 50  
ASN CG  ND2  sing N N 51  
ASN ND2 HD21 sing N N 52  
ASN ND2 HD22 sing N N 53  
ASN OXT HXT  sing N N 54  
ASP N   CA   sing N N 55  
ASP N   H    sing N N 56  
ASP N   H2   sing N N 57  
ASP CA  C    sing N N 58  
ASP CA  CB   sing N N 59  
ASP CA  HA   sing N N 60  
ASP C   O    doub N N 61  
ASP C   OXT  sing N N 62  
ASP CB  CG   sing N N 63  
ASP CB  HB2  sing N N 64  
ASP CB  HB3  sing N N 65  
ASP CG  OD1  doub N N 66  
ASP CG  OD2  sing N N 67  
ASP OD2 HD2  sing N N 68  
ASP OXT HXT  sing N N 69  
CYS N   CA   sing N N 70  
CYS N   H    sing N N 71  
CYS N   H2   sing N N 72  
CYS CA  C    sing N N 73  
CYS CA  CB   sing N N 74  
CYS CA  HA   sing N N 75  
CYS C   O    doub N N 76  
CYS C   OXT  sing N N 77  
CYS CB  SG   sing N N 78  
CYS CB  HB2  sing N N 79  
CYS CB  HB3  sing N N 80  
CYS SG  HG   sing N N 81  
CYS OXT HXT  sing N N 82  
GLN N   CA   sing N N 83  
GLN N   H    sing N N 84  
GLN N   H2   sing N N 85  
GLN CA  C    sing N N 86  
GLN CA  CB   sing N N 87  
GLN CA  HA   sing N N 88  
GLN C   O    doub N N 89  
GLN C   OXT  sing N N 90  
GLN CB  CG   sing N N 91  
GLN CB  HB2  sing N N 92  
GLN CB  HB3  sing N N 93  
GLN CG  CD   sing N N 94  
GLN CG  HG2  sing N N 95  
GLN CG  HG3  sing N N 96  
GLN CD  OE1  doub N N 97  
GLN CD  NE2  sing N N 98  
GLN NE2 HE21 sing N N 99  
GLN NE2 HE22 sing N N 100 
GLN OXT HXT  sing N N 101 
GLU N   CA   sing N N 102 
GLU N   H    sing N N 103 
GLU N   H2   sing N N 104 
GLU CA  C    sing N N 105 
GLU CA  CB   sing N N 106 
GLU CA  HA   sing N N 107 
GLU C   O    doub N N 108 
GLU C   OXT  sing N N 109 
GLU CB  CG   sing N N 110 
GLU CB  HB2  sing N N 111 
GLU CB  HB3  sing N N 112 
GLU CG  CD   sing N N 113 
GLU CG  HG2  sing N N 114 
GLU CG  HG3  sing N N 115 
GLU CD  OE1  doub N N 116 
GLU CD  OE2  sing N N 117 
GLU OE2 HE2  sing N N 118 
GLU OXT HXT  sing N N 119 
GLY N   CA   sing N N 120 
GLY N   H    sing N N 121 
GLY N   H2   sing N N 122 
GLY CA  C    sing N N 123 
GLY CA  HA2  sing N N 124 
GLY CA  HA3  sing N N 125 
GLY C   O    doub N N 126 
GLY C   OXT  sing N N 127 
GLY OXT HXT  sing N N 128 
HIS N   CA   sing N N 129 
HIS N   H    sing N N 130 
HIS N   H2   sing N N 131 
HIS CA  C    sing N N 132 
HIS CA  CB   sing N N 133 
HIS CA  HA   sing N N 134 
HIS C   O    doub N N 135 
HIS C   OXT  sing N N 136 
HIS CB  CG   sing N N 137 
HIS CB  HB2  sing N N 138 
HIS CB  HB3  sing N N 139 
HIS CG  ND1  sing Y N 140 
HIS CG  CD2  doub Y N 141 
HIS ND1 CE1  doub Y N 142 
HIS ND1 HD1  sing N N 143 
HIS CD2 NE2  sing Y N 144 
HIS CD2 HD2  sing N N 145 
HIS CE1 NE2  sing Y N 146 
HIS CE1 HE1  sing N N 147 
HIS NE2 HE2  sing N N 148 
HIS OXT HXT  sing N N 149 
HOH O   H1   sing N N 150 
HOH O   H2   sing N N 151 
ILE N   CA   sing N N 152 
ILE N   H    sing N N 153 
ILE N   H2   sing N N 154 
ILE CA  C    sing N N 155 
ILE CA  CB   sing N N 156 
ILE CA  HA   sing N N 157 
ILE C   O    doub N N 158 
ILE C   OXT  sing N N 159 
ILE CB  CG1  sing N N 160 
ILE CB  CG2  sing N N 161 
ILE CB  HB   sing N N 162 
ILE CG1 CD1  sing N N 163 
ILE CG1 HG12 sing N N 164 
ILE CG1 HG13 sing N N 165 
ILE CG2 HG21 sing N N 166 
ILE CG2 HG22 sing N N 167 
ILE CG2 HG23 sing N N 168 
ILE CD1 HD11 sing N N 169 
ILE CD1 HD12 sing N N 170 
ILE CD1 HD13 sing N N 171 
ILE OXT HXT  sing N N 172 
LEU N   CA   sing N N 173 
LEU N   H    sing N N 174 
LEU N   H2   sing N N 175 
LEU CA  C    sing N N 176 
LEU CA  CB   sing N N 177 
LEU CA  HA   sing N N 178 
LEU C   O    doub N N 179 
LEU C   OXT  sing N N 180 
LEU CB  CG   sing N N 181 
LEU CB  HB2  sing N N 182 
LEU CB  HB3  sing N N 183 
LEU CG  CD1  sing N N 184 
LEU CG  CD2  sing N N 185 
LEU CG  HG   sing N N 186 
LEU CD1 HD11 sing N N 187 
LEU CD1 HD12 sing N N 188 
LEU CD1 HD13 sing N N 189 
LEU CD2 HD21 sing N N 190 
LEU CD2 HD22 sing N N 191 
LEU CD2 HD23 sing N N 192 
LEU OXT HXT  sing N N 193 
LYS N   CA   sing N N 194 
LYS N   H    sing N N 195 
LYS N   H2   sing N N 196 
LYS CA  C    sing N N 197 
LYS CA  CB   sing N N 198 
LYS CA  HA   sing N N 199 
LYS C   O    doub N N 200 
LYS C   OXT  sing N N 201 
LYS CB  CG   sing N N 202 
LYS CB  HB2  sing N N 203 
LYS CB  HB3  sing N N 204 
LYS CG  CD   sing N N 205 
LYS CG  HG2  sing N N 206 
LYS CG  HG3  sing N N 207 
LYS CD  CE   sing N N 208 
LYS CD  HD2  sing N N 209 
LYS CD  HD3  sing N N 210 
LYS CE  NZ   sing N N 211 
LYS CE  HE2  sing N N 212 
LYS CE  HE3  sing N N 213 
LYS NZ  HZ1  sing N N 214 
LYS NZ  HZ2  sing N N 215 
LYS NZ  HZ3  sing N N 216 
LYS OXT HXT  sing N N 217 
MET N   CA   sing N N 218 
MET N   H    sing N N 219 
MET N   H2   sing N N 220 
MET CA  C    sing N N 221 
MET CA  CB   sing N N 222 
MET CA  HA   sing N N 223 
MET C   O    doub N N 224 
MET C   OXT  sing N N 225 
MET CB  CG   sing N N 226 
MET CB  HB2  sing N N 227 
MET CB  HB3  sing N N 228 
MET CG  SD   sing N N 229 
MET CG  HG2  sing N N 230 
MET CG  HG3  sing N N 231 
MET SD  CE   sing N N 232 
MET CE  HE1  sing N N 233 
MET CE  HE2  sing N N 234 
MET CE  HE3  sing N N 235 
MET OXT HXT  sing N N 236 
PHE N   CA   sing N N 237 
PHE N   H    sing N N 238 
PHE N   H2   sing N N 239 
PHE CA  C    sing N N 240 
PHE CA  CB   sing N N 241 
PHE CA  HA   sing N N 242 
PHE C   O    doub N N 243 
PHE C   OXT  sing N N 244 
PHE CB  CG   sing N N 245 
PHE CB  HB2  sing N N 246 
PHE CB  HB3  sing N N 247 
PHE CG  CD1  doub Y N 248 
PHE CG  CD2  sing Y N 249 
PHE CD1 CE1  sing Y N 250 
PHE CD1 HD1  sing N N 251 
PHE CD2 CE2  doub Y N 252 
PHE CD2 HD2  sing N N 253 
PHE CE1 CZ   doub Y N 254 
PHE CE1 HE1  sing N N 255 
PHE CE2 CZ   sing Y N 256 
PHE CE2 HE2  sing N N 257 
PHE CZ  HZ   sing N N 258 
PHE OXT HXT  sing N N 259 
PRO N   CA   sing N N 260 
PRO N   CD   sing N N 261 
PRO N   H    sing N N 262 
PRO CA  C    sing N N 263 
PRO CA  CB   sing N N 264 
PRO CA  HA   sing N N 265 
PRO C   O    doub N N 266 
PRO C   OXT  sing N N 267 
PRO CB  CG   sing N N 268 
PRO CB  HB2  sing N N 269 
PRO CB  HB3  sing N N 270 
PRO CG  CD   sing N N 271 
PRO CG  HG2  sing N N 272 
PRO CG  HG3  sing N N 273 
PRO CD  HD2  sing N N 274 
PRO CD  HD3  sing N N 275 
PRO OXT HXT  sing N N 276 
SER N   CA   sing N N 277 
SER N   H    sing N N 278 
SER N   H2   sing N N 279 
SER CA  C    sing N N 280 
SER CA  CB   sing N N 281 
SER CA  HA   sing N N 282 
SER C   O    doub N N 283 
SER C   OXT  sing N N 284 
SER CB  OG   sing N N 285 
SER CB  HB2  sing N N 286 
SER CB  HB3  sing N N 287 
SER OG  HG   sing N N 288 
SER OXT HXT  sing N N 289 
THR N   CA   sing N N 290 
THR N   H    sing N N 291 
THR N   H2   sing N N 292 
THR CA  C    sing N N 293 
THR CA  CB   sing N N 294 
THR CA  HA   sing N N 295 
THR C   O    doub N N 296 
THR C   OXT  sing N N 297 
THR CB  OG1  sing N N 298 
THR CB  CG2  sing N N 299 
THR CB  HB   sing N N 300 
THR OG1 HG1  sing N N 301 
THR CG2 HG21 sing N N 302 
THR CG2 HG22 sing N N 303 
THR CG2 HG23 sing N N 304 
THR OXT HXT  sing N N 305 
TRP N   CA   sing N N 306 
TRP N   H    sing N N 307 
TRP N   H2   sing N N 308 
TRP CA  C    sing N N 309 
TRP CA  CB   sing N N 310 
TRP CA  HA   sing N N 311 
TRP C   O    doub N N 312 
TRP C   OXT  sing N N 313 
TRP CB  CG   sing N N 314 
TRP CB  HB2  sing N N 315 
TRP CB  HB3  sing N N 316 
TRP CG  CD1  doub Y N 317 
TRP CG  CD2  sing Y N 318 
TRP CD1 NE1  sing Y N 319 
TRP CD1 HD1  sing N N 320 
TRP CD2 CE2  doub Y N 321 
TRP CD2 CE3  sing Y N 322 
TRP NE1 CE2  sing Y N 323 
TRP NE1 HE1  sing N N 324 
TRP CE2 CZ2  sing Y N 325 
TRP CE3 CZ3  doub Y N 326 
TRP CE3 HE3  sing N N 327 
TRP CZ2 CH2  doub Y N 328 
TRP CZ2 HZ2  sing N N 329 
TRP CZ3 CH2  sing Y N 330 
TRP CZ3 HZ3  sing N N 331 
TRP CH2 HH2  sing N N 332 
TRP OXT HXT  sing N N 333 
TYR N   CA   sing N N 334 
TYR N   H    sing N N 335 
TYR N   H2   sing N N 336 
TYR CA  C    sing N N 337 
TYR CA  CB   sing N N 338 
TYR CA  HA   sing N N 339 
TYR C   O    doub N N 340 
TYR C   OXT  sing N N 341 
TYR CB  CG   sing N N 342 
TYR CB  HB2  sing N N 343 
TYR CB  HB3  sing N N 344 
TYR CG  CD1  doub Y N 345 
TYR CG  CD2  sing Y N 346 
TYR CD1 CE1  sing Y N 347 
TYR CD1 HD1  sing N N 348 
TYR CD2 CE2  doub Y N 349 
TYR CD2 HD2  sing N N 350 
TYR CE1 CZ   doub Y N 351 
TYR CE1 HE1  sing N N 352 
TYR CE2 CZ   sing Y N 353 
TYR CE2 HE2  sing N N 354 
TYR CZ  OH   sing N N 355 
TYR OH  HH   sing N N 356 
TYR OXT HXT  sing N N 357 
VAL N   CA   sing N N 358 
VAL N   H    sing N N 359 
VAL N   H2   sing N N 360 
VAL CA  C    sing N N 361 
VAL CA  CB   sing N N 362 
VAL CA  HA   sing N N 363 
VAL C   O    doub N N 364 
VAL C   OXT  sing N N 365 
VAL CB  CG1  sing N N 366 
VAL CB  CG2  sing N N 367 
VAL CB  HB   sing N N 368 
VAL CG1 HG11 sing N N 369 
VAL CG1 HG12 sing N N 370 
VAL CG1 HG13 sing N N 371 
VAL CG2 HG21 sing N N 372 
VAL CG2 HG22 sing N N 373 
VAL CG2 HG23 sing N N 374 
VAL OXT HXT  sing N N 375 
# 
_atom_sites.entry_id                    1KT9 
_atom_sites.fract_transf_matrix[1][1]   -0.01336091 
_atom_sites.fract_transf_matrix[1][2]   -0.00103534 
_atom_sites.fract_transf_matrix[1][3]   0.00860347 
_atom_sites.fract_transf_matrix[2][1]   -0.00728248 
_atom_sites.fract_transf_matrix[2][2]   0.00429996 
_atom_sites.fract_transf_matrix[2][3]   -0.01079200 
_atom_sites.fract_transf_matrix[3][1]   -0.00193717 
_atom_sites.fract_transf_matrix[3][2]   -0.01551809 
_atom_sites.fract_transf_matrix[3][3]   -0.00487581 
_atom_sites.fract_transf_vector[1]      0.301964 
_atom_sites.fract_transf_vector[2]      0.193326 
_atom_sites.fract_transf_vector[3]      0.137739 
# 
loop_
_atom_type.symbol 
C 
N 
O 
S 
# 
loop_
_atom_site.group_PDB 
_atom_site.id 
_atom_site.type_symbol 
_atom_site.label_atom_id 
_atom_site.label_alt_id 
_atom_site.label_comp_id 
_atom_site.label_asym_id 
_atom_site.label_entity_id 
_atom_site.label_seq_id 
_atom_site.pdbx_PDB_ins_code 
_atom_site.Cartn_x 
_atom_site.Cartn_y 
_atom_site.Cartn_z 
_atom_site.occupancy 
_atom_site.B_iso_or_equiv 
_atom_site.pdbx_formal_charge 
_atom_site.auth_seq_id 
_atom_site.auth_comp_id 
_atom_site.auth_asym_id 
_atom_site.auth_atom_id 
_atom_site.pdbx_PDB_model_num 
ATOM   1    N N   . MET A 1 1   ? -6.748  -6.892  22.334  1.00 26.72 ? 1   MET A N   1 
ATOM   2    C CA  . MET A 1 1   ? -7.213  -6.536  20.974  1.00 26.85 ? 1   MET A CA  1 
ATOM   3    C C   . MET A 1 1   ? -6.069  -6.018  20.124  1.00 26.35 ? 1   MET A C   1 
ATOM   4    O O   . MET A 1 1   ? -5.332  -5.095  20.502  1.00 26.99 ? 1   MET A O   1 
ATOM   5    C CB  . MET A 1 1   ? -8.312  -5.461  21.032  1.00 27.45 ? 1   MET A CB  1 
ATOM   6    N N   . VAL A 1 2   ? -5.883  -6.719  19.020  1.00 25.16 ? 2   VAL A N   1 
ATOM   7    C CA  . VAL A 1 2   ? -5.076  -6.309  17.909  1.00 23.77 ? 2   VAL A CA  1 
ATOM   8    C C   . VAL A 1 2   ? -4.849  -4.812  17.823  1.00 22.42 ? 2   VAL A C   1 
ATOM   9    O O   . VAL A 1 2   ? -5.696  -4.008  18.204  1.00 22.53 ? 2   VAL A O   1 
ATOM   10   C CB  . VAL A 1 2   ? -5.824  -6.684  16.610  1.00 24.47 ? 2   VAL A CB  1 
ATOM   11   C CG1 . VAL A 1 2   ? -7.033  -5.730  16.381  1.00 25.40 ? 2   VAL A CG1 1 
ATOM   12   C CG2 . VAL A 1 2   ? -4.905  -6.670  15.446  1.00 22.80 ? 2   VAL A CG2 1 
ATOM   13   N N   . VAL A 1 3   ? -3.702  -4.450  17.279  1.00 20.22 ? 3   VAL A N   1 
ATOM   14   C CA  . VAL A 1 3   ? -3.427  -3.065  17.001  1.00 19.10 ? 3   VAL A CA  1 
ATOM   15   C C   . VAL A 1 3   ? -3.786  -2.825  15.551  1.00 16.63 ? 3   VAL A C   1 
ATOM   16   O O   . VAL A 1 3   ? -3.440  -3.596  14.672  1.00 16.16 ? 3   VAL A O   1 
ATOM   17   C CB  . VAL A 1 3   ? -1.966  -2.719  17.249  1.00 19.10 ? 3   VAL A CB  1 
ATOM   18   C CG1 . VAL A 1 3   ? -1.690  -1.310  16.821  1.00 20.44 ? 3   VAL A CG1 1 
ATOM   19   C CG2 . VAL A 1 3   ? -1.638  -2.897  18.710  1.00 19.50 ? 3   VAL A CG2 1 
ATOM   20   N N   . LYS A 1 4   ? -4.486  -1.738  15.302  1.00 15.02 ? 4   LYS A N   1 
ATOM   21   C CA  . LYS A 1 4   ? -4.929  -1.441  13.964  1.00 13.54 ? 4   LYS A CA  1 
ATOM   22   C C   . LYS A 1 4   ? -4.019  -0.497  13.166  1.00 12.42 ? 4   LYS A C   1 
ATOM   23   O O   . LYS A 1 4   ? -3.606  0.566   13.637  1.00 10.76 ? 4   LYS A O   1 
ATOM   24   C CB  . LYS A 1 4   ? -6.347  -0.891  14.038  1.00 14.55 ? 4   LYS A CB  1 
ATOM   25   C CG  . LYS A 1 4   ? -7.387  -1.950  14.538  1.00 17.97 ? 4   LYS A CG  1 
ATOM   26   C CD  . LYS A 1 4   ? -8.790  -1.380  14.489  1.00 22.43 ? 4   LYS A CD  1 
ATOM   27   C CE  . LYS A 1 4   ? -9.850  -2.425  14.833  1.00 25.77 ? 4   LYS A CE  1 
ATOM   28   N NZ  . LYS A 1 4   ? -10.369 -3.032  13.571  1.00 27.19 ? 4   LYS A NZ  1 
ATOM   29   N N   . ALA A 1 5   ? -3.769  -0.899  11.918  1.00 11.08 ? 5   ALA A N   1 
ATOM   30   C CA  . ALA A 1 5   ? -3.047  -0.107  10.947  1.00 10.65 ? 5   ALA A CA  1 
ATOM   31   C C   . ALA A 1 5   ? -3.772  -0.127  9.591   1.00 10.41 ? 5   ALA A C   1 
ATOM   32   O O   . ALA A 1 5   ? -4.630  -1.004  9.328   1.00 10.54 ? 5   ALA A O   1 
ATOM   33   C CB  . ALA A 1 5   ? -1.642  -0.652  10.782  1.00 11.18 ? 5   ALA A CB  1 
ATOM   34   N N   . ALA A 1 6   ? -3.444  0.822   8.734   1.00 9.27  ? 6   ALA A N   1 
ATOM   35   C CA  . ALA A 1 6   ? -4.063  0.900   7.417   1.00 10.09 ? 6   ALA A CA  1 
ATOM   36   C C   . ALA A 1 6   ? -3.135  1.542   6.405   1.00 10.36 ? 6   ALA A C   1 
ATOM   37   O O   . ALA A 1 6   ? -2.183  2.226   6.766   1.00 10.40 ? 6   ALA A O   1 
ATOM   38   C CB  . ALA A 1 6   ? -5.403  1.671   7.465   1.00 10.41 ? 6   ALA A CB  1 
ATOM   39   N N   . GLY A 1 7   ? -3.412  1.273   5.140   1.00 10.28 ? 7   GLY A N   1 
ATOM   40   C CA  . GLY A 1 7   ? -2.663  1.858   4.038   1.00 11.41 ? 7   GLY A CA  1 
ATOM   41   C C   . GLY A 1 7   ? -3.349  1.747   2.695   1.00 11.85 ? 7   GLY A C   1 
ATOM   42   O O   . GLY A 1 7   ? -4.496  1.260   2.579   1.00 10.29 ? 7   GLY A O   1 
ATOM   43   N N   . LEU A 1 8   ? -2.642  2.182   1.652   1.00 11.49 ? 8   LEU A N   1 
ATOM   44   C CA  . LEU A 1 8   ? -3.172  2.019   0.310   1.00 11.66 ? 8   LEU A CA  1 
ATOM   45   C C   . LEU A 1 8   ? -2.157  1.313   -0.594  1.00 12.41 ? 8   LEU A C   1 
ATOM   46   O O   . LEU A 1 8   ? -0.978  1.669   -0.596  1.00 11.54 ? 8   LEU A O   1 
ATOM   47   C CB  . LEU A 1 8   ? -3.481  3.392   -0.300  1.00 12.15 ? 8   LEU A CB  1 
ATOM   48   C CG  . LEU A 1 8   ? -4.512  4.259   0.403   1.00 14.76 ? 8   LEU A CG  1 
ATOM   49   C CD1 . LEU A 1 8   ? -4.609  5.665   -0.223  1.00 15.92 ? 8   LEU A CD1 1 
ATOM   50   C CD2 . LEU A 1 8   ? -5.859  3.596   0.376   1.00 14.03 ? 8   LEU A CD2 1 
ATOM   51   N N   . VAL A 1 9   ? -2.624  0.336   -1.350  1.00 12.31 ? 9   VAL A N   1 
ATOM   52   C CA  . VAL A 1 9   ? -1.829  -0.188  -2.461  1.00 12.78 ? 9   VAL A CA  1 
ATOM   53   C C   . VAL A 1 9   ? -1.978  0.764   -3.624  1.00 13.37 ? 9   VAL A C   1 
ATOM   54   O O   . VAL A 1 9   ? -3.017  0.777   -4.343  1.00 13.70 ? 9   VAL A O   1 
ATOM   55   C CB  . VAL A 1 9   ? -2.285  -1.579  -2.835  1.00 12.80 ? 9   VAL A CB  1 
ATOM   56   C CG1 . VAL A 1 9   ? -1.506  -2.122  -4.067  1.00 12.91 ? 9   VAL A CG1 1 
ATOM   57   C CG2 . VAL A 1 9   ? -2.066  -2.490  -1.624  1.00 13.55 ? 9   VAL A CG2 1 
ATOM   58   N N   . ILE A 1 10  ? -0.963  1.603   -3.808  1.00 13.42 ? 10  ILE A N   1 
ATOM   59   C CA  . ILE A 1 10  ? -0.963  2.575   -4.920  1.00 13.86 ? 10  ILE A CA  1 
ATOM   60   C C   . ILE A 1 10  ? -0.537  1.892   -6.209  1.00 13.32 ? 10  ILE A C   1 
ATOM   61   O O   . ILE A 1 10  ? 0.460   1.162   -6.207  1.00 13.11 ? 10  ILE A O   1 
ATOM   62   C CB  . ILE A 1 10  ? 0.034   3.694   -4.623  1.00 15.21 ? 10  ILE A CB  1 
ATOM   63   C CG1 . ILE A 1 10  ? -0.283  4.411   -3.310  1.00 15.62 ? 10  ILE A CG1 1 
ATOM   64   C CG2 . ILE A 1 10  ? 0.158   4.713   -5.829  1.00 15.05 ? 10  ILE A CG2 1 
ATOM   65   C CD1 . ILE A 1 10  ? -1.565  5.082   -3.246  1.00 17.93 ? 10  ILE A CD1 1 
ATOM   66   N N   . TYR A 1 11  ? -1.273  2.092   -7.306  1.00 10.98 ? 11  TYR A N   1 
ATOM   67   C CA  . TYR A 1 11  ? -0.791  1.623   -8.598  1.00 11.39 ? 11  TYR A CA  1 
ATOM   68   C C   . TYR A 1 11  ? -0.835  2.688   -9.670  1.00 11.18 ? 11  TYR A C   1 
ATOM   69   O O   . TYR A 1 11  ? -1.558  3.665   -9.560  1.00 11.17 ? 11  TYR A O   1 
ATOM   70   C CB  . TYR A 1 11  ? -1.565  0.396   -9.137  1.00 12.30 ? 11  TYR A CB  1 
ATOM   71   C CG  . TYR A 1 11  ? -2.973  0.675   -9.648  1.00 10.37 ? 11  TYR A CG  1 
ATOM   72   C CD1 . TYR A 1 11  ? -3.243  0.745   -11.010 1.00 14.57 ? 11  TYR A CD1 1 
ATOM   73   C CD2 . TYR A 1 11  ? -4.035  0.844   -8.745  1.00 15.03 ? 11  TYR A CD2 1 
ATOM   74   C CE1 . TYR A 1 11  ? -4.513  1.008   -11.463 1.00 12.62 ? 11  TYR A CE1 1 
ATOM   75   C CE2 . TYR A 1 11  ? -5.334  1.125   -9.191  1.00 13.60 ? 11  TYR A CE2 1 
ATOM   76   C CZ  . TYR A 1 11  ? -5.550  1.186   -10.568 1.00 15.20 ? 11  TYR A CZ  1 
ATOM   77   O OH  . TYR A 1 11  ? -6.822  1.410   -11.050 1.00 13.76 ? 11  TYR A OH  1 
ATOM   78   N N   . ARG A 1 12  ? -0.096  2.442   -10.746 1.00 11.51 ? 12  ARG A N   1 
ATOM   79   C CA  . ARG A 1 12  ? -0.201  3.281   -11.920 1.00 11.77 ? 12  ARG A CA  1 
ATOM   80   C C   . ARG A 1 12  ? -0.343  2.411   -13.147 1.00 12.13 ? 12  ARG A C   1 
ATOM   81   O O   . ARG A 1 12  ? 0.071   1.274   -13.123 1.00 11.08 ? 12  ARG A O   1 
ATOM   82   C CB  . ARG A 1 12  ? 1.019   4.211   -12.065 1.00 11.84 ? 12  ARG A CB  1 
ATOM   83   C CG  . ARG A 1 12  ? 2.381   3.533   -12.269 1.00 8.76  ? 12  ARG A CG  1 
ATOM   84   C CD  . ARG A 1 12  ? 3.511   4.553   -12.568 1.00 9.93  ? 12  ARG A CD  1 
ATOM   85   N NE  . ARG A 1 12  ? 4.743   3.927   -12.991 1.00 10.00 ? 12  ARG A NE  1 
ATOM   86   C CZ  . ARG A 1 12  ? 5.890   4.588   -13.196 1.00 16.20 ? 12  ARG A CZ  1 
ATOM   87   N NH1 . ARG A 1 12  ? 5.968   5.896   -13.035 1.00 16.42 ? 12  ARG A NH1 1 
ATOM   88   N NH2 . ARG A 1 12  ? 6.955   3.932   -13.581 1.00 14.95 ? 12  ARG A NH2 1 
ATOM   89   N N   . LYS A 1 13  ? -0.871  2.991   -14.228 1.00 12.90 ? 13  LYS A N   1 
ATOM   90   C CA  . LYS A 1 13  ? -0.920  2.339   -15.521 1.00 14.36 ? 13  LYS A CA  1 
ATOM   91   C C   . LYS A 1 13  ? -0.028  3.108   -16.496 1.00 15.71 ? 13  LYS A C   1 
ATOM   92   O O   . LYS A 1 13  ? -0.355  4.212   -16.922 1.00 17.32 ? 13  LYS A O   1 
ATOM   93   C CB  . LYS A 1 13  ? -2.376  2.289   -16.031 1.00 15.50 ? 13  LYS A CB  1 
ATOM   94   N N   . LEU A 1 14  ? 1.116   2.549   -16.853 1.00 15.94 ? 14  LEU A N   1 
ATOM   95   C CA  . LEU A 1 14  ? 2.033   3.242   -17.748 1.00 16.92 ? 14  LEU A CA  1 
ATOM   96   C C   . LEU A 1 14  ? 2.465   2.297   -18.838 1.00 16.31 ? 14  LEU A C   1 
ATOM   97   O O   . LEU A 1 14  ? 2.986   1.217   -18.576 1.00 16.27 ? 14  LEU A O   1 
ATOM   98   C CB  . LEU A 1 14  ? 3.260   3.725   -16.975 1.00 17.06 ? 14  LEU A CB  1 
ATOM   99   C CG  . LEU A 1 14  ? 4.301   4.602   -17.637 1.00 19.52 ? 14  LEU A CG  1 
ATOM   100  C CD1 . LEU A 1 14  ? 3.671   5.907   -18.118 1.00 20.98 ? 14  LEU A CD1 1 
ATOM   101  C CD2 . LEU A 1 14  ? 5.421   4.899   -16.651 1.00 20.20 ? 14  LEU A CD2 1 
ATOM   102  N N   . ALA A 1 15  ? 2.248   2.734   -20.066 1.00 16.61 ? 15  ALA A N   1 
ATOM   103  C CA  . ALA A 1 15  ? 2.578   1.948   -21.253 1.00 16.49 ? 15  ALA A CA  1 
ATOM   104  C C   . ALA A 1 15  ? 1.901   0.572   -21.226 1.00 16.02 ? 15  ALA A C   1 
ATOM   105  O O   . ALA A 1 15  ? 2.508   -0.440  -21.565 1.00 15.19 ? 15  ALA A O   1 
ATOM   106  C CB  . ALA A 1 15  ? 4.084   1.813   -21.399 1.00 16.47 ? 15  ALA A CB  1 
ATOM   107  N N   . GLY A 1 16  ? 0.639   0.548   -20.814 1.00 16.27 ? 16  GLY A N   1 
ATOM   108  C CA  . GLY A 1 16  ? -0.126  -0.681  -20.804 1.00 16.97 ? 16  GLY A CA  1 
ATOM   109  C C   . GLY A 1 16  ? 0.127   -1.584  -19.597 1.00 17.96 ? 16  GLY A C   1 
ATOM   110  O O   . GLY A 1 16  ? -0.555  -2.611  -19.437 1.00 19.84 ? 16  GLY A O   1 
ATOM   111  N N   . LYS A 1 17  ? 1.082   -1.217  -18.747 1.00 16.55 ? 17  LYS A N   1 
ATOM   112  C CA  . LYS A 1 17  ? 1.436   -2.077  -17.624 1.00 15.44 ? 17  LYS A CA  1 
ATOM   113  C C   . LYS A 1 17  ? 0.891   -1.527  -16.306 1.00 15.01 ? 17  LYS A C   1 
ATOM   114  O O   . LYS A 1 17  ? 0.798   -0.306  -16.112 1.00 14.88 ? 17  LYS A O   1 
ATOM   115  C CB  . LYS A 1 17  ? 2.964   -2.227  -17.523 1.00 15.06 ? 17  LYS A CB  1 
ATOM   116  N N   . ILE A 1 18  ? 0.523   -2.434  -15.410 1.00 13.13 ? 18  ILE A N   1 
ATOM   117  C CA  . ILE A 1 18  ? 0.126   -2.067  -14.072 1.00 12.98 ? 18  ILE A CA  1 
ATOM   118  C C   . ILE A 1 18  ? 1.366   -2.251  -13.198 1.00 11.84 ? 18  ILE A C   1 
ATOM   119  O O   . ILE A 1 18  ? 1.982   -3.319  -13.201 1.00 11.03 ? 18  ILE A O   1 
ATOM   120  C CB  . ILE A 1 18  ? -0.978  -3.004  -13.598 1.00 13.50 ? 18  ILE A CB  1 
ATOM   121  C CG1 . ILE A 1 18  ? -2.267  -2.768  -14.422 1.00 17.59 ? 18  ILE A CG1 1 
ATOM   122  C CG2 . ILE A 1 18  ? -1.219  -2.805  -12.135 1.00 14.99 ? 18  ILE A CG2 1 
ATOM   123  C CD1 . ILE A 1 18  ? -2.909  -1.394  -14.208 1.00 19.67 ? 18  ILE A CD1 1 
ATOM   124  N N   . GLU A 1 19  ? 1.732   -1.210  -12.476 1.00 11.67 ? 19  GLU A N   1 
ATOM   125  C CA  . GLU A 1 19  ? 2.891   -1.228  -11.574 1.00 11.98 ? 19  GLU A CA  1 
ATOM   126  C C   . GLU A 1 19  ? 2.466   -0.781  -10.185 1.00 11.02 ? 19  GLU A C   1 
ATOM   127  O O   . GLU A 1 19  ? 1.726   0.208   -10.046 1.00 10.13 ? 19  GLU A O   1 
ATOM   128  C CB  . GLU A 1 19  ? 4.006   -0.302  -12.108 1.00 11.70 ? 19  GLU A CB  1 
ATOM   129  C CG  . GLU A 1 19  ? 4.600   -0.753  -13.439 1.00 13.08 ? 19  GLU A CG  1 
ATOM   130  C CD  . GLU A 1 19  ? 5.655   0.186   -14.008 1.00 14.06 ? 19  GLU A CD  1 
ATOM   131  O OE1 . GLU A 1 19  ? 5.514   1.394   -13.923 1.00 17.77 ? 19  GLU A OE1 1 
ATOM   132  O OE2 . GLU A 1 19  ? 6.640   -0.294  -14.511 1.00 16.74 ? 19  GLU A OE2 1 
ATOM   133  N N   . PHE A 1 20  ? 2.980   -1.460  -9.149  1.00 10.08 ? 20  PHE A N   1 
ATOM   134  C CA  . PHE A 1 20  ? 2.662   -1.117  -7.752  1.00 9.93  ? 20  PHE A CA  1 
ATOM   135  C C   . PHE A 1 20  ? 3.828   -0.372  -7.041  1.00 10.29 ? 20  PHE A C   1 
ATOM   136  O O   . PHE A 1 20  ? 5.007   -0.740  -7.184  1.00 9.47  ? 20  PHE A O   1 
ATOM   137  C CB  . PHE A 1 20  ? 2.346   -2.398  -6.955  1.00 9.01  ? 20  PHE A CB  1 
ATOM   138  C CG  . PHE A 1 20  ? 1.193   -3.209  -7.532  1.00 12.27 ? 20  PHE A CG  1 
ATOM   139  C CD1 . PHE A 1 20  ? 1.428   -4.306  -8.343  1.00 12.69 ? 20  PHE A CD1 1 
ATOM   140  C CD2 . PHE A 1 20  ? -0.125  -2.844  -7.275  1.00 11.81 ? 20  PHE A CD2 1 
ATOM   141  C CE1 . PHE A 1 20  ? 0.382   -5.031  -8.876  1.00 14.29 ? 20  PHE A CE1 1 
ATOM   142  C CE2 . PHE A 1 20  ? -1.155  -3.551  -7.802  1.00 11.92 ? 20  PHE A CE2 1 
ATOM   143  C CZ  . PHE A 1 20  ? -0.938  -4.632  -8.593  1.00 12.32 ? 20  PHE A CZ  1 
ATOM   144  N N   . LEU A 1 21  ? 3.481   0.682   -6.305  1.00 10.57 ? 21  LEU A N   1 
ATOM   145  C CA  . LEU A 1 21  ? 4.478   1.467   -5.609  1.00 11.04 ? 21  LEU A CA  1 
ATOM   146  C C   . LEU A 1 21  ? 4.898   0.782   -4.338  1.00 11.68 ? 21  LEU A C   1 
ATOM   147  O O   . LEU A 1 21  ? 4.082   0.589   -3.457  1.00 12.13 ? 21  LEU A O   1 
ATOM   148  C CB  . LEU A 1 21  ? 3.933   2.831   -5.222  1.00 10.92 ? 21  LEU A CB  1 
ATOM   149  C CG  . LEU A 1 21  ? 4.920   3.766   -4.507  1.00 11.83 ? 21  LEU A CG  1 
ATOM   150  C CD1 . LEU A 1 21  ? 6.203   4.114   -5.314  1.00 10.83 ? 21  LEU A CD1 1 
ATOM   151  C CD2 . LEU A 1 21  ? 4.228   5.034   -4.166  1.00 15.97 ? 21  LEU A CD2 1 
ATOM   152  N N   . LEU A 1 22  ? 6.165   0.439   -4.214  1.00 11.64 ? 22  LEU A N   1 
ATOM   153  C CA  . LEU A 1 22  ? 6.655   -0.135  -2.946  1.00 12.20 ? 22  LEU A CA  1 
ATOM   154  C C   . LEU A 1 22  ? 7.707   0.744   -2.292  1.00 11.46 ? 22  LEU A C   1 
ATOM   155  O O   . LEU A 1 22  ? 8.551   1.287   -2.989  1.00 11.23 ? 22  LEU A O   1 
ATOM   156  C CB  . LEU A 1 22  ? 7.218   -1.564  -3.126  1.00 12.88 ? 22  LEU A CB  1 
ATOM   157  C CG  . LEU A 1 22  ? 6.226   -2.619  -3.651  1.00 12.79 ? 22  LEU A CG  1 
ATOM   158  C CD1 . LEU A 1 22  ? 6.909   -3.944  -3.816  1.00 13.36 ? 22  LEU A CD1 1 
ATOM   159  C CD2 . LEU A 1 22  ? 5.026   -2.763  -2.771  1.00 14.74 ? 22  LEU A CD2 1 
ATOM   160  N N   . LEU A 1 23  ? 7.637   0.870   -0.966  1.00 11.33 ? 23  LEU A N   1 
ATOM   161  C CA  . LEU A 1 23  ? 8.618   1.650   -0.198  1.00 12.66 ? 23  LEU A CA  1 
ATOM   162  C C   . LEU A 1 23  ? 9.382   0.778   0.808   1.00 13.36 ? 23  LEU A C   1 
ATOM   163  O O   . LEU A 1 23  ? 8.802   -0.047  1.502   1.00 12.49 ? 23  LEU A O   1 
ATOM   164  C CB  . LEU A 1 23  ? 7.964   2.777   0.587   1.00 13.77 ? 23  LEU A CB  1 
ATOM   165  C CG  . LEU A 1 23  ? 6.860   3.600   -0.071  1.00 16.04 ? 23  LEU A CG  1 
ATOM   166  C CD1 . LEU A 1 23  ? 6.159   4.415   1.006   1.00 20.17 ? 23  LEU A CD1 1 
ATOM   167  C CD2 . LEU A 1 23  ? 7.398   4.529   -1.105  1.00 17.99 ? 23  LEU A CD2 1 
ATOM   168  N N   . GLN A 1 24  ? 10.668  1.046   0.904   1.00 16.08 ? 24  GLN A N   1 
ATOM   169  C CA  . GLN A 1 24  ? 11.575  0.344   1.816   1.00 19.91 ? 24  GLN A CA  1 
ATOM   170  C C   . GLN A 1 24  ? 11.483  0.982   3.189   1.00 21.32 ? 24  GLN A C   1 
ATOM   171  O O   . GLN A 1 24  ? 11.876  2.125   3.368   1.00 22.09 ? 24  GLN A O   1 
ATOM   172  C CB  . GLN A 1 24  ? 12.987  0.467   1.294   1.00 19.85 ? 24  GLN A CB  1 
ATOM   173  C CG  . GLN A 1 24  ? 13.873  -0.733  1.577   1.00 22.31 ? 24  GLN A CG  1 
ATOM   174  C CD  . GLN A 1 24  ? 15.320  -0.468  1.230   1.00 23.44 ? 24  GLN A CD  1 
ATOM   175  O OE1 . GLN A 1 24  ? 15.782  0.680   1.310   1.00 26.51 ? 24  GLN A OE1 1 
ATOM   176  N NE2 . GLN A 1 24  ? 16.035  -1.510  0.829   1.00 21.85 ? 24  GLN A NE2 1 
ATOM   177  N N   . ALA A 1 25  ? 10.929  0.249   4.142   1.00 23.45 ? 25  ALA A N   1 
ATOM   178  C CA  . ALA A 1 25  ? 10.677  0.778   5.487   1.00 24.70 ? 25  ALA A CA  1 
ATOM   179  C C   . ALA A 1 25  ? 11.921  0.790   6.348   1.00 24.29 ? 25  ALA A C   1 
ATOM   180  O O   . ALA A 1 25  ? 13.028  1.055   5.853   1.00 26.24 ? 25  ALA A O   1 
ATOM   181  C CB  . ALA A 1 25  ? 9.536   -0.036  6.182   1.00 24.63 ? 25  ALA A CB  1 
ATOM   182  N N   . TYR A 1 27  ? 12.100  1.412   9.486   1.00 26.00 ? 27  TYR A N   1 
ATOM   183  C CA  . TYR A 1 27  ? 12.442  0.715   10.721  1.00 26.33 ? 27  TYR A CA  1 
ATOM   184  C C   . TYR A 1 27  ? 12.923  -0.713  10.451  1.00 25.28 ? 27  TYR A C   1 
ATOM   185  O O   . TYR A 1 27  ? 12.394  -1.381  9.572   1.00 25.36 ? 27  TYR A O   1 
ATOM   186  C CB  . TYR A 1 27  ? 11.245  0.709   11.692  1.00 26.38 ? 27  TYR A CB  1 
ATOM   187  C CG  . TYR A 1 27  ? 9.928   0.175   11.148  1.00 29.58 ? 27  TYR A CG  1 
ATOM   188  C CD1 . TYR A 1 27  ? 9.640   -1.189  11.195  1.00 31.65 ? 27  TYR A CD1 1 
ATOM   189  C CD2 . TYR A 1 27  ? 8.954   1.036   10.633  1.00 30.57 ? 27  TYR A CD2 1 
ATOM   190  C CE1 . TYR A 1 27  ? 8.434   -1.688  10.746  1.00 31.98 ? 27  TYR A CE1 1 
ATOM   191  C CE2 . TYR A 1 27  ? 7.737   0.541   10.172  1.00 32.92 ? 27  TYR A CE2 1 
ATOM   192  C CZ  . TYR A 1 27  ? 7.483   -0.832  10.230  1.00 34.07 ? 27  TYR A CZ  1 
ATOM   193  O OH  . TYR A 1 27  ? 6.279   -1.365  9.760   1.00 35.76 ? 27  TYR A OH  1 
ATOM   194  N N   . PRO A 1 28  ? 13.911  -1.181  11.212  1.00 24.56 ? 28  PRO A N   1 
ATOM   195  C CA  . PRO A 1 28  ? 14.445  -2.530  11.036  1.00 23.69 ? 28  PRO A CA  1 
ATOM   196  C C   . PRO A 1 28  ? 13.277  -3.465  11.038  1.00 23.11 ? 28  PRO A C   1 
ATOM   197  O O   . PRO A 1 28  ? 12.450  -3.268  11.928  1.00 23.55 ? 28  PRO A O   1 
ATOM   198  C CB  . PRO A 1 28  ? 15.266  -2.762  12.305  1.00 24.17 ? 28  PRO A CB  1 
ATOM   199  C CG  . PRO A 1 28  ? 15.292  -1.460  13.053  1.00 24.08 ? 28  PRO A CG  1 
ATOM   200  C CD  . PRO A 1 28  ? 14.567  -0.448  12.307  1.00 24.45 ? 28  PRO A CD  1 
ATOM   201  N N   . PRO A 1 29  ? 13.202  -4.477  10.174  1.00 22.28 ? 29  PRO A N   1 
ATOM   202  C CA  . PRO A 1 29  ? 14.246  -4.856  9.199   1.00 21.77 ? 29  PRO A CA  1 
ATOM   203  C C   . PRO A 1 29  ? 14.133  -4.215  7.783   1.00 21.23 ? 29  PRO A C   1 
ATOM   204  O O   . PRO A 1 29  ? 14.755  -4.662  6.806   1.00 21.04 ? 29  PRO A O   1 
ATOM   205  C CB  . PRO A 1 29  ? 14.032  -6.359  9.066   1.00 21.97 ? 29  PRO A CB  1 
ATOM   206  C CG  . PRO A 1 29  ? 12.669  -6.651  9.792   1.00 22.52 ? 29  PRO A CG  1 
ATOM   207  C CD  . PRO A 1 29  ? 12.036  -5.377  10.121  1.00 21.72 ? 29  PRO A CD  1 
ATOM   208  N N   . HIS A 1 30  ? 13.344  -3.167  7.683   1.00 19.92 ? 30  HIS A N   1 
ATOM   209  C CA  . HIS A 1 30  ? 13.193  -2.440  6.431   1.00 20.32 ? 30  HIS A CA  1 
ATOM   210  C C   . HIS A 1 30  ? 12.638  -3.300  5.266   1.00 18.78 ? 30  HIS A C   1 
ATOM   211  O O   . HIS A 1 30  ? 13.251  -3.388  4.198   1.00 19.73 ? 30  HIS A O   1 
ATOM   212  C CB  . HIS A 1 30  ? 14.542  -1.802  6.047   1.00 20.00 ? 30  HIS A CB  1 
ATOM   213  C CG  . HIS A 1 30  ? 15.249  -1.129  7.191   1.00 21.49 ? 30  HIS A CG  1 
ATOM   214  N ND1 . HIS A 1 30  ? 14.807  0.050   7.757   1.00 21.53 ? 30  HIS A ND1 1 
ATOM   215  C CD2 . HIS A 1 30  ? 16.373  -1.466  7.864   1.00 21.51 ? 30  HIS A CD2 1 
ATOM   216  C CE1 . HIS A 1 30  ? 15.620  0.404   8.735   1.00 20.76 ? 30  HIS A CE1 1 
ATOM   217  N NE2 . HIS A 1 30  ? 16.581  -0.497  8.819   1.00 21.52 ? 30  HIS A NE2 1 
ATOM   218  N N   . HIS A 1 31  ? 11.515  -3.964  5.480   1.00 17.36 ? 31  HIS A N   1 
ATOM   219  C CA  . HIS A 1 31  ? 10.892  -4.701  4.392   1.00 16.56 ? 31  HIS A CA  1 
ATOM   220  C C   . HIS A 1 31  ? 10.257  -3.680  3.389   1.00 16.24 ? 31  HIS A C   1 
ATOM   221  O O   . HIS A 1 31  ? 10.126  -2.504  3.699   1.00 16.84 ? 31  HIS A O   1 
ATOM   222  C CB  . HIS A 1 31  ? 9.862   -5.682  4.945   1.00 16.73 ? 31  HIS A CB  1 
ATOM   223  C CG  . HIS A 1 31  ? 10.461  -6.775  5.785   1.00 14.68 ? 31  HIS A CG  1 
ATOM   224  N ND1 . HIS A 1 31  ? 11.731  -7.262  5.580   1.00 18.53 ? 31  HIS A ND1 1 
ATOM   225  C CD2 . HIS A 1 31  ? 9.963   -7.457  6.837   1.00 14.65 ? 31  HIS A CD2 1 
ATOM   226  C CE1 . HIS A 1 31  ? 11.994  -8.203  6.474   1.00 17.87 ? 31  HIS A CE1 1 
ATOM   227  N NE2 . HIS A 1 31  ? 10.928  -8.345  7.244   1.00 18.20 ? 31  HIS A NE2 1 
ATOM   228  N N   . TRP A 1 32  ? 9.955   -4.118  2.179   1.00 14.74 ? 32  TRP A N   1 
ATOM   229  C CA  . TRP A 1 32  ? 9.360   -3.263  1.172   1.00 13.98 ? 32  TRP A CA  1 
ATOM   230  C C   . TRP A 1 32  ? 7.862   -3.487  1.243   1.00 13.48 ? 32  TRP A C   1 
ATOM   231  O O   . TRP A 1 32  ? 7.459   -4.636  1.228   1.00 12.11 ? 32  TRP A O   1 
ATOM   232  C CB  . TRP A 1 32  ? 9.813   -3.732  -0.205  1.00 14.16 ? 32  TRP A CB  1 
ATOM   233  C CG  . TRP A 1 32  ? 11.226  -3.418  -0.543  1.00 14.33 ? 32  TRP A CG  1 
ATOM   234  C CD1 . TRP A 1 32  ? 12.320  -4.145  -0.252  1.00 15.84 ? 32  TRP A CD1 1 
ATOM   235  C CD2 . TRP A 1 32  ? 11.672  -2.283  -1.266  1.00 14.51 ? 32  TRP A CD2 1 
ATOM   236  N NE1 . TRP A 1 32  ? 13.452  -3.532  -0.739  1.00 15.81 ? 32  TRP A NE1 1 
ATOM   237  C CE2 . TRP A 1 32  ? 13.074  -2.382  -1.382  1.00 15.42 ? 32  TRP A CE2 1 
ATOM   238  C CE3 . TRP A 1 32  ? 11.034  -1.169  -1.809  1.00 13.80 ? 32  TRP A CE3 1 
ATOM   239  C CZ2 . TRP A 1 32  ? 13.841  -1.413  -2.014  1.00 14.97 ? 32  TRP A CZ2 1 
ATOM   240  C CZ3 . TRP A 1 32  ? 11.791  -0.224  -2.452  1.00 15.03 ? 32  TRP A CZ3 1 
ATOM   241  C CH2 . TRP A 1 32  ? 13.183  -0.342  -2.545  1.00 15.53 ? 32  TRP A CH2 1 
ATOM   242  N N   . THR A 1 33  ? 7.064   -2.424  1.335   1.00 12.65 ? 33  THR A N   1 
ATOM   243  C CA  . THR A 1 33  ? 5.613   -2.561  1.376   1.00 14.03 ? 33  THR A CA  1 
ATOM   244  C C   . THR A 1 33  ? 4.970   -1.321  0.797   1.00 12.72 ? 33  THR A C   1 
ATOM   245  O O   . THR A 1 33  ? 5.626   -0.299  0.637   1.00 12.93 ? 33  THR A O   1 
ATOM   246  C CB  . THR A 1 33  ? 5.107   -2.697  2.826   1.00 14.76 ? 33  THR A CB  1 
ATOM   247  O OG1 . THR A 1 33  ? 5.111   -1.418  3.464   1.00 17.03 ? 33  THR A OG1 1 
ATOM   248  C CG2 . THR A 1 33  ? 6.049   -3.524  3.675   1.00 16.49 ? 33  THR A CG2 1 
ATOM   249  N N   . PRO A 1 34  ? 3.685   -1.387  0.493   1.00 13.41 ? 34  PRO A N   1 
ATOM   250  C CA  . PRO A 1 34  ? 2.966   -0.183  0.116   1.00 12.94 ? 34  PRO A CA  1 
ATOM   251  C C   . PRO A 1 34  ? 2.903   0.722   1.353   1.00 13.09 ? 34  PRO A C   1 
ATOM   252  O O   . PRO A 1 34  ? 3.209   0.258   2.466   1.00 13.06 ? 34  PRO A O   1 
ATOM   253  C CB  . PRO A 1 34  ? 1.580   -0.677  -0.226  1.00 13.84 ? 34  PRO A CB  1 
ATOM   254  C CG  . PRO A 1 34  ? 1.751   -2.139  -0.507  1.00 14.43 ? 34  PRO A CG  1 
ATOM   255  C CD  . PRO A 1 34  ? 2.834   -2.595  0.442   1.00 13.73 ? 34  PRO A CD  1 
ATOM   256  N N   . PRO A 1 35  ? 2.574   1.985   1.154   1.00 12.50 ? 35  PRO A N   1 
ATOM   257  C CA  . PRO A 1 35  ? 2.520   2.963   2.228   1.00 12.99 ? 35  PRO A CA  1 
ATOM   258  C C   . PRO A 1 35  ? 1.489   2.571   3.283   1.00 13.00 ? 35  PRO A C   1 
ATOM   259  O O   . PRO A 1 35  ? 0.391   2.212   2.865   1.00 11.96 ? 35  PRO A O   1 
ATOM   260  C CB  . PRO A 1 35  ? 2.007   4.250   1.534   1.00 13.39 ? 35  PRO A CB  1 
ATOM   261  C CG  . PRO A 1 35  ? 1.661   3.886   0.153   1.00 15.39 ? 35  PRO A CG  1 
ATOM   262  C CD  . PRO A 1 35  ? 2.193   2.550   -0.141  1.00 12.62 ? 35  PRO A CD  1 
ATOM   263  N N   . LYS A 1 36  ? 1.839   2.603   4.562   1.00 11.83 ? 36  LYS A N   1 
ATOM   264  C CA  . LYS A 1 36  ? 0.871   2.271   5.633   1.00 12.36 ? 36  LYS A CA  1 
ATOM   265  C C   . LYS A 1 36  ? 1.363   2.716   6.988   1.00 11.52 ? 36  LYS A C   1 
ATOM   266  O O   . LYS A 1 36  ? 2.535   3.064   7.137   1.00 9.85  ? 36  LYS A O   1 
ATOM   267  C CB  . LYS A 1 36  ? 0.645   0.754   5.679   1.00 13.10 ? 36  LYS A CB  1 
ATOM   268  C CG  . LYS A 1 36  ? 1.552   0.027   6.576   1.00 16.58 ? 36  LYS A CG  1 
ATOM   269  C CD  . LYS A 1 36  ? 2.814   -0.316  5.973   1.00 20.07 ? 36  LYS A CD  1 
ATOM   270  C CE  . LYS A 1 36  ? 3.583   -1.265  6.954   1.00 24.29 ? 36  LYS A CE  1 
ATOM   271  N NZ  . LYS A 1 36  ? 4.976   -1.504  6.463   1.00 24.37 ? 36  LYS A NZ  1 
ATOM   272  N N   . GLY A 1 37  ? 0.484   2.660   7.977   1.00 11.23 ? 37  GLY A N   1 
ATOM   273  C CA  . GLY A 1 37  ? 0.850   2.952   9.351   1.00 11.01 ? 37  GLY A CA  1 
ATOM   274  C C   . GLY A 1 37  ? -0.321  2.837   10.342  1.00 11.00 ? 37  GLY A C   1 
ATOM   275  O O   . GLY A 1 37  ? -1.439  2.533   9.957   1.00 10.76 ? 37  GLY A O   1 
ATOM   276  N N   . HIS A 1 38  ? -0.035  3.102   11.616  1.00 11.30 ? 38  HIS A N   1 
ATOM   277  C CA  . HIS A 1 38  ? -0.989  2.949   12.728  1.00 11.90 ? 38  HIS A CA  1 
ATOM   278  C C   . HIS A 1 38  ? -2.187  3.903   12.647  1.00 11.48 ? 38  HIS A C   1 
ATOM   279  O O   . HIS A 1 38  ? -2.045  5.098   12.310  1.00 10.15 ? 38  HIS A O   1 
ATOM   280  C CB  . HIS A 1 38  ? -0.284  3.162   14.067  1.00 13.33 ? 38  HIS A CB  1 
ATOM   281  C CG  . HIS A 1 38  ? 0.573   2.011   14.507  1.00 17.21 ? 38  HIS A CG  1 
ATOM   282  N ND1 . HIS A 1 38  ? 0.942   1.817   15.824  1.00 22.03 ? 38  HIS A ND1 1 
ATOM   283  C CD2 . HIS A 1 38  ? 1.129   0.988   13.813  1.00 21.51 ? 38  HIS A CD2 1 
ATOM   284  C CE1 . HIS A 1 38  ? 1.681   0.725   15.925  1.00 19.82 ? 38  HIS A CE1 1 
ATOM   285  N NE2 . HIS A 1 38  ? 1.816   0.207   14.719  1.00 21.83 ? 38  HIS A NE2 1 
ATOM   286  N N   . VAL A 1 39  ? -3.374  3.373   12.951  1.00 10.65 ? 39  VAL A N   1 
ATOM   287  C CA  . VAL A 1 39  ? -4.583  4.205   12.989  1.00 11.27 ? 39  VAL A CA  1 
ATOM   288  C C   . VAL A 1 39  ? -4.581  5.067   14.259  1.00 10.63 ? 39  VAL A C   1 
ATOM   289  O O   . VAL A 1 39  ? -4.388  4.526   15.359  1.00 8.66  ? 39  VAL A O   1 
ATOM   290  C CB  . VAL A 1 39  ? -5.849  3.353   13.039  1.00 11.74 ? 39  VAL A CB  1 
ATOM   291  C CG1 . VAL A 1 39  ? -7.095  4.238   13.275  1.00 13.17 ? 39  VAL A CG1 1 
ATOM   292  C CG2 . VAL A 1 39  ? -6.000  2.585   11.770  1.00 11.24 ? 39  VAL A CG2 1 
ATOM   293  N N   . ASP A 1 40  ? -4.819  6.381   14.102  1.00 10.56 ? 40  ASP A N   1 
ATOM   294  C CA  . ASP A 1 40  ? -4.865  7.311   15.249  1.00 12.01 ? 40  ASP A CA  1 
ATOM   295  C C   . ASP A 1 40  ? -6.245  7.405   15.942  1.00 12.02 ? 40  ASP A C   1 
ATOM   296  O O   . ASP A 1 40  ? -7.266  7.041   15.386  1.00 12.61 ? 40  ASP A O   1 
ATOM   297  C CB  . ASP A 1 40  ? -4.449  8.725   14.792  1.00 11.74 ? 40  ASP A CB  1 
ATOM   298  C CG  . ASP A 1 40  ? -2.968  8.827   14.482  1.00 13.50 ? 40  ASP A CG  1 
ATOM   299  O OD1 . ASP A 1 40  ? -2.209  7.961   14.976  1.00 13.48 ? 40  ASP A OD1 1 
ATOM   300  O OD2 . ASP A 1 40  ? -2.491  9.708   13.728  1.00 13.49 ? 40  ASP A OD2 1 
ATOM   301  N N   . PRO A 1 41  ? -6.268  7.912   17.151  1.00 13.34 ? 41  PRO A N   1 
ATOM   302  C CA  . PRO A 1 41  ? -7.533  8.154   17.850  1.00 13.56 ? 41  PRO A CA  1 
ATOM   303  C C   . PRO A 1 41  ? -8.508  9.017   17.039  1.00 13.38 ? 41  PRO A C   1 
ATOM   304  O O   . PRO A 1 41  ? -8.150  10.029  16.430  1.00 13.22 ? 41  PRO A O   1 
ATOM   305  C CB  . PRO A 1 41  ? -7.101  8.913   19.094  1.00 14.39 ? 41  PRO A CB  1 
ATOM   306  C CG  . PRO A 1 41  ? -5.690  8.561   19.304  1.00 15.13 ? 41  PRO A CG  1 
ATOM   307  C CD  . PRO A 1 41  ? -5.102  8.241   17.982  1.00 13.12 ? 41  PRO A CD  1 
ATOM   308  N N   . GLY A 1 42  ? -9.762  8.613   17.028  1.00 12.28 ? 42  GLY A N   1 
ATOM   309  C CA  . GLY A 1 42  ? -10.758 9.371   16.308  1.00 12.47 ? 42  GLY A CA  1 
ATOM   310  C C   . GLY A 1 42  ? -10.776 9.216   14.798  1.00 12.47 ? 42  GLY A C   1 
ATOM   311  O O   . GLY A 1 42  ? -11.488 9.982   14.157  1.00 13.28 ? 42  GLY A O   1 
ATOM   312  N N   . GLU A 1 43  ? -9.992  8.286   14.236  1.00 12.05 ? 43  GLU A N   1 
ATOM   313  C CA  . GLU A 1 43  ? -9.982  8.001   12.782  1.00 12.85 ? 43  GLU A CA  1 
ATOM   314  C C   . GLU A 1 43  ? -10.485 6.611   12.539  1.00 12.32 ? 43  GLU A C   1 
ATOM   315  O O   . GLU A 1 43  ? -10.293 5.743   13.379  1.00 11.02 ? 43  GLU A O   1 
ATOM   316  C CB  . GLU A 1 43  ? -8.554  7.892   12.226  1.00 13.15 ? 43  GLU A CB  1 
ATOM   317  C CG  . GLU A 1 43  ? -7.772  9.163   12.058  1.00 15.34 ? 43  GLU A CG  1 
ATOM   318  C CD  . GLU A 1 43  ? -6.406  8.878   11.429  1.00 13.59 ? 43  GLU A CD  1 
ATOM   319  O OE1 . GLU A 1 43  ? -5.790  7.801   11.674  1.00 10.43 ? 43  GLU A OE1 1 
ATOM   320  O OE2 . GLU A 1 43  ? -5.938  9.745   10.712  1.00 13.76 ? 43  GLU A OE2 1 
ATOM   321  N N   . ASP A 1 44  ? -11.045 6.352   11.363  1.00 12.50 ? 44  ASP A N   1 
ATOM   322  C CA  . ASP A 1 44  ? -11.292 4.958   11.003  1.00 12.08 ? 44  ASP A CA  1 
ATOM   323  C C   . ASP A 1 44  ? -10.174 4.512   10.058  1.00 12.48 ? 44  ASP A C   1 
ATOM   324  O O   . ASP A 1 44  ? -9.286  5.313   9.698   1.00 10.31 ? 44  ASP A O   1 
ATOM   325  C CB  . ASP A 1 44  ? -12.656 4.755   10.356  1.00 13.12 ? 44  ASP A CB  1 
ATOM   326  C CG  . ASP A 1 44  ? -12.793 5.489   9.036   1.00 12.61 ? 44  ASP A CG  1 
ATOM   327  O OD1 . ASP A 1 44  ? -13.948 5.621   8.573   1.00 13.80 ? 44  ASP A OD1 1 
ATOM   328  O OD2 . ASP A 1 44  ? -11.827 5.968   8.409   1.00 12.41 ? 44  ASP A OD2 1 
ATOM   329  N N   . GLU A 1 45  ? -10.226 3.244   9.641   1.00 12.41 ? 45  GLU A N   1 
ATOM   330  C CA  . GLU A 1 45  ? -9.189  2.711   8.760   1.00 12.84 ? 45  GLU A CA  1 
ATOM   331  C C   . GLU A 1 45  ? -9.020  3.511   7.450   1.00 13.05 ? 45  GLU A C   1 
ATOM   332  O O   . GLU A 1 45  ? -7.910  3.740   6.987   1.00 11.34 ? 45  GLU A O   1 
ATOM   333  C CB  . GLU A 1 45  ? -9.401  1.219   8.510   1.00 13.15 ? 45  GLU A CB  1 
ATOM   334  C CG  . GLU A 1 45  ? -8.973  0.380   9.697   1.00 12.17 ? 45  GLU A CG  1 
ATOM   335  C CD  . GLU A 1 45  ? -9.796  -0.875  9.910   1.00 18.31 ? 45  GLU A CD  1 
ATOM   336  O OE1 . GLU A 1 45  ? -11.020 -0.803  9.992   1.00 19.46 ? 45  GLU A OE1 1 
ATOM   337  O OE2 . GLU A 1 45  ? -9.193  -1.946  10.025  1.00 16.92 ? 45  GLU A OE2 1 
ATOM   338  N N   . TRP A 1 46  ? -10.123 3.941   6.872   1.00 13.67 ? 46  TRP A N   1 
ATOM   339  C CA  . TRP A 1 46  ? -10.106 4.676   5.612   1.00 13.80 ? 46  TRP A CA  1 
ATOM   340  C C   . TRP A 1 46  ? -9.335  5.967   5.747   1.00 13.07 ? 46  TRP A C   1 
ATOM   341  O O   . TRP A 1 46  ? -8.468  6.274   4.934   1.00 11.36 ? 46  TRP A O   1 
ATOM   342  C CB  . TRP A 1 46  ? -11.562 4.931   5.186   1.00 13.49 ? 46  TRP A CB  1 
ATOM   343  C CG  . TRP A 1 46  ? -11.781 5.849   3.980   1.00 15.62 ? 46  TRP A CG  1 
ATOM   344  C CD1 . TRP A 1 46  ? -11.891 7.213   3.981   1.00 19.46 ? 46  TRP A CD1 1 
ATOM   345  C CD2 . TRP A 1 46  ? -11.997 5.438   2.637   1.00 16.64 ? 46  TRP A CD2 1 
ATOM   346  N NE1 . TRP A 1 46  ? -12.137 7.675   2.709   1.00 16.78 ? 46  TRP A NE1 1 
ATOM   347  C CE2 . TRP A 1 46  ? -12.177 6.606   1.857   1.00 16.98 ? 46  TRP A CE2 1 
ATOM   348  C CE3 . TRP A 1 46  ? -11.990 4.197   1.994   1.00 16.11 ? 46  TRP A CE3 1 
ATOM   349  C CZ2 . TRP A 1 46  ? -12.408 6.564   0.483   1.00 14.44 ? 46  TRP A CZ2 1 
ATOM   350  C CZ3 . TRP A 1 46  ? -12.191 4.147   0.631   1.00 17.53 ? 46  TRP A CZ3 1 
ATOM   351  C CH2 . TRP A 1 46  ? -12.423 5.337   -0.117  1.00 17.46 ? 46  TRP A CH2 1 
ATOM   352  N N   . GLN A 1 47  ? -9.699  6.757   6.753   1.00 13.19 ? 47  GLN A N   1 
ATOM   353  C CA  . GLN A 1 47  ? -9.036  8.017   7.028   1.00 12.13 ? 47  GLN A CA  1 
ATOM   354  C C   . GLN A 1 47  ? -7.548  7.807   7.284   1.00 13.02 ? 47  GLN A C   1 
ATOM   355  O O   . GLN A 1 47  ? -6.703  8.566   6.793   1.00 11.51 ? 47  GLN A O   1 
ATOM   356  C CB  . GLN A 1 47  ? -9.674  8.700   8.223   1.00 12.72 ? 47  GLN A CB  1 
ATOM   357  C CG  . GLN A 1 47  ? -11.132 9.130   7.998   1.00 12.03 ? 47  GLN A CG  1 
ATOM   358  C CD  . GLN A 1 47  ? -11.804 9.599   9.303   1.00 13.58 ? 47  GLN A CD  1 
ATOM   359  O OE1 . GLN A 1 47  ? -12.015 8.804   10.212  1.00 12.92 ? 47  GLN A OE1 1 
ATOM   360  N NE2 . GLN A 1 47  ? -12.107 10.891  9.393   1.00 17.94 ? 47  GLN A NE2 1 
ATOM   361  N N   . ALA A 1 48  ? -7.234  6.761   8.044   1.00 13.51 ? 48  ALA A N   1 
ATOM   362  C CA  . ALA A 1 48  ? -5.845  6.438   8.349   1.00 13.19 ? 48  ALA A CA  1 
ATOM   363  C C   . ALA A 1 48  ? -5.023  6.035   7.122   1.00 12.93 ? 48  ALA A C   1 
ATOM   364  O O   . ALA A 1 48  ? -3.852  6.445   7.020   1.00 11.34 ? 48  ALA A O   1 
ATOM   365  C CB  . ALA A 1 48  ? -5.774  5.338   9.415   1.00 14.46 ? 48  ALA A CB  1 
ATOM   366  N N   . ALA A 1 49  ? -5.621  5.288   6.194   1.00 12.08 ? 49  ALA A N   1 
ATOM   367  C CA  . ALA A 1 49  ? -4.910  4.855   4.961   1.00 12.17 ? 49  ALA A CA  1 
ATOM   368  C C   . ALA A 1 49  ? -4.500  6.088   4.141   1.00 13.17 ? 49  ALA A C   1 
ATOM   369  O O   . ALA A 1 49  ? -3.365  6.196   3.601   1.00 12.54 ? 49  ALA A O   1 
ATOM   370  C CB  . ALA A 1 49  ? -5.806  3.973   4.146   1.00 12.89 ? 49  ALA A CB  1 
ATOM   371  N N   . ILE A 1 50  ? -5.442  7.034   4.044   1.00 12.82 ? 50  ILE A N   1 
ATOM   372  C CA  . ILE A 1 50  ? -5.189  8.266   3.305   1.00 12.62 ? 50  ILE A CA  1 
ATOM   373  C C   . ILE A 1 50  ? -4.073  9.092   3.994   1.00 11.84 ? 50  ILE A C   1 
ATOM   374  O O   . ILE A 1 50  ? -3.100  9.543   3.339   1.00 12.52 ? 50  ILE A O   1 
ATOM   375  C CB  . ILE A 1 50  ? -6.493  9.046   3.157   1.00 11.83 ? 50  ILE A CB  1 
ATOM   376  C CG1 . ILE A 1 50  ? -7.424  8.342   2.178   1.00 13.29 ? 50  ILE A CG1 1 
ATOM   377  C CG2 . ILE A 1 50  ? -6.215  10.507  2.680   1.00 12.17 ? 50  ILE A CG2 1 
ATOM   378  C CD1 . ILE A 1 50  ? -8.901  8.821   2.297   1.00 13.71 ? 50  ILE A CD1 1 
ATOM   379  N N   . ARG A 1 51  ? -4.182  9.292   5.295   1.00 12.31 ? 51  ARG A N   1 
ATOM   380  C CA  . ARG A 1 51  ? -3.178  10.083  6.035   1.00 11.69 ? 51  ARG A CA  1 
ATOM   381  C C   . ARG A 1 51  ? -1.782  9.437   5.964   1.00 12.37 ? 51  ARG A C   1 
ATOM   382  O O   . ARG A 1 51  ? -0.767  10.133  5.818   1.00 12.98 ? 51  ARG A O   1 
ATOM   383  C CB  . ARG A 1 51  ? -3.586  10.270  7.497   1.00 12.05 ? 51  ARG A CB  1 
ATOM   384  C CG  . ARG A 1 51  ? -2.600  11.016  8.387   1.00 11.55 ? 51  ARG A CG  1 
ATOM   385  C CD  . ARG A 1 51  ? -3.006  11.104  9.861   1.00 13.60 ? 51  ARG A CD  1 
ATOM   386  N NE  . ARG A 1 51  ? -3.312  9.775   10.363  1.00 12.79 ? 51  ARG A NE  1 
ATOM   387  C CZ  . ARG A 1 51  ? -2.422  8.811   10.571  1.00 12.72 ? 51  ARG A CZ  1 
ATOM   388  N NH1 . ARG A 1 51  ? -1.116  9.023   10.452  1.00 14.42 ? 51  ARG A NH1 1 
ATOM   389  N NH2 . ARG A 1 51  ? -2.841  7.634   10.960  1.00 10.62 ? 51  ARG A NH2 1 
ATOM   390  N N   . GLU A 1 52  ? -1.708  8.108   6.072   1.00 12.01 ? 52  GLU A N   1 
ATOM   391  C CA  . GLU A 1 52  ? -0.422  7.440   6.066   1.00 12.05 ? 52  GLU A CA  1 
ATOM   392  C C   . GLU A 1 52  ? 0.211   7.514   4.640   1.00 12.46 ? 52  GLU A C   1 
ATOM   393  O O   . GLU A 1 52  ? 1.429   7.546   4.491   1.00 13.60 ? 52  GLU A O   1 
ATOM   394  C CB  . GLU A 1 52  ? -0.561  5.977   6.571   1.00 11.77 ? 52  GLU A CB  1 
ATOM   395  C CG  . GLU A 1 52  ? -0.750  5.866   8.092   1.00 12.52 ? 52  GLU A CG  1 
ATOM   396  C CD  . GLU A 1 52  ? 0.502   6.199   8.892   1.00 12.21 ? 52  GLU A CD  1 
ATOM   397  O OE1 . GLU A 1 52  ? 1.621   6.191   8.288   1.00 14.86 ? 52  GLU A OE1 1 
ATOM   398  O OE2 . GLU A 1 52  ? 0.396   6.455   10.122  1.00 12.23 ? 52  GLU A OE2 1 
ATOM   399  N N   . THR A 1 53  ? -0.628  7.574   3.617   1.00 13.40 ? 53  THR A N   1 
ATOM   400  C CA  . THR A 1 53  ? -0.136  7.624   2.244   1.00 14.42 ? 53  THR A CA  1 
ATOM   401  C C   . THR A 1 53  ? 0.536   8.981   2.052   1.00 14.34 ? 53  THR A C   1 
ATOM   402  O O   . THR A 1 53  ? 1.590   9.095   1.432   1.00 13.86 ? 53  THR A O   1 
ATOM   403  C CB  . THR A 1 53  ? -1.253  7.388   1.245   1.00 13.65 ? 53  THR A CB  1 
ATOM   404  O OG1 . THR A 1 53  ? -1.641  5.998   1.231   1.00 14.24 ? 53  THR A OG1 1 
ATOM   405  C CG2 . THR A 1 53  ? -0.726  7.629   -0.177  1.00 14.56 ? 53  THR A CG2 1 
ATOM   406  N N   . LYS A 1 54  ? -0.081  10.017  2.617   1.00 14.69 ? 54  LYS A N   1 
ATOM   407  C CA  . LYS A 1 54  ? 0.543   11.349  2.635   1.00 14.65 ? 54  LYS A CA  1 
ATOM   408  C C   . LYS A 1 54  ? 1.886   11.390  3.401   1.00 13.82 ? 54  LYS A C   1 
ATOM   409  O O   . LYS A 1 54  ? 2.882   11.890  2.892   1.00 14.07 ? 54  LYS A O   1 
ATOM   410  C CB  . LYS A 1 54  ? -0.431  12.365  3.237   1.00 14.49 ? 54  LYS A CB  1 
ATOM   411  C CG  . LYS A 1 54  ? 0.150   13.793  3.446   1.00 17.77 ? 54  LYS A CG  1 
ATOM   412  C CD  . LYS A 1 54  ? 0.985   13.965  4.761   1.00 22.54 ? 54  LYS A CD  1 
ATOM   413  C CE  . LYS A 1 54  ? 1.049   15.429  5.230   1.00 25.38 ? 54  LYS A CE  1 
ATOM   414  N NZ  . LYS A 1 54  ? 2.353   15.828  5.855   1.00 23.64 ? 54  LYS A NZ  1 
ATOM   415  N N   . GLU A 1 55  ? 1.913   10.877  4.615   1.00 12.74 ? 55  GLU A N   1 
ATOM   416  C CA  . GLU A 1 55  ? 3.129   10.884  5.426   1.00 12.44 ? 55  GLU A CA  1 
ATOM   417  C C   . GLU A 1 55  ? 4.270   10.052  4.867   1.00 11.73 ? 55  GLU A C   1 
ATOM   418  O O   . GLU A 1 55  ? 5.439   10.455  4.960   1.00 9.54  ? 55  GLU A O   1 
ATOM   419  C CB  . GLU A 1 55  ? 2.841   10.390  6.882   1.00 12.11 ? 55  GLU A CB  1 
ATOM   420  C CG  . GLU A 1 55  ? 1.963   11.308  7.738   1.00 14.46 ? 55  GLU A CG  1 
ATOM   421  C CD  . GLU A 1 55  ? 1.593   10.702  9.124   1.00 18.17 ? 55  GLU A CD  1 
ATOM   422  O OE1 . GLU A 1 55  ? 2.172   9.666   9.518   1.00 19.25 ? 55  GLU A OE1 1 
ATOM   423  O OE2 . GLU A 1 55  ? 0.705   11.238  9.824   1.00 14.34 ? 55  GLU A OE2 1 
ATOM   424  N N   . GLU A 1 56  ? 3.951   8.866   4.359   1.00 11.09 ? 56  GLU A N   1 
ATOM   425  C CA  . GLU A 1 56  ? 4.996   7.911   3.954   1.00 12.47 ? 56  GLU A CA  1 
ATOM   426  C C   . GLU A 1 56  ? 5.393   8.036   2.483   1.00 12.14 ? 56  GLU A C   1 
ATOM   427  O O   . GLU A 1 56  ? 6.544   7.834   2.151   1.00 10.37 ? 56  GLU A O   1 
ATOM   428  C CB  . GLU A 1 56  ? 4.516   6.477   4.178   1.00 12.41 ? 56  GLU A CB  1 
ATOM   429  C CG  . GLU A 1 56  ? 4.373   6.111   5.666   1.00 15.78 ? 56  GLU A CG  1 
ATOM   430  C CD  . GLU A 1 56  ? 5.696   6.213   6.402   1.00 19.57 ? 56  GLU A CD  1 
ATOM   431  O OE1 . GLU A 1 56  ? 6.658   5.557   5.980   1.00 23.26 ? 56  GLU A OE1 1 
ATOM   432  O OE2 . GLU A 1 56  ? 5.783   6.971   7.380   1.00 19.14 ? 56  GLU A OE2 1 
ATOM   433  N N   . ALA A 1 57  ? 4.421   8.327   1.624   1.00 11.65 ? 57  ALA A N   1 
ATOM   434  C CA  . ALA A 1 57  ? 4.716   8.399   0.162   1.00 13.32 ? 57  ALA A CA  1 
ATOM   435  C C   . ALA A 1 57  ? 4.664   9.826   -0.421  1.00 12.58 ? 57  ALA A C   1 
ATOM   436  O O   . ALA A 1 57  ? 5.042   10.036  -1.573  1.00 13.06 ? 57  ALA A O   1 
ATOM   437  C CB  . ALA A 1 57  ? 3.788   7.509   -0.613  1.00 12.14 ? 57  ALA A CB  1 
ATOM   438  N N   . ASN A 1 58  ? 4.207   10.794  0.353   1.00 12.59 ? 58  ASN A N   1 
ATOM   439  C CA  . ASN A 1 58  ? 4.074   12.173  -0.140  1.00 11.94 ? 58  ASN A CA  1 
ATOM   440  C C   . ASN A 1 58  ? 3.074   12.281  -1.301  1.00 13.06 ? 58  ASN A C   1 
ATOM   441  O O   . ASN A 1 58  ? 3.232   13.137  -2.196  1.00 14.13 ? 58  ASN A O   1 
ATOM   442  C CB  . ASN A 1 58  ? 5.412   12.788  -0.564  1.00 11.67 ? 58  ASN A CB  1 
ATOM   443  C CG  . ASN A 1 58  ? 5.419   14.321  -0.527  1.00 11.68 ? 58  ASN A CG  1 
ATOM   444  O OD1 . ASN A 1 58  ? 4.898   14.942  0.404   1.00 12.31 ? 58  ASN A OD1 1 
ATOM   445  N ND2 . ASN A 1 58  ? 6.067   14.943  -1.531  1.00 15.93 ? 58  ASN A ND2 1 
ATOM   446  N N   . ILE A 1 59  ? 2.054   11.436  -1.293  1.00 12.51 ? 59  ILE A N   1 
ATOM   447  C CA  . ILE A 1 59  ? 0.951   11.476  -2.292  1.00 12.63 ? 59  ILE A CA  1 
ATOM   448  C C   . ILE A 1 59  ? -0.320  11.886  -1.537  1.00 13.47 ? 59  ILE A C   1 
ATOM   449  O O   . ILE A 1 59  ? -0.620  11.294  -0.472  1.00 14.05 ? 59  ILE A O   1 
ATOM   450  C CB  . ILE A 1 59  ? 0.776   10.075  -2.922  1.00 11.50 ? 59  ILE A CB  1 
ATOM   451  C CG1 . ILE A 1 59  ? 2.038   9.696   -3.685  1.00 11.84 ? 59  ILE A CG1 1 
ATOM   452  C CG2 . ILE A 1 59  ? -0.436  10.030  -3.887  1.00 13.58 ? 59  ILE A CG2 1 
ATOM   453  C CD1 . ILE A 1 59  ? 2.062   8.258   -4.137  1.00 12.63 ? 59  ILE A CD1 1 
ATOM   454  N N   . THR A 1 60  ? -1.053  12.887  -2.049  1.00 13.60 ? 60  THR A N   1 
ATOM   455  C CA  . THR A 1 60  ? -2.257  13.388  -1.423  1.00 13.16 ? 60  THR A CA  1 
ATOM   456  C C   . THR A 1 60  ? -3.529  12.898  -2.104  1.00 14.22 ? 60  THR A C   1 
ATOM   457  O O   . THR A 1 60  ? -3.525  12.487  -3.296  1.00 13.12 ? 60  THR A O   1 
ATOM   458  C CB  . THR A 1 60  ? -2.283  14.936  -1.332  1.00 13.58 ? 60  THR A CB  1 
ATOM   459  O OG1 . THR A 1 60  ? -1.873  15.540  -2.561  1.00 10.26 ? 60  THR A OG1 1 
ATOM   460  C CG2 . THR A 1 60  ? -1.275  15.440  -0.307  1.00 14.16 ? 60  THR A CG2 1 
ATOM   461  N N   . LYS A 1 61  ? -4.628  13.037  -1.370  1.00 14.25 ? 61  LYS A N   1 
ATOM   462  C CA  . LYS A 1 61  ? -5.878  12.397  -1.761  1.00 15.08 ? 61  LYS A CA  1 
ATOM   463  C C   . LYS A 1 61  ? -6.386  12.790  -3.148  1.00 14.69 ? 61  LYS A C   1 
ATOM   464  O O   . LYS A 1 61  ? -6.814  11.924  -3.931  1.00 14.32 ? 61  LYS A O   1 
ATOM   465  C CB  . LYS A 1 61  ? -6.968  12.609  -0.693  1.00 16.45 ? 61  LYS A CB  1 
ATOM   466  N N   . GLU A 1 62  ? -6.286  14.074  -3.469  1.00 14.13 ? 62  GLU A N   1 
ATOM   467  C CA  . GLU A 1 62  ? -6.777  14.557  -4.757  1.00 13.40 ? 62  GLU A CA  1 
ATOM   468  C C   . GLU A 1 62  ? -6.026  13.984  -5.971  1.00 12.69 ? 62  GLU A C   1 
ATOM   469  O O   . GLU A 1 62  ? -6.478  14.116  -7.120  1.00 11.25 ? 62  GLU A O   1 
ATOM   470  C CB  . GLU A 1 62  ? -6.790  16.081  -4.781  1.00 13.42 ? 62  GLU A CB  1 
ATOM   471  C CG  . GLU A 1 62  ? -5.600  16.738  -5.448  1.00 14.77 ? 62  GLU A CG  1 
ATOM   472  C CD  . GLU A 1 62  ? -4.298  16.565  -4.690  1.00 14.94 ? 62  GLU A CD  1 
ATOM   473  O OE1 . GLU A 1 62  ? -4.295  16.054  -3.537  1.00 16.13 ? 62  GLU A OE1 1 
ATOM   474  O OE2 . GLU A 1 62  ? -3.286  16.977  -5.268  1.00 12.00 ? 62  GLU A OE2 1 
ATOM   475  N N   . GLN A 1 63  ? -4.885  13.338  -5.740  1.00 11.50 ? 63  GLN A N   1 
ATOM   476  C CA  . GLN A 1 63  ? -4.125  12.716  -6.834  1.00 11.52 ? 63  GLN A CA  1 
ATOM   477  C C   . GLN A 1 63  ? -4.592  11.290  -7.148  1.00 11.41 ? 63  GLN A C   1 
ATOM   478  O O   . GLN A 1 63  ? -4.097  10.637  -8.068  1.00 10.59 ? 63  GLN A O   1 
ATOM   479  C CB  . GLN A 1 63  ? -2.629  12.605  -6.446  1.00 10.93 ? 63  GLN A CB  1 
ATOM   480  C CG  . GLN A 1 63  ? -1.940  13.891  -6.112  1.00 11.33 ? 63  GLN A CG  1 
ATOM   481  C CD  . GLN A 1 63  ? -0.427  13.662  -5.920  1.00 14.11 ? 63  GLN A CD  1 
ATOM   482  O OE1 . GLN A 1 63  ? 0.058   13.431  -4.794  1.00 12.53 ? 63  GLN A OE1 1 
ATOM   483  N NE2 . GLN A 1 63  ? 0.291   13.705  -7.006  1.00 9.76  ? 63  GLN A NE2 1 
ATOM   484  N N   . LEU A 1 64  ? -5.532  10.800  -6.359  1.00 12.28 ? 64  LEU A N   1 
ATOM   485  C CA  . LEU A 1 64  ? -5.885  9.387   -6.402  1.00 13.18 ? 64  LEU A CA  1 
ATOM   486  C C   . LEU A 1 64  ? -7.335  9.089   -6.667  1.00 13.63 ? 64  LEU A C   1 
ATOM   487  O O   . LEU A 1 64  ? -8.193  9.864   -6.279  1.00 13.25 ? 64  LEU A O   1 
ATOM   488  C CB  . LEU A 1 64  ? -5.590  8.798   -4.997  1.00 13.60 ? 64  LEU A CB  1 
ATOM   489  C CG  . LEU A 1 64  ? -4.174  8.828   -4.477  1.00 14.39 ? 64  LEU A CG  1 
ATOM   490  C CD1 . LEU A 1 64  ? -4.075  8.449   -3.034  1.00 14.75 ? 64  LEU A CD1 1 
ATOM   491  C CD2 . LEU A 1 64  ? -3.376  7.883   -5.301  1.00 17.69 ? 64  LEU A CD2 1 
ATOM   492  N N   . THR A 1 65  ? -7.618  7.947   -7.279  1.00 13.99 ? 65  THR A N   1 
ATOM   493  C CA  . THR A 1 65  ? -8.983  7.406   -7.258  1.00 14.47 ? 65  THR A CA  1 
ATOM   494  C C   . THR A 1 65  ? -8.977  6.106   -6.407  1.00 14.63 ? 65  THR A C   1 
ATOM   495  O O   . THR A 1 65  ? -8.357  5.119   -6.786  1.00 13.83 ? 65  THR A O   1 
ATOM   496  C CB  . THR A 1 65  ? -9.484  7.104   -8.667  1.00 14.97 ? 65  THR A CB  1 
ATOM   497  O OG1 . THR A 1 65  ? -9.650  8.324   -9.406  1.00 14.05 ? 65  THR A OG1 1 
ATOM   498  C CG2 . THR A 1 65  ? -10.924 6.474   -8.647  1.00 16.14 ? 65  THR A CG2 1 
ATOM   499  N N   . ILE A 1 66  ? -9.622  6.102   -5.248  1.00 14.66 ? 66  ILE A N   1 
ATOM   500  C CA  . ILE A 1 66  ? -9.551  4.929   -4.367  1.00 15.81 ? 66  ILE A CA  1 
ATOM   501  C C   . ILE A 1 66  ? -10.696 4.015   -4.708  1.00 15.06 ? 66  ILE A C   1 
ATOM   502  O O   . ILE A 1 66  ? -11.814 4.475   -4.801  1.00 14.49 ? 66  ILE A O   1 
ATOM   503  C CB  . ILE A 1 66  ? -9.631  5.333   -2.922  1.00 16.55 ? 66  ILE A CB  1 
ATOM   504  C CG1 . ILE A 1 66  ? -8.485  6.268   -2.588  1.00 19.06 ? 66  ILE A CG1 1 
ATOM   505  C CG2 . ILE A 1 66  ? -9.544  4.160   -2.014  1.00 18.37 ? 66  ILE A CG2 1 
ATOM   506  C CD1 . ILE A 1 66  ? -8.697  7.054   -1.276  1.00 19.45 ? 66  ILE A CD1 1 
ATOM   507  N N   . HIS A 1 67  ? -10.425 2.735   -4.906  1.00 13.78 ? 67  HIS A N   1 
ATOM   508  C CA  . HIS A 1 67  ? -11.472 1.759   -5.178  1.00 15.29 ? 67  HIS A CA  1 
ATOM   509  C C   . HIS A 1 67  ? -12.124 1.198   -3.874  1.00 15.29 ? 67  HIS A C   1 
ATOM   510  O O   . HIS A 1 67  ? -11.585 0.283   -3.264  1.00 15.17 ? 67  HIS A O   1 
ATOM   511  C CB  . HIS A 1 67  ? -10.893 0.601   -6.014  1.00 15.82 ? 67  HIS A CB  1 
ATOM   512  C CG  . HIS A 1 67  ? -10.303 1.033   -7.322  1.00 17.22 ? 67  HIS A CG  1 
ATOM   513  N ND1 . HIS A 1 67  ? -11.081 1.460   -8.377  1.00 21.71 ? 67  HIS A ND1 1 
ATOM   514  C CD2 . HIS A 1 67  ? -9.022  1.074   -7.759  1.00 18.79 ? 67  HIS A CD2 1 
ATOM   515  C CE1 . HIS A 1 67  ? -10.298 1.754   -9.407  1.00 23.45 ? 67  HIS A CE1 1 
ATOM   516  N NE2 . HIS A 1 67  ? -9.046  1.515   -9.066  1.00 20.88 ? 67  HIS A NE2 1 
ATOM   517  N N   . GLU A 1 68  ? -13.250 1.785   -3.455  1.00 14.46 ? 68  GLU A N   1 
ATOM   518  C CA  . GLU A 1 68  ? -13.936 1.383   -2.207  1.00 14.47 ? 68  GLU A CA  1 
ATOM   519  C C   . GLU A 1 68  ? -14.248 -0.096  -2.187  1.00 14.10 ? 68  GLU A C   1 
ATOM   520  O O   . GLU A 1 68  ? -14.179 -0.688  -1.133  1.00 14.68 ? 68  GLU A O   1 
ATOM   521  C CB  . GLU A 1 68  ? -15.238 2.177   -1.911  1.00 15.67 ? 68  GLU A CB  1 
ATOM   522  N N   . ASP A 1 69  ? -14.563 -0.698  -3.334  1.00 14.33 ? 69  ASP A N   1 
ATOM   523  C CA  . ASP A 1 69  ? -14.892 -2.123  -3.395  1.00 14.77 ? 69  ASP A CA  1 
ATOM   524  C C   . ASP A 1 69  ? -13.690 -3.086  -3.495  1.00 14.99 ? 69  ASP A C   1 
ATOM   525  O O   . ASP A 1 69  ? -13.890 -4.309  -3.655  1.00 15.27 ? 69  ASP A O   1 
ATOM   526  C CB  . ASP A 1 69  ? -15.835 -2.412  -4.582  1.00 15.66 ? 69  ASP A CB  1 
ATOM   527  N N   . CYS A 1 70  ? -12.462 -2.572  -3.441  1.00 13.51 ? 70  CYS A N   1 
ATOM   528  C CA  . CYS A 1 70  ? -11.317 -3.456  -3.486  1.00 13.34 ? 70  CYS A CA  1 
ATOM   529  C C   . CYS A 1 70  ? -10.443 -3.255  -2.267  1.00 12.63 ? 70  CYS A C   1 
ATOM   530  O O   . CYS A 1 70  ? -9.624  -2.352  -2.208  1.00 13.09 ? 70  CYS A O   1 
ATOM   531  C CB  . CYS A 1 70  ? -10.501 -3.245  -4.777  1.00 13.84 ? 70  CYS A CB  1 
ATOM   532  S SG  . CYS A 1 70  ? -9.147  -4.456  -5.019  1.00 15.44 ? 70  CYS A SG  1 
ATOM   533  N N   . HIS A 1 71  ? -10.598 -4.131  -1.292  1.00 12.66 ? 71  HIS A N   1 
ATOM   534  C CA  . HIS A 1 71  ? -9.780  -4.063  -0.080  1.00 11.33 ? 71  HIS A CA  1 
ATOM   535  C C   . HIS A 1 71  ? -9.572  -5.417  0.523   1.00 10.82 ? 71  HIS A C   1 
ATOM   536  O O   . HIS A 1 71  ? -10.338 -6.366  0.266   1.00 11.04 ? 71  HIS A O   1 
ATOM   537  C CB  . HIS A 1 71  ? -10.448 -3.204  0.967   1.00 11.03 ? 71  HIS A CB  1 
ATOM   538  C CG  . HIS A 1 71  ? -11.804 -3.698  1.389   1.00 11.64 ? 71  HIS A CG  1 
ATOM   539  N ND1 . HIS A 1 71  ? -12.045 -4.308  2.603   1.00 12.06 ? 71  HIS A ND1 1 
ATOM   540  C CD2 . HIS A 1 71  ? -13.004 -3.631  0.764   1.00 13.31 ? 71  HIS A CD2 1 
ATOM   541  C CE1 . HIS A 1 71  ? -13.331 -4.576  2.710   1.00 15.10 ? 71  HIS A CE1 1 
ATOM   542  N NE2 . HIS A 1 71  ? -13.932 -4.202  1.594   1.00 13.12 ? 71  HIS A NE2 1 
ATOM   543  N N   . GLU A 1 72  ? -8.552  -5.493  1.363   1.00 10.72 ? 72  GLU A N   1 
ATOM   544  C CA  . GLU A 1 72  ? -8.200  -6.725  2.057   1.00 11.07 ? 72  GLU A CA  1 
ATOM   545  C C   . GLU A 1 72  ? -7.384  -6.373  3.301   1.00 11.65 ? 72  GLU A C   1 
ATOM   546  O O   . GLU A 1 72  ? -6.679  -5.340  3.349   1.00 11.13 ? 72  GLU A O   1 
ATOM   547  C CB  . GLU A 1 72  ? -7.345  -7.645  1.196   1.00 11.36 ? 72  GLU A CB  1 
ATOM   548  C CG  . GLU A 1 72  ? -7.969  -8.329  -0.009  1.00 18.93 ? 72  GLU A CG  1 
ATOM   549  C CD  . GLU A 1 72  ? -9.276  -9.126  0.206   1.00 24.10 ? 72  GLU A CD  1 
ATOM   550  O OE1 . GLU A 1 72  ? -9.492  -9.741  1.288   1.00 26.37 ? 72  GLU A OE1 1 
ATOM   551  O OE2 . GLU A 1 72  ? -10.080 -9.138  -0.780  1.00 27.60 ? 72  GLU A OE2 1 
ATOM   552  N N   . THR A 1 73  ? -7.444  -7.252  4.289   1.00 11.44 ? 73  THR A N   1 
ATOM   553  C CA  . THR A 1 73  ? -6.785  -6.995  5.544   1.00 12.47 ? 73  THR A CA  1 
ATOM   554  C C   . THR A 1 73  ? -5.776  -8.111  5.825   1.00 14.33 ? 73  THR A C   1 
ATOM   555  O O   . THR A 1 73  ? -6.108  -9.318  5.738   1.00 12.14 ? 73  THR A O   1 
ATOM   556  C CB  . THR A 1 73  ? -7.805  -6.944  6.671   1.00 12.70 ? 73  THR A CB  1 
ATOM   557  O OG1 . THR A 1 73  ? -8.713  -5.854  6.471   1.00 10.13 ? 73  THR A OG1 1 
ATOM   558  C CG2 . THR A 1 73  ? -7.109  -6.660  8.048   1.00 13.89 ? 73  THR A CG2 1 
ATOM   559  N N   . LEU A 1 74  ? -4.556  -7.709  6.153   1.00 14.59 ? 74  LEU A N   1 
ATOM   560  C CA  . LEU A 1 74  ? -3.525  -8.655  6.524   1.00 16.91 ? 74  LEU A CA  1 
ATOM   561  C C   . LEU A 1 74  ? -3.258  -8.649  8.027   1.00 17.66 ? 74  LEU A C   1 
ATOM   562  O O   . LEU A 1 74  ? -3.430  -7.662  8.728   1.00 13.50 ? 74  LEU A O   1 
ATOM   563  C CB  . LEU A 1 74  ? -2.214  -8.337  5.813   1.00 17.62 ? 74  LEU A CB  1 
ATOM   564  C CG  . LEU A 1 74  ? -2.186  -8.278  4.296   1.00 21.64 ? 74  LEU A CG  1 
ATOM   565  C CD1 . LEU A 1 74  ? -0.781  -7.932  3.883   1.00 24.24 ? 74  LEU A CD1 1 
ATOM   566  C CD2 . LEU A 1 74  ? -2.623  -9.593  3.642   1.00 24.56 ? 74  LEU A CD2 1 
ATOM   567  N N   . PHE A 1 75  ? -2.838  -9.785  8.515   1.00 20.18 ? 75  PHE A N   1 
ATOM   568  C CA  . PHE A 1 75  ? -2.525  -9.951  9.933   1.00 23.42 ? 75  PHE A CA  1 
ATOM   569  C C   . PHE A 1 75  ? -1.052  -10.189 10.103  1.00 25.30 ? 75  PHE A C   1 
ATOM   570  O O   . PHE A 1 75  ? -0.555  -11.218 9.649   1.00 25.42 ? 75  PHE A O   1 
ATOM   571  C CB  . PHE A 1 75  ? -3.260  -11.156 10.489  1.00 23.96 ? 75  PHE A CB  1 
ATOM   572  C CG  . PHE A 1 75  ? -4.740  -11.075 10.267  1.00 28.08 ? 75  PHE A CG  1 
ATOM   573  C CD1 . PHE A 1 75  ? -5.248  -10.197 9.343   1.00 32.25 ? 75  PHE A CD1 1 
ATOM   574  C CD2 . PHE A 1 75  ? -5.585  -11.871 10.980  1.00 32.72 ? 75  PHE A CD2 1 
ATOM   575  C CE1 . PHE A 1 75  ? -6.609  -10.109 9.139   1.00 31.05 ? 75  PHE A CE1 1 
ATOM   576  C CE2 . PHE A 1 75  ? -6.947  -11.781 10.776  1.00 34.49 ? 75  PHE A CE2 1 
ATOM   577  C CZ  . PHE A 1 75  ? -7.472  -10.901 9.858   1.00 32.54 ? 75  PHE A CZ  1 
ATOM   578  N N   . TYR A 1 76  ? -0.353  -9.268  10.799  1.00 27.01 ? 76  TYR A N   1 
ATOM   579  C CA  . TYR A 1 76  ? 1.078   -9.428  11.127  1.00 28.18 ? 76  TYR A CA  1 
ATOM   580  C C   . TYR A 1 76  ? 1.289   -9.804  12.621  1.00 28.84 ? 76  TYR A C   1 
ATOM   581  O O   . TYR A 1 76  ? 0.831   -9.088  13.500  1.00 29.06 ? 76  TYR A O   1 
ATOM   582  C CB  . TYR A 1 76  ? 1.860   -8.123  10.868  1.00 28.26 ? 76  TYR A CB  1 
ATOM   583  C CG  . TYR A 1 76  ? 1.855   -7.517  9.467   1.00 29.42 ? 76  TYR A CG  1 
ATOM   584  C CD1 . TYR A 1 76  ? 0.670   -7.208  8.816   1.00 31.97 ? 76  TYR A CD1 1 
ATOM   585  C CD2 . TYR A 1 76  ? 3.045   -7.158  8.835   1.00 30.92 ? 76  TYR A CD2 1 
ATOM   586  C CE1 . TYR A 1 76  ? 0.660   -6.631  7.553   1.00 31.90 ? 76  TYR A CE1 1 
ATOM   587  C CE2 . TYR A 1 76  ? 3.050   -6.558  7.561   1.00 31.09 ? 76  TYR A CE2 1 
ATOM   588  C CZ  . TYR A 1 76  ? 1.845   -6.305  6.922   1.00 33.18 ? 76  TYR A CZ  1 
ATOM   589  O OH  . TYR A 1 76  ? 1.791   -5.669  5.664   1.00 32.89 ? 76  TYR A OH  1 
ATOM   590  N N   . GLU A 1 77  ? 1.960   -10.929 12.890  1.00 29.75 ? 77  GLU A N   1 
ATOM   591  C CA  . GLU A 1 77  ? 2.321   -11.389 14.242  1.00 29.54 ? 77  GLU A CA  1 
ATOM   592  C C   . GLU A 1 77  ? 3.809   -11.075 14.397  1.00 29.77 ? 77  GLU A C   1 
ATOM   593  O O   . GLU A 1 77  ? 4.665   -11.924 14.115  1.00 30.43 ? 77  GLU A O   1 
ATOM   594  C CB  . GLU A 1 77  ? 2.107   -12.905 14.334  1.00 29.98 ? 77  GLU A CB  1 
ATOM   595  C CG  . GLU A 1 77  ? 1.617   -13.450 15.662  1.00 29.08 ? 77  GLU A CG  1 
ATOM   596  C CD  . GLU A 1 77  ? 0.901   -14.777 15.463  1.00 28.78 ? 77  GLU A CD  1 
ATOM   597  O OE1 . GLU A 1 77  ? 0.333   -15.301 16.448  1.00 25.05 ? 77  GLU A OE1 1 
ATOM   598  O OE2 . GLU A 1 77  ? 0.897   -15.272 14.298  1.00 27.42 ? 77  GLU A OE2 1 
ATOM   599  N N   . ALA A 1 78  ? 4.140   -9.894  14.896  1.00 29.41 ? 78  ALA A N   1 
ATOM   600  C CA  . ALA A 1 78  ? 5.496   -9.411  14.662  1.00 28.82 ? 78  ALA A CA  1 
ATOM   601  C C   . ALA A 1 78  ? 6.194   -8.657  15.778  1.00 27.92 ? 78  ALA A C   1 
ATOM   602  O O   . ALA A 1 78  ? 5.943   -7.474  15.988  1.00 27.55 ? 78  ALA A O   1 
ATOM   603  C CB  . ALA A 1 78  ? 5.464   -8.541  13.409  1.00 28.72 ? 78  ALA A CB  1 
ATOM   604  N N   . LYS A 1 79  ? 7.140   -9.331  16.422  1.00 26.87 ? 79  LYS A N   1 
ATOM   605  C CA  . LYS A 1 79  ? 7.891   -8.761  17.524  1.00 26.08 ? 79  LYS A CA  1 
ATOM   606  C C   . LYS A 1 79  ? 6.980   -8.855  18.697  1.00 25.55 ? 79  LYS A C   1 
ATOM   607  O O   . LYS A 1 79  ? 7.161   -8.160  19.674  1.00 25.10 ? 79  LYS A O   1 
ATOM   608  C CB  . LYS A 1 79  ? 8.291   -7.297  17.275  1.00 26.63 ? 79  LYS A CB  1 
ATOM   609  N N   . GLY A 1 80  ? 5.967   -9.709  18.591  1.00 25.23 ? 80  GLY A N   1 
ATOM   610  C CA  . GLY A 1 80  ? 5.056   -9.924  19.699  1.00 24.43 ? 80  GLY A CA  1 
ATOM   611  C C   . GLY A 1 80  ? 3.741   -9.177  19.582  1.00 23.58 ? 80  GLY A C   1 
ATOM   612  O O   . GLY A 1 80  ? 2.768   -9.589  20.182  1.00 24.55 ? 80  GLY A O   1 
ATOM   613  N N   . LYS A 1 81  ? 3.685   -8.097  18.813  1.00 22.12 ? 81  LYS A N   1 
ATOM   614  C CA  . LYS A 1 81  ? 2.464   -7.284  18.798  1.00 21.06 ? 81  LYS A CA  1 
ATOM   615  C C   . LYS A 1 81  ? 1.493   -7.539  17.636  1.00 19.18 ? 81  LYS A C   1 
ATOM   616  O O   . LYS A 1 81  ? 1.666   -6.962  16.563  1.00 19.89 ? 81  LYS A O   1 
ATOM   617  C CB  . LYS A 1 81  ? 2.844   -5.805  18.807  1.00 21.27 ? 81  LYS A CB  1 
ATOM   618  N N   . PRO A 1 82  ? 0.475   -8.378  17.848  1.00 17.44 ? 82  PRO A N   1 
ATOM   619  C CA  . PRO A 1 82  ? -0.514  -8.657  16.805  1.00 16.42 ? 82  PRO A CA  1 
ATOM   620  C C   . PRO A 1 82  ? -1.038  -7.372  16.275  1.00 15.59 ? 82  PRO A C   1 
ATOM   621  O O   . PRO A 1 82  ? -1.344  -6.436  17.030  1.00 13.81 ? 82  PRO A O   1 
ATOM   622  C CB  . PRO A 1 82  ? -1.612  -9.424  17.541  1.00 17.15 ? 82  PRO A CB  1 
ATOM   623  C CG  . PRO A 1 82  ? -0.990  -9.960  18.686  1.00 15.49 ? 82  PRO A CG  1 
ATOM   624  C CD  . PRO A 1 82  ? 0.169   -9.119  19.074  1.00 16.76 ? 82  PRO A CD  1 
ATOM   625  N N   . LYS A 1 83  ? -1.080  -7.322  14.949  1.00 14.31 ? 83  LYS A N   1 
ATOM   626  C CA  . LYS A 1 83  ? -1.445  -6.140  14.256  1.00 14.97 ? 83  LYS A CA  1 
ATOM   627  C C   . LYS A 1 83  ? -2.131  -6.524  12.939  1.00 12.98 ? 83  LYS A C   1 
ATOM   628  O O   . LYS A 1 83  ? -1.784  -7.515  12.281  1.00 13.73 ? 83  LYS A O   1 
ATOM   629  C CB  . LYS A 1 83  ? -0.188  -5.333  13.951  1.00 16.04 ? 83  LYS A CB  1 
ATOM   630  C CG  . LYS A 1 83  ? -0.403  -4.165  13.024  1.00 19.09 ? 83  LYS A CG  1 
ATOM   631  C CD  . LYS A 1 83  ? 0.873   -3.305  12.874  1.00 23.34 ? 83  LYS A CD  1 
ATOM   632  C CE  . LYS A 1 83  ? 1.732   -3.734  11.706  1.00 25.16 ? 83  LYS A CE  1 
ATOM   633  N NZ  . LYS A 1 83  ? 2.884   -2.806  11.534  1.00 25.20 ? 83  LYS A NZ  1 
ATOM   634  N N   . SER A 1 84  ? -3.153  -5.770  12.614  1.00 11.58 ? 84  SER A N   1 
ATOM   635  C CA  . SER A 1 84  ? -3.852  -5.946  11.364  1.00 9.72  ? 84  SER A CA  1 
ATOM   636  C C   . SER A 1 84  ? -3.549  -4.732  10.489  1.00 10.19 ? 84  SER A C   1 
ATOM   637  O O   . SER A 1 84  ? -3.390  -3.647  11.029  1.00 10.04 ? 84  SER A O   1 
ATOM   638  C CB  . SER A 1 84  ? -5.356  -6.044  11.644  1.00 10.21 ? 84  SER A CB  1 
ATOM   639  O OG  . SER A 1 84  ? -5.894  -4.849  12.204  1.00 8.76  ? 84  SER A OG  1 
ATOM   640  N N   . VAL A 1 85  ? -3.416  -4.922  9.168   1.00 8.25  ? 85  VAL A N   1 
ATOM   641  C CA  . VAL A 1 85  ? -3.213  -3.812  8.270   1.00 9.74  ? 85  VAL A CA  1 
ATOM   642  C C   . VAL A 1 85  ? -4.250  -3.920  7.152   1.00 9.09  ? 85  VAL A C   1 
ATOM   643  O O   . VAL A 1 85  ? -4.269  -4.897  6.399   1.00 9.27  ? 85  VAL A O   1 
ATOM   644  C CB  . VAL A 1 85  ? -1.796  -3.752  7.670   1.00 8.79  ? 85  VAL A CB  1 
ATOM   645  C CG1 . VAL A 1 85  ? -1.634  -2.534  6.868   1.00 11.25 ? 85  VAL A CG1 1 
ATOM   646  C CG2 . VAL A 1 85  ? -0.761  -3.798  8.720   1.00 13.30 ? 85  VAL A CG2 1 
ATOM   647  N N   . LYS A 1 86  ? -5.158  -2.950  7.110   1.00 10.40 ? 86  LYS A N   1 
ATOM   648  C CA  . LYS A 1 86  ? -6.208  -2.955  6.088   1.00 10.96 ? 86  LYS A CA  1 
ATOM   649  C C   . LYS A 1 86  ? -5.777  -2.066  4.941   1.00 10.71 ? 86  LYS A C   1 
ATOM   650  O O   . LYS A 1 86  ? -5.459  -0.881  5.143   1.00 12.52 ? 86  LYS A O   1 
ATOM   651  C CB  . LYS A 1 86  ? -7.547  -2.474  6.681   1.00 12.41 ? 86  LYS A CB  1 
ATOM   652  C CG  . LYS A 1 86  ? -8.682  -2.383  5.652   1.00 13.52 ? 86  LYS A CG  1 
ATOM   653  C CD  . LYS A 1 86  ? -10.053 -2.206  6.338   1.00 16.21 ? 86  LYS A CD  1 
ATOM   654  C CE  . LYS A 1 86  ? -11.200 -2.439  5.374   1.00 19.15 ? 86  LYS A CE  1 
ATOM   655  N NZ  . LYS A 1 86  ? -12.527 -2.155  5.977   1.00 19.71 ? 86  LYS A NZ  1 
ATOM   656  N N   . TYR A 1 87  ? -5.797  -2.631  3.738   1.00 10.31 ? 87  TYR A N   1 
ATOM   657  C CA  . TYR A 1 87  ? -5.447  -1.909  2.503   1.00 10.64 ? 87  TYR A CA  1 
ATOM   658  C C   . TYR A 1 87  ? -6.598  -1.771  1.512   1.00 11.07 ? 87  TYR A C   1 
ATOM   659  O O   . TYR A 1 87  ? -7.340  -2.734  1.282   1.00 11.01 ? 87  TYR A O   1 
ATOM   660  C CB  . TYR A 1 87  ? -4.322  -2.641  1.730   1.00 10.86 ? 87  TYR A CB  1 
ATOM   661  C CG  . TYR A 1 87  ? -2.937  -2.687  2.356   1.00 12.72 ? 87  TYR A CG  1 
ATOM   662  C CD1 . TYR A 1 87  ? -2.451  -3.824  3.002   1.00 13.32 ? 87  TYR A CD1 1 
ATOM   663  C CD2 . TYR A 1 87  ? -2.069  -1.622  2.194   1.00 13.79 ? 87  TYR A CD2 1 
ATOM   664  C CE1 . TYR A 1 87  ? -1.152  -3.849  3.542   1.00 15.20 ? 87  TYR A CE1 1 
ATOM   665  C CE2 . TYR A 1 87  ? -0.811  -1.640  2.708   1.00 12.98 ? 87  TYR A CE2 1 
ATOM   666  C CZ  . TYR A 1 87  ? -0.342  -2.742  3.377   1.00 15.91 ? 87  TYR A CZ  1 
ATOM   667  O OH  . TYR A 1 87  ? 0.959   -2.624  3.838   1.00 17.04 ? 87  TYR A OH  1 
ATOM   668  N N   . TRP A 1 88  ? -6.689  -0.589  0.876   1.00 11.59 ? 88  TRP A N   1 
ATOM   669  C CA  . TRP A 1 88  ? -7.537  -0.414  -0.305  1.00 12.74 ? 88  TRP A CA  1 
ATOM   670  C C   . TRP A 1 88  ? -6.622  -0.151  -1.509  1.00 12.95 ? 88  TRP A C   1 
ATOM   671  O O   . TRP A 1 88  ? -5.505  0.416   -1.379  1.00 11.96 ? 88  TRP A O   1 
ATOM   672  C CB  . TRP A 1 88  ? -8.434  0.810   -0.177  1.00 13.08 ? 88  TRP A CB  1 
ATOM   673  C CG  . TRP A 1 88  ? -9.701  0.661   0.708   1.00 13.90 ? 88  TRP A CG  1 
ATOM   674  C CD1 . TRP A 1 88  ? -10.988 0.350   0.282   1.00 15.56 ? 88  TRP A CD1 1 
ATOM   675  C CD2 . TRP A 1 88  ? -9.792  0.857   2.113   1.00 15.09 ? 88  TRP A CD2 1 
ATOM   676  N NE1 . TRP A 1 88  ? -11.849 0.363   1.354   1.00 13.25 ? 88  TRP A NE1 1 
ATOM   677  C CE2 . TRP A 1 88  ? -11.141 0.660   2.488   1.00 14.96 ? 88  TRP A CE2 1 
ATOM   678  C CE3 . TRP A 1 88  ? -8.881  1.222   3.109   1.00 15.79 ? 88  TRP A CE3 1 
ATOM   679  C CZ2 . TRP A 1 88  ? -11.568 0.784   3.799   1.00 14.47 ? 88  TRP A CZ2 1 
ATOM   680  C CZ3 . TRP A 1 88  ? -9.334  1.321   4.424   1.00 14.38 ? 88  TRP A CZ3 1 
ATOM   681  C CH2 . TRP A 1 88  ? -10.643 1.133   4.739   1.00 14.15 ? 88  TRP A CH2 1 
ATOM   682  N N   . LEU A 1 89  ? -7.117  -0.517  -2.674  1.00 13.37 ? 89  LEU A N   1 
ATOM   683  C CA  . LEU A 1 89  ? -6.441  -0.275  -3.930  1.00 13.39 ? 89  LEU A CA  1 
ATOM   684  C C   . LEU A 1 89  ? -6.772  1.149   -4.370  1.00 13.56 ? 89  LEU A C   1 
ATOM   685  O O   . LEU A 1 89  ? -7.957  1.620   -4.295  1.00 14.74 ? 89  LEU A O   1 
ATOM   686  C CB  . LEU A 1 89  ? -6.947  -1.282  -4.973  1.00 14.25 ? 89  LEU A CB  1 
ATOM   687  C CG  . LEU A 1 89  ? -6.301  -1.202  -6.360  1.00 14.20 ? 89  LEU A CG  1 
ATOM   688  C CD1 . LEU A 1 89  ? -4.829  -1.502  -6.306  1.00 16.59 ? 89  LEU A CD1 1 
ATOM   689  C CD2 . LEU A 1 89  ? -6.999  -2.146  -7.289  1.00 17.21 ? 89  LEU A CD2 1 
ATOM   690  N N   . ALA A 1 90  ? -5.751  1.852   -4.806  1.00 13.25 ? 90  ALA A N   1 
ATOM   691  C CA  . ALA A 1 90  ? -5.885  3.228   -5.281  1.00 14.45 ? 90  ALA A CA  1 
ATOM   692  C C   . ALA A 1 90  ? -5.022  3.573   -6.505  1.00 14.36 ? 90  ALA A C   1 
ATOM   693  O O   . ALA A 1 90  ? -3.846  3.244   -6.559  1.00 13.89 ? 90  ALA A O   1 
ATOM   694  C CB  . ALA A 1 90  ? -5.595  4.185   -4.154  1.00 13.80 ? 90  ALA A CB  1 
ATOM   695  N N   . LYS A 1 91  ? -5.636  4.221   -7.489  1.00 13.98 ? 91  LYS A N   1 
ATOM   696  C CA  . LYS A 1 91  ? -4.945  4.590   -8.711  1.00 14.35 ? 91  LYS A CA  1 
ATOM   697  C C   . LYS A 1 91  ? -4.299  5.991   -8.646  1.00 13.62 ? 91  LYS A C   1 
ATOM   698  O O   . LYS A 1 91  ? -4.966  6.975   -8.259  1.00 13.21 ? 91  LYS A O   1 
ATOM   699  C CB  . LYS A 1 91  ? -5.945  4.549   -9.880  1.00 13.97 ? 91  LYS A CB  1 
ATOM   700  C CG  . LYS A 1 91  ? -5.279  4.676   -11.257 1.00 16.65 ? 91  LYS A CG  1 
ATOM   701  C CD  . LYS A 1 91  ? -6.271  4.740   -12.430 1.00 17.68 ? 91  LYS A CD  1 
ATOM   702  C CE  . LYS A 1 91  ? -5.562  4.915   -13.807 1.00 19.86 ? 91  LYS A CE  1 
ATOM   703  N NZ  . LYS A 1 91  ? -6.574  4.942   -14.944 1.00 19.90 ? 91  LYS A NZ  1 
ATOM   704  N N   . LEU A 1 92  ? -3.021  6.078   -9.038  1.00 13.35 ? 92  LEU A N   1 
ATOM   705  C CA  . LEU A 1 92  ? -2.371  7.391   -9.184  1.00 13.26 ? 92  LEU A CA  1 
ATOM   706  C C   . LEU A 1 92  ? -2.829  7.852   -10.561 1.00 13.19 ? 92  LEU A C   1 
ATOM   707  O O   . LEU A 1 92  ? -2.370  7.312   -11.584 1.00 13.71 ? 92  LEU A O   1 
ATOM   708  C CB  . LEU A 1 92  ? -0.861  7.263   -9.170  1.00 13.71 ? 92  LEU A CB  1 
ATOM   709  C CG  . LEU A 1 92  ? -0.177  8.633   -9.329  1.00 14.33 ? 92  LEU A CG  1 
ATOM   710  C CD1 . LEU A 1 92  ? -0.362  9.513   -8.149  1.00 16.03 ? 92  LEU A CD1 1 
ATOM   711  C CD2 . LEU A 1 92  ? 1.310   8.434   -9.584  1.00 18.22 ? 92  LEU A CD2 1 
ATOM   712  N N   . ASN A 1 93  ? -3.745  8.815   -10.622 1.00 13.30 ? 93  ASN A N   1 
ATOM   713  C CA  . ASN A 1 93  ? -4.319  9.147   -11.933 1.00 14.31 ? 93  ASN A CA  1 
ATOM   714  C C   . ASN A 1 93  ? -3.391  9.738   -12.957 1.00 14.10 ? 93  ASN A C   1 
ATOM   715  O O   . ASN A 1 93  ? -3.560  9.462   -14.154 1.00 13.40 ? 93  ASN A O   1 
ATOM   716  C CB  . ASN A 1 93  ? -5.556  10.051  -11.771 1.00 14.38 ? 93  ASN A CB  1 
ATOM   717  C CG  . ASN A 1 93  ? -6.658  9.344   -11.006 1.00 14.76 ? 93  ASN A CG  1 
ATOM   718  O OD1 . ASN A 1 93  ? -6.944  8.189   -11.288 1.00 17.55 ? 93  ASN A OD1 1 
ATOM   719  N ND2 . ASN A 1 93  ? -7.277  10.028  -10.076 1.00 11.19 ? 93  ASN A ND2 1 
ATOM   720  N N   . ASN A 1 94  ? -2.499  10.619  -12.514 1.00 13.71 ? 94  ASN A N   1 
ATOM   721  C CA  . ASN A 1 94  ? -1.555  11.273  -13.418 1.00 13.45 ? 94  ASN A CA  1 
ATOM   722  C C   . ASN A 1 94  ? -0.126  10.916  -13.010 1.00 13.94 ? 94  ASN A C   1 
ATOM   723  O O   . ASN A 1 94  ? 0.480   11.575  -12.190 1.00 13.26 ? 94  ASN A O   1 
ATOM   724  C CB  . ASN A 1 94  ? -1.707  12.807  -13.451 1.00 13.12 ? 94  ASN A CB  1 
ATOM   725  C CG  . ASN A 1 94  ? -0.800  13.452  -14.492 1.00 11.43 ? 94  ASN A CG  1 
ATOM   726  O OD1 . ASN A 1 94  ? -0.190  12.750  -15.253 1.00 10.71 ? 94  ASN A OD1 1 
ATOM   727  N ND2 . ASN A 1 94  ? -0.736  14.804  -14.539 1.00 11.31 ? 94  ASN A ND2 1 
ATOM   728  N N   . PRO A 1 95  ? 0.408   9.868   -13.591 1.00 14.57 ? 95  PRO A N   1 
ATOM   729  C CA  . PRO A 1 95  ? 1.758   9.446   -13.264 1.00 14.61 ? 95  PRO A CA  1 
ATOM   730  C C   . PRO A 1 95  ? 2.767   10.510  -13.692 1.00 14.19 ? 95  PRO A C   1 
ATOM   731  O O   . PRO A 1 95  ? 3.919   10.425  -13.238 1.00 14.48 ? 95  PRO A O   1 
ATOM   732  C CB  . PRO A 1 95  ? 1.942   8.165   -14.067 1.00 15.28 ? 95  PRO A CB  1 
ATOM   733  C CG  . PRO A 1 95  ? 0.598   7.808   -14.536 1.00 16.86 ? 95  PRO A CG  1 
ATOM   734  C CD  . PRO A 1 95  ? -0.201  9.045   -14.634 1.00 15.33 ? 95  PRO A CD  1 
ATOM   735  N N   . ASP A 1 96  ? 2.389   11.489  -14.523 1.00 13.45 ? 96  ASP A N   1 
ATOM   736  C CA  . ASP A 1 96  ? 3.367   12.521  -14.896 1.00 14.21 ? 96  ASP A CA  1 
ATOM   737  C C   . ASP A 1 96  ? 3.544   13.602  -13.808 1.00 14.50 ? 96  ASP A C   1 
ATOM   738  O O   . ASP A 1 96  ? 4.344   14.530  -14.001 1.00 14.41 ? 96  ASP A O   1 
ATOM   739  C CB  . ASP A 1 96  ? 3.035   13.267  -16.179 1.00 14.28 ? 96  ASP A CB  1 
ATOM   740  C CG  . ASP A 1 96  ? 2.851   12.383  -17.378 1.00 14.64 ? 96  ASP A CG  1 
ATOM   741  O OD1 . ASP A 1 96  ? 3.248   11.192  -17.414 1.00 12.54 ? 96  ASP A OD1 1 
ATOM   742  O OD2 . ASP A 1 96  ? 2.282   12.852  -18.358 1.00 13.90 ? 96  ASP A OD2 1 
ATOM   743  N N   . ASP A 1 97  ? 2.793   13.510  -12.716 1.00 14.68 ? 97  ASP A N   1 
ATOM   744  C CA  . ASP A 1 97  ? 2.791   14.556  -11.672 1.00 16.06 ? 97  ASP A CA  1 
ATOM   745  C C   . ASP A 1 97  ? 2.805   13.897  -10.290 1.00 16.20 ? 97  ASP A C   1 
ATOM   746  O O   . ASP A 1 97  ? 1.742   13.763  -9.607  1.00 16.47 ? 97  ASP A O   1 
ATOM   747  C CB  . ASP A 1 97  ? 1.558   15.481  -11.884 1.00 16.11 ? 97  ASP A CB  1 
ATOM   748  C CG  . ASP A 1 97  ? 1.487   16.669  -10.883 1.00 20.35 ? 97  ASP A CG  1 
ATOM   749  O OD1 . ASP A 1 97  ? 2.536   17.146  -10.391 1.00 17.92 ? 97  ASP A OD1 1 
ATOM   750  O OD2 . ASP A 1 97  ? 0.394   17.182  -10.529 1.00 22.37 ? 97  ASP A OD2 1 
ATOM   751  N N   . VAL A 1 98  ? 3.997   13.470  -9.863  1.00 15.90 ? 98  VAL A N   1 
ATOM   752  C CA  . VAL A 1 98  ? 4.127   12.727  -8.583  1.00 17.45 ? 98  VAL A CA  1 
ATOM   753  C C   . VAL A 1 98  ? 5.387   13.214  -7.925  1.00 17.14 ? 98  VAL A C   1 
ATOM   754  O O   . VAL A 1 98  ? 6.371   13.372  -8.626  1.00 15.74 ? 98  VAL A O   1 
ATOM   755  C CB  . VAL A 1 98  ? 4.235   11.189  -8.856  1.00 18.10 ? 98  VAL A CB  1 
ATOM   756  C CG1 . VAL A 1 98  ? 4.060   10.915  -10.295 1.00 23.02 ? 98  VAL A CG1 1 
ATOM   757  C CG2 . VAL A 1 98  ? 5.580   10.663  -8.562  1.00 21.04 ? 98  VAL A CG2 1 
ATOM   758  N N   . GLN A 1 99  ? 5.355   13.514  -6.625  1.00 17.55 ? 99  GLN A N   1 
ATOM   759  C CA  . GLN A 1 99  ? 6.556   14.033  -5.932  1.00 17.81 ? 99  GLN A CA  1 
ATOM   760  C C   . GLN A 1 99  ? 7.170   13.040  -4.933  1.00 18.24 ? 99  GLN A C   1 
ATOM   761  O O   . GLN A 1 99  ? 7.014   13.176  -3.721  1.00 18.72 ? 99  GLN A O   1 
ATOM   762  C CB  . GLN A 1 99  ? 6.290   15.379  -5.242  1.00 16.13 ? 99  GLN A CB  1 
ATOM   763  C CG  . GLN A 1 99  ? 6.082   16.515  -6.188  1.00 15.40 ? 99  GLN A CG  1 
ATOM   764  C CD  . GLN A 1 99  ? 4.889   16.321  -7.103  1.00 16.06 ? 99  GLN A CD  1 
ATOM   765  O OE1 . GLN A 1 99  ? 3.756   16.278  -6.637  1.00 13.53 ? 99  GLN A OE1 1 
ATOM   766  N NE2 . GLN A 1 99  ? 5.141   16.240  -8.411  1.00 14.18 ? 99  GLN A NE2 1 
ATOM   767  N N   . LEU A 1 100 ? 7.940   12.095  -5.468  1.00 19.94 ? 100 LEU A N   1 
ATOM   768  C CA  . LEU A 1 100 ? 8.686   11.125  -4.663  1.00 20.83 ? 100 LEU A CA  1 
ATOM   769  C C   . LEU A 1 100 ? 10.154  11.556  -4.424  1.00 21.17 ? 100 LEU A C   1 
ATOM   770  O O   . LEU A 1 100 ? 10.758  12.214  -5.264  1.00 21.50 ? 100 LEU A O   1 
ATOM   771  C CB  . LEU A 1 100 ? 8.611   9.764   -5.352  1.00 20.62 ? 100 LEU A CB  1 
ATOM   772  C CG  . LEU A 1 100 ? 7.220   9.339   -5.895  1.00 22.59 ? 100 LEU A CG  1 
ATOM   773  C CD1 . LEU A 1 100 ? 7.269   8.019   -6.657  1.00 23.45 ? 100 LEU A CD1 1 
ATOM   774  C CD2 . LEU A 1 100 ? 6.156   9.213   -4.809  1.00 23.13 ? 100 LEU A CD2 1 
ATOM   775  N N   . SER A 1 101 ? 10.746  11.157  -3.291  1.00 22.14 ? 101 SER A N   1 
ATOM   776  C CA  . SER A 1 101 ? 12.158  11.497  -2.956  1.00 22.51 ? 101 SER A CA  1 
ATOM   777  C C   . SER A 1 101 ? 13.226  11.037  -3.916  1.00 22.26 ? 101 SER A C   1 
ATOM   778  O O   . SER A 1 101 ? 13.052  10.081  -4.662  1.00 23.45 ? 101 SER A O   1 
ATOM   779  C CB  . SER A 1 101 ? 12.589  10.834  -1.632  1.00 22.76 ? 101 SER A CB  1 
ATOM   780  O OG  . SER A 1 101 ? 12.305  11.654  -0.498  1.00 25.89 ? 101 SER A OG  1 
ATOM   781  N N   . HIS A 1 102 ? 14.387  11.664  -3.802  1.00 22.29 ? 102 HIS A N   1 
ATOM   782  C CA  . HIS A 1 102 ? 15.572  11.221  -4.502  1.00 21.74 ? 102 HIS A CA  1 
ATOM   783  C C   . HIS A 1 102 ? 16.723  11.388  -3.510  1.00 22.17 ? 102 HIS A C   1 
ATOM   784  O O   . HIS A 1 102 ? 17.910  11.122  -3.805  1.00 23.30 ? 102 HIS A O   1 
ATOM   785  C CB  . HIS A 1 102 ? 15.721  11.973  -5.833  1.00 22.07 ? 102 HIS A CB  1 
ATOM   786  C CG  . HIS A 1 102 ? 14.704  11.564  -6.857  1.00 20.64 ? 102 HIS A CG  1 
ATOM   787  N ND1 . HIS A 1 102 ? 14.567  10.259  -7.288  1.00 21.64 ? 102 HIS A ND1 1 
ATOM   788  C CD2 . HIS A 1 102 ? 13.748  12.275  -7.505  1.00 21.12 ? 102 HIS A CD2 1 
ATOM   789  C CE1 . HIS A 1 102 ? 13.566  10.181  -8.148  1.00 20.46 ? 102 HIS A CE1 1 
ATOM   790  N NE2 . HIS A 1 102 ? 13.047  11.392  -8.295  1.00 20.72 ? 102 HIS A NE2 1 
ATOM   791  N N   . ASN A 1 106 ? 14.571  5.294   -1.961  1.00 18.91 ? 106 ASN A N   1 
ATOM   792  C CA  . ASN A 1 106 ? 13.928  4.297   -1.145  1.00 18.74 ? 106 ASN A CA  1 
ATOM   793  C C   . ASN A 1 106 ? 12.559  3.811   -1.661  1.00 17.58 ? 106 ASN A C   1 
ATOM   794  O O   . ASN A 1 106 ? 11.729  3.353   -0.894  1.00 15.80 ? 106 ASN A O   1 
ATOM   795  C CB  . ASN A 1 106 ? 13.793  4.844   0.268   1.00 20.47 ? 106 ASN A CB  1 
ATOM   796  C CG  . ASN A 1 106 ? 13.087  6.175   0.317   1.00 23.66 ? 106 ASN A CG  1 
ATOM   797  O OD1 . ASN A 1 106 ? 13.687  7.224   0.053   1.00 27.09 ? 106 ASN A OD1 1 
ATOM   798  N ND2 . ASN A 1 106 ? 11.792  6.146   0.697   1.00 28.48 ? 106 ASN A ND2 1 
ATOM   799  N N   . TRP A 1 107 ? 12.317  3.931   -2.960  1.00 16.02 ? 107 TRP A N   1 
ATOM   800  C CA  . TRP A 1 107 ? 11.047  3.466   -3.512  1.00 15.57 ? 107 TRP A CA  1 
ATOM   801  C C   . TRP A 1 107 ? 11.228  2.918   -4.880  1.00 14.55 ? 107 TRP A C   1 
ATOM   802  O O   . TRP A 1 107 ? 12.227  3.229   -5.510  1.00 11.29 ? 107 TRP A O   1 
ATOM   803  C CB  . TRP A 1 107 ? 10.034  4.601   -3.564  1.00 16.35 ? 107 TRP A CB  1 
ATOM   804  C CG  . TRP A 1 107 ? 10.577  5.871   -4.129  1.00 18.95 ? 107 TRP A CG  1 
ATOM   805  C CD1 . TRP A 1 107 ? 11.220  6.880   -3.456  1.00 20.34 ? 107 TRP A CD1 1 
ATOM   806  C CD2 . TRP A 1 107 ? 10.539  6.260   -5.483  1.00 21.83 ? 107 TRP A CD2 1 
ATOM   807  N NE1 . TRP A 1 107 ? 11.605  7.872   -4.327  1.00 20.60 ? 107 TRP A NE1 1 
ATOM   808  C CE2 . TRP A 1 107 ? 11.188  7.522   -5.583  1.00 23.46 ? 107 TRP A CE2 1 
ATOM   809  C CE3 . TRP A 1 107 ? 10.020  5.676   -6.628  1.00 24.79 ? 107 TRP A CE3 1 
ATOM   810  C CZ2 . TRP A 1 107 ? 11.308  8.209   -6.766  1.00 23.95 ? 107 TRP A CZ2 1 
ATOM   811  C CZ3 . TRP A 1 107 ? 10.162  6.346   -7.820  1.00 28.88 ? 107 TRP A CZ3 1 
ATOM   812  C CH2 . TRP A 1 107 ? 10.806  7.614   -7.881  1.00 27.99 ? 107 TRP A CH2 1 
ATOM   813  N N   . LYS A 1 108 ? 10.264  2.087   -5.307  1.00 12.46 ? 108 LYS A N   1 
ATOM   814  C CA  . LYS A 1 108 ? 10.235  1.436   -6.618  1.00 13.71 ? 108 LYS A CA  1 
ATOM   815  C C   . LYS A 1 108 ? 8.826   1.160   -7.162  1.00 12.92 ? 108 LYS A C   1 
ATOM   816  O O   . LYS A 1 108 ? 7.915   0.838   -6.406  1.00 10.86 ? 108 LYS A O   1 
ATOM   817  C CB  . LYS A 1 108 ? 10.911  0.074   -6.534  1.00 14.58 ? 108 LYS A CB  1 
ATOM   818  C CG  . LYS A 1 108 ? 12.113  -0.054  -7.388  1.00 18.76 ? 108 LYS A CG  1 
ATOM   819  C CD  . LYS A 1 108 ? 12.705  -1.479  -7.366  1.00 23.90 ? 108 LYS A CD  1 
ATOM   820  C CE  . LYS A 1 108 ? 13.531  -1.767  -6.093  1.00 23.65 ? 108 LYS A CE  1 
ATOM   821  N NZ  . LYS A 1 108 ? 14.942  -1.337  -6.270  1.00 21.06 ? 108 LYS A NZ  1 
ATOM   822  N N   . TRP A 1 109 ? 8.671   1.297   -8.473  1.00 12.38 ? 109 TRP A N   1 
ATOM   823  C CA  . TRP A 1 109 ? 7.448   0.924   -9.166  1.00 12.40 ? 109 TRP A CA  1 
ATOM   824  C C   . TRP A 1 109 ? 7.728   -0.508  -9.699  1.00 13.71 ? 109 TRP A C   1 
ATOM   825  O O   . TRP A 1 109 ? 8.769   -0.757  -10.360 1.00 13.54 ? 109 TRP A O   1 
ATOM   826  C CB  . TRP A 1 109 ? 7.110   1.904   -10.310 1.00 13.07 ? 109 TRP A CB  1 
ATOM   827  C CG  . TRP A 1 109 ? 6.592   3.263   -9.897  1.00 9.36  ? 109 TRP A CG  1 
ATOM   828  C CD1 . TRP A 1 109 ? 7.289   4.449   -9.875  1.00 13.03 ? 109 TRP A CD1 1 
ATOM   829  C CD2 . TRP A 1 109 ? 5.289   3.559   -9.427  1.00 9.64  ? 109 TRP A CD2 1 
ATOM   830  N NE1 . TRP A 1 109 ? 6.479   5.460   -9.418  1.00 11.88 ? 109 TRP A NE1 1 
ATOM   831  C CE2 . TRP A 1 109 ? 5.240   4.943   -9.149  1.00 11.56 ? 109 TRP A CE2 1 
ATOM   832  C CE3 . TRP A 1 109 ? 4.126   2.810   -9.265  1.00 9.35  ? 109 TRP A CE3 1 
ATOM   833  C CZ2 . TRP A 1 109 ? 4.099   5.561   -8.704  1.00 13.06 ? 109 TRP A CZ2 1 
ATOM   834  C CZ3 . TRP A 1 109 ? 2.975   3.443   -8.786  1.00 12.15 ? 109 TRP A CZ3 1 
ATOM   835  C CH2 . TRP A 1 109 ? 2.981   4.784   -8.492  1.00 10.81 ? 109 TRP A CH2 1 
ATOM   836  N N   . CYS A 1 110 ? 6.828   -1.438  -9.398  1.00 12.78 ? 110 CYS A N   1 
ATOM   837  C CA  . CYS A 1 110 ? 7.036   -2.848  -9.715  1.00 13.34 ? 110 CYS A CA  1 
ATOM   838  C C   . CYS A 1 110 ? 5.825   -3.544  -10.315 1.00 13.09 ? 110 CYS A C   1 
ATOM   839  O O   . CYS A 1 110 ? 4.740   -3.492  -9.740  1.00 12.90 ? 110 CYS A O   1 
ATOM   840  C CB  . CYS A 1 110 ? 7.344   -3.626  -8.435  1.00 13.70 ? 110 CYS A CB  1 
ATOM   841  S SG  . CYS A 1 110 ? 8.772   -3.097  -7.493  1.00 16.21 ? 110 CYS A SG  1 
ATOM   842  N N   . GLU A 1 111 ? 6.024   -4.227  -11.443 1.00 11.61 ? 111 GLU A N   1 
ATOM   843  C CA  . GLU A 1 111 ? 4.983   -5.111  -11.978 1.00 12.39 ? 111 GLU A CA  1 
ATOM   844  C C   . GLU A 1 111 ? 4.749   -6.283  -10.978 1.00 12.12 ? 111 GLU A C   1 
ATOM   845  O O   . GLU A 1 111 ? 5.590   -6.572  -10.150 1.00 11.53 ? 111 GLU A O   1 
ATOM   846  C CB  . GLU A 1 111 ? 5.378   -5.669  -13.379 1.00 13.24 ? 111 GLU A CB  1 
ATOM   847  C CG  . GLU A 1 111 ? 5.305   -4.651  -14.517 1.00 14.92 ? 111 GLU A CG  1 
ATOM   848  C CD  . GLU A 1 111 ? 5.626   -5.216  -15.919 1.00 16.62 ? 111 GLU A CD  1 
ATOM   849  O OE1 . GLU A 1 111 ? 5.354   -6.375  -16.202 1.00 16.06 ? 111 GLU A OE1 1 
ATOM   850  O OE2 . GLU A 1 111 ? 6.136   -4.457  -16.742 1.00 21.64 ? 111 GLU A OE2 1 
ATOM   851  N N   . LEU A 1 112 ? 3.623   -6.975  -11.106 1.00 12.45 ? 112 LEU A N   1 
ATOM   852  C CA  . LEU A 1 112 ? 3.234   -8.029  -10.147 1.00 12.54 ? 112 LEU A CA  1 
ATOM   853  C C   . LEU A 1 112 ? 4.364   -8.972  -9.697  1.00 13.22 ? 112 LEU A C   1 
ATOM   854  O O   . LEU A 1 112 ? 4.641   -9.067  -8.511  1.00 12.11 ? 112 LEU A O   1 
ATOM   855  C CB  . LEU A 1 112 ? 2.045   -8.841  -10.691 1.00 12.52 ? 112 LEU A CB  1 
ATOM   856  C CG  . LEU A 1 112 ? 1.473   -9.975  -9.809  1.00 12.02 ? 112 LEU A CG  1 
ATOM   857  C CD1 . LEU A 1 112 ? 1.048   -9.474  -8.442  1.00 12.12 ? 112 LEU A CD1 1 
ATOM   858  C CD2 . LEU A 1 112 ? 0.287   -10.671 -10.489 1.00 13.68 ? 112 LEU A CD2 1 
ATOM   859  N N   . GLU A 1 113 ? 5.005   -9.653  -10.637 1.00 13.40 ? 113 GLU A N   1 
ATOM   860  C CA  . GLU A 1 113 ? 6.013   -10.643 -10.298 1.00 14.52 ? 113 GLU A CA  1 
ATOM   861  C C   . GLU A 1 113 ? 7.160   -10.080 -9.507  1.00 14.46 ? 113 GLU A C   1 
ATOM   862  O O   . GLU A 1 113 ? 7.663   -10.715 -8.580  1.00 12.84 ? 113 GLU A O   1 
ATOM   863  C CB  . GLU A 1 113 ? 6.603   -11.269 -11.565 1.00 15.89 ? 113 GLU A CB  1 
ATOM   864  C CG  . GLU A 1 113 ? 5.720   -12.324 -12.148 1.00 18.98 ? 113 GLU A CG  1 
ATOM   865  C CD  . GLU A 1 113 ? 4.640   -11.738 -13.044 1.00 24.77 ? 113 GLU A CD  1 
ATOM   866  O OE1 . GLU A 1 113 ? 4.561   -10.470 -13.164 1.00 26.93 ? 113 GLU A OE1 1 
ATOM   867  O OE2 . GLU A 1 113 ? 3.879   -12.557 -13.659 1.00 26.45 ? 113 GLU A OE2 1 
ATOM   868  N N   . ASP A 1 114 ? 7.592   -8.891  -9.904  1.00 14.54 ? 114 ASP A N   1 
ATOM   869  C CA  . ASP A 1 114 ? 8.759   -8.268  -9.289  1.00 14.89 ? 114 ASP A CA  1 
ATOM   870  C C   . ASP A 1 114 ? 8.329   -7.787  -7.931  1.00 14.24 ? 114 ASP A C   1 
ATOM   871  O O   . ASP A 1 114 ? 9.120   -7.783  -6.998  1.00 13.48 ? 114 ASP A O   1 
ATOM   872  C CB  . ASP A 1 114 ? 9.315   -7.092  -10.134 1.00 15.18 ? 114 ASP A CB  1 
ATOM   873  C CG  . ASP A 1 114 ? 9.923   -7.544  -11.492 1.00 18.46 ? 114 ASP A CG  1 
ATOM   874  O OD1 . ASP A 1 114 ? 10.441  -8.671  -11.589 1.00 21.74 ? 114 ASP A OD1 1 
ATOM   875  O OD2 . ASP A 1 114 ? 9.965   -6.813  -12.525 1.00 21.80 ? 114 ASP A OD2 1 
ATOM   876  N N   . ALA A 1 115 ? 7.070   -7.354  -7.833  1.00 12.96 ? 115 ALA A N   1 
ATOM   877  C CA  . ALA A 1 115 ? 6.570   -6.833  -6.579  1.00 12.59 ? 115 ALA A CA  1 
ATOM   878  C C   . ALA A 1 115 ? 6.561   -7.961  -5.547  1.00 13.32 ? 115 ALA A C   1 
ATOM   879  O O   . ALA A 1 115 ? 6.970   -7.745  -4.395  1.00 13.39 ? 115 ALA A O   1 
ATOM   880  C CB  . ALA A 1 115 ? 5.200   -6.280  -6.770  1.00 13.48 ? 115 ALA A CB  1 
ATOM   881  N N   . ILE A 1 116 ? 6.137   -9.166  -5.969  1.00 11.93 ? 116 ILE A N   1 
ATOM   882  C CA  . ILE A 1 116 ? 6.069   -10.312 -5.050  1.00 12.93 ? 116 ILE A CA  1 
ATOM   883  C C   . ILE A 1 116 ? 7.438   -10.662 -4.532  1.00 12.50 ? 116 ILE A C   1 
ATOM   884  O O   . ILE A 1 116 ? 7.645   -10.881 -3.340  1.00 12.19 ? 116 ILE A O   1 
ATOM   885  C CB  . ILE A 1 116 ? 5.428   -11.527 -5.735  1.00 13.43 ? 116 ILE A CB  1 
ATOM   886  C CG1 . ILE A 1 116 ? 3.963   -11.241 -6.031  1.00 13.36 ? 116 ILE A CG1 1 
ATOM   887  C CG2 . ILE A 1 116 ? 5.537   -12.788 -4.843  1.00 15.34 ? 116 ILE A CG2 1 
ATOM   888  C CD1 . ILE A 1 116 ? 3.309   -12.305 -6.961  1.00 15.06 ? 116 ILE A CD1 1 
ATOM   889  N N   . LYS A 1 117 ? 8.383   -10.695 -5.458  1.00 12.43 ? 117 LYS A N   1 
ATOM   890  C CA  . LYS A 1 117 ? 9.742   -10.994 -5.148  1.00 12.44 ? 117 LYS A CA  1 
ATOM   891  C C   . LYS A 1 117 ? 10.364  -10.094 -4.080  1.00 12.12 ? 117 LYS A C   1 
ATOM   892  O O   . LYS A 1 117 ? 11.024  -10.591 -3.183  1.00 11.26 ? 117 LYS A O   1 
ATOM   893  C CB  . LYS A 1 117 ? 10.599  -10.964 -6.431  1.00 12.54 ? 117 LYS A CB  1 
ATOM   894  N N   . ILE A 1 118 ? 10.208  -8.792  -4.171  1.00 12.94 ? 118 ILE A N   1 
ATOM   895  C CA  . ILE A 1 118 ? 10.867  -7.947  -3.163  1.00 14.95 ? 118 ILE A CA  1 
ATOM   896  C C   . ILE A 1 118 ? 10.044  -7.721  -1.910  1.00 15.32 ? 118 ILE A C   1 
ATOM   897  O O   . ILE A 1 118 ? 10.582  -7.349  -0.873  1.00 14.79 ? 118 ILE A O   1 
ATOM   898  C CB  . ILE A 1 118 ? 11.341  -6.626  -3.754  1.00 15.94 ? 118 ILE A CB  1 
ATOM   899  C CG1 . ILE A 1 118 ? 10.213  -5.659  -3.844  1.00 16.79 ? 118 ILE A CG1 1 
ATOM   900  C CG2 . ILE A 1 118 ? 12.015  -6.874  -5.114  1.00 17.92 ? 118 ILE A CG2 1 
ATOM   901  C CD1 . ILE A 1 118 ? 10.704  -4.268  -4.013  1.00 21.23 ? 118 ILE A CD1 1 
ATOM   902  N N   . ALA A 1 119 ? 8.743   -7.965  -1.984  1.00 15.69 ? 119 ALA A N   1 
ATOM   903  C CA  . ALA A 1 119 ? 7.933   -7.898  -0.778  1.00 16.89 ? 119 ALA A CA  1 
ATOM   904  C C   . ALA A 1 119 ? 8.312   -9.094  0.075   1.00 17.48 ? 119 ALA A C   1 
ATOM   905  O O   . ALA A 1 119 ? 8.268   -9.056  1.308   1.00 17.90 ? 119 ALA A O   1 
ATOM   906  C CB  . ALA A 1 119 ? 6.460   -7.911  -1.116  1.00 16.98 ? 119 ALA A CB  1 
ATOM   907  N N   . ASP A 1 120 ? 8.713   -10.174 -0.582  1.00 17.92 ? 120 ASP A N   1 
ATOM   908  C CA  . ASP A 1 120 ? 9.140   -11.357 0.128   1.00 18.34 ? 120 ASP A CA  1 
ATOM   909  C C   . ASP A 1 120 ? 8.296   -11.675 1.399   1.00 18.61 ? 120 ASP A C   1 
ATOM   910  O O   . ASP A 1 120 ? 8.839   -11.907 2.483   1.00 19.22 ? 120 ASP A O   1 
ATOM   911  C CB  . ASP A 1 120 ? 10.617  -11.180 0.514   1.00 18.61 ? 120 ASP A CB  1 
ATOM   912  C CG  . ASP A 1 120 ? 11.247  -12.452 0.950   1.00 18.77 ? 120 ASP A CG  1 
ATOM   913  O OD1 . ASP A 1 120 ? 12.140  -12.421 1.835   1.00 19.11 ? 120 ASP A OD1 1 
ATOM   914  O OD2 . ASP A 1 120 ? 10.916  -13.541 0.452   1.00 21.23 ? 120 ASP A OD2 1 
ATOM   915  N N   . TYR A 1 121 ? 6.984   -11.722 1.230   1.00 18.14 ? 121 TYR A N   1 
ATOM   916  C CA  . TYR A 1 121 ? 6.040   -11.975 2.296   1.00 17.77 ? 121 TYR A CA  1 
ATOM   917  C C   . TYR A 1 121 ? 4.807   -12.663 1.701   1.00 17.21 ? 121 TYR A C   1 
ATOM   918  O O   . TYR A 1 121 ? 4.016   -12.043 0.973   1.00 16.18 ? 121 TYR A O   1 
ATOM   919  C CB  . TYR A 1 121 ? 5.567   -10.655 2.928   1.00 18.49 ? 121 TYR A CB  1 
ATOM   920  C CG  . TYR A 1 121 ? 4.754   -10.931 4.173   1.00 20.43 ? 121 TYR A CG  1 
ATOM   921  C CD1 . TYR A 1 121 ? 5.106   -11.975 4.999   1.00 25.04 ? 121 TYR A CD1 1 
ATOM   922  C CD2 . TYR A 1 121 ? 3.637   -10.196 4.490   1.00 23.43 ? 121 TYR A CD2 1 
ATOM   923  C CE1 . TYR A 1 121 ? 4.409   -12.258 6.129   1.00 28.21 ? 121 TYR A CE1 1 
ATOM   924  C CE2 . TYR A 1 121 ? 2.896   -10.484 5.643   1.00 26.12 ? 121 TYR A CE2 1 
ATOM   925  C CZ  . TYR A 1 121 ? 3.288   -11.521 6.443   1.00 27.09 ? 121 TYR A CZ  1 
ATOM   926  O OH  . TYR A 1 121 ? 2.619   -11.861 7.592   1.00 27.98 ? 121 TYR A OH  1 
ATOM   927  N N   . ALA A 1 122 ? 4.617   -13.934 2.010   1.00 16.21 ? 122 ALA A N   1 
ATOM   928  C CA  . ALA A 1 122 ? 3.558   -14.725 1.361   1.00 15.73 ? 122 ALA A CA  1 
ATOM   929  C C   . ALA A 1 122 ? 2.171   -14.059 1.288   1.00 15.10 ? 122 ALA A C   1 
ATOM   930  O O   . ALA A 1 122 ? 1.527   -14.009 0.204   1.00 11.83 ? 122 ALA A O   1 
ATOM   931  C CB  . ALA A 1 122 ? 3.484   -16.151 2.003   1.00 15.88 ? 122 ALA A CB  1 
ATOM   932  N N   . GLU A 1 123 ? 1.730   -13.509 2.422   1.00 15.10 ? 123 GLU A N   1 
ATOM   933  C CA  . GLU A 1 123 ? 0.410   -12.916 2.509   1.00 14.17 ? 123 GLU A CA  1 
ATOM   934  C C   . GLU A 1 123 ? 0.261   -11.651 1.645   1.00 14.52 ? 123 GLU A C   1 
ATOM   935  O O   . GLU A 1 123 ? -0.803  -11.422 1.079   1.00 14.49 ? 123 GLU A O   1 
ATOM   936  C CB  . GLU A 1 123 ? 0.068   -12.620 3.960   1.00 15.61 ? 123 GLU A CB  1 
ATOM   937  N N   . MET A 1 124 ? 1.313   -10.838 1.551   1.00 13.86 ? 124 MET A N   1 
ATOM   938  C CA  . MET A 1 124 ? 1.286   -9.668  0.705   1.00 13.29 ? 124 MET A CA  1 
ATOM   939  C C   . MET A 1 124 ? 1.225   -10.103 -0.755  1.00 12.72 ? 124 MET A C   1 
ATOM   940  O O   . MET A 1 124 ? 0.564   -9.465  -1.569  1.00 12.95 ? 124 MET A O   1 
ATOM   941  C CB  . MET A 1 124 ? 2.527   -8.807  0.936   1.00 14.21 ? 124 MET A CB  1 
ATOM   942  C CG  . MET A 1 124 ? 2.612   -7.544  0.069   1.00 13.48 ? 124 MET A CG  1 
ATOM   943  S SD  . MET A 1 124 ? 1.335   -6.356  0.309   1.00 17.85 ? 124 MET A SD  1 
ATOM   944  C CE  . MET A 1 124 ? 1.686   -5.887  1.909   1.00 18.48 ? 124 MET A CE  1 
ATOM   945  N N   . GLY A 1 125 ? 1.975   -11.140 -1.096  1.00 12.36 ? 125 GLY A N   1 
ATOM   946  C CA  . GLY A 1 125 ? 1.899   -11.665 -2.443  1.00 12.56 ? 125 GLY A CA  1 
ATOM   947  C C   . GLY A 1 125 ? 0.465   -12.076 -2.805  1.00 11.74 ? 125 GLY A C   1 
ATOM   948  O O   . GLY A 1 125 ? -0.015  -11.789 -3.881  1.00 11.33 ? 125 GLY A O   1 
ATOM   949  N N   . SER A 1 126 ? -0.220  -12.739 -1.904  1.00 11.30 ? 126 SER A N   1 
ATOM   950  C CA  . SER A 1 126 ? -1.568  -13.150 -2.181  1.00 12.24 ? 126 SER A CA  1 
ATOM   951  C C   . SER A 1 126 ? -2.480  -11.924 -2.350  1.00 12.65 ? 126 SER A C   1 
ATOM   952  O O   . SER A 1 126 ? -3.339  -11.890 -3.239  1.00 11.50 ? 126 SER A O   1 
ATOM   953  C CB  . SER A 1 126 ? -2.066  -14.046 -1.064  1.00 12.89 ? 126 SER A CB  1 
ATOM   954  O OG  . SER A 1 126 ? -1.263  -15.211 -1.013  1.00 13.68 ? 126 SER A OG  1 
ATOM   955  N N   . LEU A 1 127 ? -2.266  -10.902 -1.535  1.00 13.24 ? 127 LEU A N   1 
ATOM   956  C CA  . LEU A 1 127 ? -3.060  -9.689  -1.662  1.00 13.57 ? 127 LEU A CA  1 
ATOM   957  C C   . LEU A 1 127 ? -2.836  -9.007  -3.008  1.00 12.73 ? 127 LEU A C   1 
ATOM   958  O O   . LEU A 1 127 ? -3.758  -8.544  -3.662  1.00 12.47 ? 127 LEU A O   1 
ATOM   959  C CB  . LEU A 1 127 ? -2.708  -8.743  -0.519  1.00 14.09 ? 127 LEU A CB  1 
ATOM   960  C CG  . LEU A 1 127 ? -3.497  -7.442  -0.449  1.00 16.57 ? 127 LEU A CG  1 
ATOM   961  C CD1 . LEU A 1 127 ? -3.612  -6.942  1.004   1.00 18.10 ? 127 LEU A CD1 1 
ATOM   962  C CD2 . LEU A 1 127 ? -2.877  -6.410  -1.325  1.00 17.72 ? 127 LEU A CD2 1 
ATOM   963  N N   . LEU A 1 128 ? -1.587  -8.883  -3.406  1.00 12.72 ? 128 LEU A N   1 
ATOM   964  C CA  . LEU A 1 128 ? -1.327  -8.224  -4.658  1.00 12.94 ? 128 LEU A CA  1 
ATOM   965  C C   . LEU A 1 128 ? -1.998  -9.008  -5.836  1.00 12.96 ? 128 LEU A C   1 
ATOM   966  O O   . LEU A 1 128 ? -2.495  -8.391  -6.785  1.00 14.22 ? 128 LEU A O   1 
ATOM   967  C CB  . LEU A 1 128 ? 0.169   -8.072  -4.870  1.00 12.89 ? 128 LEU A CB  1 
ATOM   968  C CG  . LEU A 1 128 ? 0.860   -7.047  -3.974  1.00 13.58 ? 128 LEU A CG  1 
ATOM   969  C CD1 . LEU A 1 128 ? 2.346   -7.031  -4.215  1.00 14.35 ? 128 LEU A CD1 1 
ATOM   970  C CD2 . LEU A 1 128 ? 0.298   -5.684  -4.198  1.00 12.86 ? 128 LEU A CD2 1 
ATOM   971  N N   . ARG A 1 129 ? -1.987  -10.329 -5.807  1.00 12.45 ? 129 ARG A N   1 
ATOM   972  C CA  . ARG A 1 129 ? -2.640  -11.107 -6.863  1.00 12.62 ? 129 ARG A CA  1 
ATOM   973  C C   . ARG A 1 129 ? -4.181  -10.851 -6.855  1.00 13.37 ? 129 ARG A C   1 
ATOM   974  O O   . ARG A 1 129 ? -4.810  -10.750 -7.928  1.00 13.77 ? 129 ARG A O   1 
ATOM   975  C CB  . ARG A 1 129 ? -2.361  -12.612 -6.703  1.00 12.37 ? 129 ARG A CB  1 
ATOM   976  C CG  . ARG A 1 129 ? -0.956  -13.051 -7.075  1.00 11.70 ? 129 ARG A CG  1 
ATOM   977  C CD  . ARG A 1 129 ? -0.753  -14.586 -7.170  1.00 12.09 ? 129 ARG A CD  1 
ATOM   978  N NE  . ARG A 1 129 ? -0.789  -15.179 -5.834  1.00 13.26 ? 129 ARG A NE  1 
ATOM   979  C CZ  . ARG A 1 129 ? 0.274   -15.394 -5.062  1.00 14.26 ? 129 ARG A CZ  1 
ATOM   980  N NH1 . ARG A 1 129 ? 1.477   -15.162 -5.523  1.00 14.54 ? 129 ARG A NH1 1 
ATOM   981  N NH2 . ARG A 1 129 ? 0.134   -15.908 -3.834  1.00 12.91 ? 129 ARG A NH2 1 
ATOM   982  N N   . LYS A 1 130 ? -4.777  -10.792 -5.667  1.00 12.43 ? 130 LYS A N   1 
ATOM   983  C CA  . LYS A 1 130 ? -6.205  -10.475 -5.561  1.00 13.32 ? 130 LYS A CA  1 
ATOM   984  C C   . LYS A 1 130 ? -6.499  -9.120  -6.181  1.00 12.29 ? 130 LYS A C   1 
ATOM   985  O O   . LYS A 1 130 ? -7.428  -9.003  -6.992  1.00 12.84 ? 130 LYS A O   1 
ATOM   986  C CB  . LYS A 1 130 ? -6.735  -10.527 -4.112  1.00 13.40 ? 130 LYS A CB  1 
ATOM   987  N N   . PHE A 1 131 ? -5.680  -8.121  -5.894  1.00 12.38 ? 131 PHE A N   1 
ATOM   988  C CA  . PHE A 1 131 ? -5.913  -6.777  -6.457  1.00 12.52 ? 131 PHE A CA  1 
ATOM   989  C C   . PHE A 1 131 ? -5.675  -6.736  -7.999  1.00 13.33 ? 131 PHE A C   1 
ATOM   990  O O   . PHE A 1 131 ? -6.357  -5.993  -8.744  1.00 13.74 ? 131 PHE A O   1 
ATOM   991  C CB  . PHE A 1 131 ? -5.058  -5.751  -5.749  1.00 13.16 ? 131 PHE A CB  1 
ATOM   992  C CG  . PHE A 1 131 ? -5.543  -5.346  -4.361  1.00 10.83 ? 131 PHE A CG  1 
ATOM   993  C CD1 . PHE A 1 131 ? -4.940  -4.269  -3.707  1.00 10.74 ? 131 PHE A CD1 1 
ATOM   994  C CD2 . PHE A 1 131 ? -6.532  -6.036  -3.714  1.00 13.75 ? 131 PHE A CD2 1 
ATOM   995  C CE1 . PHE A 1 131 ? -5.343  -3.874  -2.448  1.00 13.40 ? 131 PHE A CE1 1 
ATOM   996  C CE2 . PHE A 1 131 ? -6.953  -5.660  -2.429  1.00 15.64 ? 131 PHE A CE2 1 
ATOM   997  C CZ  . PHE A 1 131 ? -6.364  -4.579  -1.794  1.00 16.00 ? 131 PHE A CZ  1 
ATOM   998  N N   . SER A 1 132 ? -4.754  -7.576  -8.485  1.00 14.14 ? 132 SER A N   1 
ATOM   999  C CA  . SER A 1 132 ? -4.460  -7.658  -9.933  1.00 13.86 ? 132 SER A CA  1 
ATOM   1000 C C   . SER A 1 132 ? -5.650  -8.225  -10.676 1.00 14.36 ? 132 SER A C   1 
ATOM   1001 O O   . SER A 1 132 ? -5.998  -7.756  -11.788 1.00 14.73 ? 132 SER A O   1 
ATOM   1002 C CB  . SER A 1 132 ? -3.224  -8.534  -10.226 1.00 13.99 ? 132 SER A CB  1 
ATOM   1003 O OG  . SER A 1 132 ? -2.066  -7.841  -9.782  1.00 16.07 ? 132 SER A OG  1 
ATOM   1004 N N   . ALA A 1 133 ? -6.284  -9.232  -10.082 1.00 13.94 ? 133 ALA A N   1 
ATOM   1005 C CA  . ALA A 1 133 ? -7.455  -9.829  -10.700 1.00 14.64 ? 133 ALA A CA  1 
ATOM   1006 C C   . ALA A 1 133 ? -8.625  -8.824  -10.695 1.00 15.44 ? 133 ALA A C   1 
ATOM   1007 O O   . ALA A 1 133 ? -9.425  -8.811  -11.632 1.00 15.41 ? 133 ALA A O   1 
ATOM   1008 C CB  . ALA A 1 133 ? -7.842  -11.091 -10.005 1.00 13.65 ? 133 ALA A CB  1 
ATOM   1009 N N   . PHE A 1 134 ? -8.764  -8.061  -9.608  1.00 15.34 ? 134 PHE A N   1 
ATOM   1010 C CA  . PHE A 1 134 ? -9.810  -7.056  -9.540  1.00 16.02 ? 134 PHE A CA  1 
ATOM   1011 C C   . PHE A 1 134 ? -9.631  -6.098  -10.728 1.00 16.37 ? 134 PHE A C   1 
ATOM   1012 O O   . PHE A 1 134 ? -10.576 -5.816  -11.483 1.00 15.55 ? 134 PHE A O   1 
ATOM   1013 C CB  . PHE A 1 134 ? -9.769  -6.298  -8.223  1.00 16.91 ? 134 PHE A CB  1 
ATOM   1014 C CG  . PHE A 1 134 ? -10.688 -5.085  -8.197  1.00 19.19 ? 134 PHE A CG  1 
ATOM   1015 C CD1 . PHE A 1 134 ? -12.022 -5.197  -7.819  1.00 22.34 ? 134 PHE A CD1 1 
ATOM   1016 C CD2 . PHE A 1 134 ? -10.221 -3.861  -8.570  1.00 21.98 ? 134 PHE A CD2 1 
ATOM   1017 C CE1 . PHE A 1 134 ? -12.848 -4.094  -7.815  1.00 23.15 ? 134 PHE A CE1 1 
ATOM   1018 C CE2 . PHE A 1 134 ? -11.058 -2.762  -8.566  1.00 23.57 ? 134 PHE A CE2 1 
ATOM   1019 C CZ  . PHE A 1 134 ? -12.359 -2.884  -8.191  1.00 21.44 ? 134 PHE A CZ  1 
ATOM   1020 N N   . LEU A 1 135 ? -8.405  -5.638  -10.928 1.00 16.12 ? 135 LEU A N   1 
ATOM   1021 C CA  . LEU A 1 135 ? -8.112  -4.754  -12.068 1.00 17.94 ? 135 LEU A CA  1 
ATOM   1022 C C   . LEU A 1 135 ? -8.359  -5.327  -13.454 1.00 18.37 ? 135 LEU A C   1 
ATOM   1023 O O   . LEU A 1 135 ? -8.651  -4.547  -14.402 1.00 17.07 ? 135 LEU A O   1 
ATOM   1024 C CB  . LEU A 1 135 ? -6.664  -4.259  -11.999 1.00 18.86 ? 135 LEU A CB  1 
ATOM   1025 C CG  . LEU A 1 135 ? -6.414  -3.152  -10.994 1.00 20.87 ? 135 LEU A CG  1 
ATOM   1026 C CD1 . LEU A 1 135 ? -4.918  -2.993  -10.731 1.00 23.12 ? 135 LEU A CD1 1 
ATOM   1027 C CD2 . LEU A 1 135 ? -7.010  -1.829  -11.545 1.00 22.51 ? 135 LEU A CD2 1 
ATOM   1028 N N   . ALA A 1 136 ? -8.290  -6.652  -13.591 1.00 19.60 ? 136 ALA A N   1 
ATOM   1029 C CA  . ALA A 1 136 ? -8.447  -7.305  -14.897 1.00 20.83 ? 136 ALA A CA  1 
ATOM   1030 C C   . ALA A 1 136 ? -9.898  -7.474  -15.374 1.00 21.75 ? 136 ALA A C   1 
ATOM   1031 O O   . ALA A 1 136 ? -10.827 -7.451  -14.563 1.00 23.39 ? 136 ALA A O   1 
ATOM   1032 C CB  . ALA A 1 136 ? -7.744  -8.663  -14.891 1.00 21.13 ? 136 ALA A CB  1 
HETATM 1033 O O   . HOH B 2 .   ? -3.110  10.879  0.822   1.00 17.90 ? 139 HOH A O   1 
HETATM 1034 O O   . HOH B 2 .   ? 1.417   -0.012  -3.667  1.00 16.81 ? 140 HOH A O   1 
HETATM 1035 O O   . HOH B 2 .   ? -2.665  11.963  -10.154 1.00 20.37 ? 141 HOH A O   1 
HETATM 1036 O O   . HOH B 2 .   ? -0.220  7.045   13.130  1.00 19.49 ? 142 HOH A O   1 
HETATM 1037 O O   . HOH B 2 .   ? 1.693   -5.835  -12.797 1.00 24.43 ? 143 HOH A O   1 
HETATM 1038 O O   . HOH B 2 .   ? -6.361  -2.902  10.703  1.00 21.81 ? 144 HOH A O   1 
HETATM 1039 O O   . HOH B 2 .   ? 2.249   4.373   12.039  1.00 24.50 ? 145 HOH A O   1 
HETATM 1040 O O   . HOH B 2 .   ? -9.168  5.377   16.125  1.00 32.41 ? 146 HOH A O   1 
HETATM 1041 O O   . HOH B 2 .   ? 1.525   -16.120 -1.656  1.00 22.21 ? 147 HOH A O   1 
HETATM 1042 O O   . HOH B 2 .   ? -1.422  2.700   -20.417 1.00 46.27 ? 148 HOH A O   1 
HETATM 1043 O O   . HOH B 2 .   ? -10.598 -5.928  4.549   1.00 19.41 ? 149 HOH A O   1 
HETATM 1044 O O   . HOH B 2 .   ? 4.810   2.446   4.780   1.00 23.21 ? 150 HOH A O   1 
HETATM 1045 O O   . HOH B 2 .   ? 7.154   7.921   -10.544 1.00 27.42 ? 151 HOH A O   1 
HETATM 1046 O O   . HOH B 2 .   ? -7.356  0.759   -13.675 1.00 41.29 ? 152 HOH A O   1 
HETATM 1047 O O   . HOH B 2 .   ? -12.944 12.054  12.039  1.00 34.82 ? 153 HOH A O   1 
HETATM 1048 O O   . HOH B 2 .   ? -11.886 1.239   10.604  1.00 30.17 ? 154 HOH A O   1 
HETATM 1049 O O   . HOH B 2 .   ? -15.790 2.907   9.039   1.00 28.52 ? 155 HOH A O   1 
HETATM 1050 O O   . HOH B 2 .   ? -0.832  13.919  -9.622  1.00 23.84 ? 156 HOH A O   1 
HETATM 1051 O O   . HOH B 2 .   ? -7.292  11.224  6.421   1.00 21.35 ? 157 HOH A O   1 
HETATM 1052 O O   . HOH B 2 .   ? 6.275   14.409  -11.745 1.00 31.07 ? 158 HOH A O   1 
HETATM 1053 O O   . HOH B 2 .   ? -12.545 -6.419  -2.201  1.00 25.32 ? 159 HOH A O   1 
HETATM 1054 O O   . HOH B 2 .   ? -4.134  13.491  1.564   1.00 27.75 ? 160 HOH A O   1 
HETATM 1055 O O   . HOH B 2 .   ? 6.667   11.549  -12.776 1.00 26.99 ? 161 HOH A O   1 
HETATM 1056 O O   . HOH B 2 .   ? 10.845  -6.939  1.740   1.00 30.84 ? 162 HOH A O   1 
HETATM 1057 O O   . HOH B 2 .   ? -2.691  6.735   -16.091 1.00 31.31 ? 163 HOH A O   1 
HETATM 1058 O O   . HOH B 2 .   ? -14.451 -0.647  -6.116  1.00 34.50 ? 164 HOH A O   1 
HETATM 1059 O O   . HOH B 2 .   ? 3.260   13.279  -5.057  1.00 21.52 ? 165 HOH A O   1 
HETATM 1060 O O   . HOH B 2 .   ? -1.621  7.928   17.801  1.00 38.19 ? 166 HOH A O   1 
HETATM 1061 O O   . HOH B 2 .   ? -13.024 2.521   7.318   1.00 29.76 ? 167 HOH A O   1 
HETATM 1062 O O   . HOH B 2 .   ? -10.958 8.455   -4.748  1.00 29.49 ? 168 HOH A O   1 
HETATM 1063 O O   . HOH B 2 .   ? -5.415  17.252  -1.657  1.00 38.16 ? 169 HOH A O   1 
HETATM 1064 O O   . HOH B 2 .   ? -10.316 -5.651  8.587   1.00 28.22 ? 170 HOH A O   1 
HETATM 1065 O O   . HOH B 2 .   ? 8.472   11.487  -8.664  1.00 32.11 ? 171 HOH A O   1 
HETATM 1066 O O   . HOH B 2 .   ? -6.538  12.832  -9.522  1.00 32.71 ? 172 HOH A O   1 
HETATM 1067 O O   . HOH B 2 .   ? -4.886  -0.039  17.584  1.00 31.64 ? 173 HOH A O   1 
HETATM 1068 O O   . HOH B 2 .   ? 6.167   -6.885  2.511   1.00 40.37 ? 174 HOH A O   1 
HETATM 1069 O O   . HOH B 2 .   ? 3.277   -11.854 -15.670 1.00 41.99 ? 175 HOH A O   1 
HETATM 1070 O O   . HOH B 2 .   ? 13.513  -7.834  -1.045  1.00 40.49 ? 176 HOH A O   1 
HETATM 1071 O O   . HOH B 2 .   ? -12.723 -5.635  -15.472 1.00 40.80 ? 177 HOH A O   1 
HETATM 1072 O O   . HOH B 2 .   ? -13.368 3.611   -8.434  1.00 38.42 ? 178 HOH A O   1 
HETATM 1073 O O   . HOH B 2 .   ? 0.777   -5.093  -16.202 1.00 34.09 ? 179 HOH A O   1 
HETATM 1074 O O   . HOH B 2 .   ? 11.016  2.393   -10.093 1.00 27.71 ? 180 HOH A O   1 
HETATM 1075 O O   . HOH B 2 .   ? 7.257   -0.181  3.836   1.00 44.04 ? 181 HOH A O   1 
HETATM 1076 O O   . HOH B 2 .   ? -1.961  5.579   -13.948 1.00 24.75 ? 182 HOH A O   1 
HETATM 1077 O O   . HOH B 2 .   ? 4.368   8.173   -11.781 1.00 34.74 ? 183 HOH A O   1 
HETATM 1078 O O   . HOH B 2 .   ? 7.693   16.118  -9.752  1.00 30.05 ? 184 HOH A O   1 
HETATM 1079 O O   . HOH B 2 .   ? -1.124  -6.574  -12.400 1.00 38.50 ? 185 HOH A O   1 
HETATM 1080 O O   . HOH B 2 .   ? -14.447 7.934   11.800  1.00 27.68 ? 186 HOH A O   1 
HETATM 1081 O O   . HOH B 2 .   ? 4.165   14.865  2.839   1.00 33.56 ? 187 HOH A O   1 
HETATM 1082 O O   . HOH B 2 .   ? 1.859   6.269   15.229  1.00 35.69 ? 188 HOH A O   1 
HETATM 1083 O O   . HOH B 2 .   ? -10.720 3.211   14.341  1.00 42.95 ? 189 HOH A O   1 
HETATM 1084 O O   . HOH B 2 .   ? 10.763  -13.420 -2.370  1.00 35.30 ? 190 HOH A O   1 
HETATM 1085 O O   . HOH B 2 .   ? -8.792  3.055   -14.807 1.00 31.93 ? 191 HOH A O   1 
HETATM 1086 O O   . HOH B 2 .   ? 8.603   -4.314  -12.221 1.00 38.44 ? 192 HOH A O   1 
HETATM 1087 O O   . HOH B 2 .   ? 3.664   7.753   9.364   1.00 26.65 ? 193 HOH A O   1 
HETATM 1088 O O   . HOH B 2 .   ? -15.106 3.236   -5.066  1.00 38.22 ? 194 HOH A O   1 
HETATM 1089 O O   . HOH B 2 .   ? -12.956 -0.055  7.651   1.00 34.11 ? 195 HOH A O   1 
HETATM 1090 O O   . HOH B 2 .   ? -12.194 -10.237 -1.044  1.00 34.87 ? 196 HOH A O   1 
HETATM 1091 O O   . HOH B 2 .   ? 0.724   16.533  -16.111 1.00 42.74 ? 197 HOH A O   1 
HETATM 1092 O O   . HOH B 2 .   ? -10.514 -7.026  -4.342  1.00 31.86 ? 198 HOH A O   1 
HETATM 1093 O O   . HOH B 2 .   ? 1.544   9.131   12.239  1.00 35.88 ? 199 HOH A O   1 
HETATM 1094 O O   . HOH B 2 .   ? -7.385  11.667  9.194   1.00 22.54 ? 200 HOH A O   1 
HETATM 1095 O O   . HOH B 2 .   ? -12.567 10.329  1.582   1.00 46.01 ? 201 HOH A O   1 
HETATM 1096 O O   . HOH B 2 .   ? -5.366  13.088  5.616   1.00 34.29 ? 202 HOH A O   1 
HETATM 1097 O O   . HOH B 2 .   ? 6.747   -3.549  7.193   1.00 49.14 ? 203 HOH A O   1 
HETATM 1098 O O   . HOH B 2 .   ? -9.241  -9.467  3.715   1.00 27.28 ? 204 HOH A O   1 
HETATM 1099 O O   . HOH B 2 .   ? -14.883 -0.067  1.543   1.00 31.83 ? 205 HOH A O   1 
HETATM 1100 O O   . HOH B 2 .   ? 8.787   -14.567 -3.028  1.00 35.84 ? 206 HOH A O   1 
HETATM 1101 O O   . HOH B 2 .   ? 5.656   1.384   7.300   1.00 31.84 ? 207 HOH A O   1 
HETATM 1102 O O   . HOH B 2 .   ? 1.418   9.332   -18.076 1.00 41.36 ? 208 HOH A O   1 
HETATM 1103 O O   . HOH B 2 .   ? -6.134  11.937  12.667  1.00 41.41 ? 209 HOH A O   1 
HETATM 1104 O O   . HOH B 2 .   ? -3.536  -12.214 1.574   1.00 30.30 ? 210 HOH A O   1 
HETATM 1105 O O   . HOH B 2 .   ? 6.245   -14.622 -1.778  1.00 37.46 ? 211 HOH A O   1 
HETATM 1106 O O   . HOH B 2 .   ? -9.716  -10.362 -7.180  1.00 39.79 ? 212 HOH A O   1 
HETATM 1107 O O   . HOH B 2 .   ? -4.531  -7.096  -13.731 1.00 35.39 ? 213 HOH A O   1 
HETATM 1108 O O   . HOH B 2 .   ? -5.873  11.406  17.195  1.00 45.21 ? 214 HOH A O   1 
HETATM 1109 O O   . HOH B 2 .   ? 4.392   1.420   10.327  1.00 47.17 ? 215 HOH A O   1 
HETATM 1110 O O   . HOH B 2 .   ? -9.623  11.906  5.083   1.00 34.02 ? 216 HOH A O   1 
HETATM 1111 O O   . HOH B 2 .   ? -9.280  14.677  -7.373  1.00 39.68 ? 217 HOH A O   1 
HETATM 1112 O O   . HOH B 2 .   ? -14.211 0.855   -8.391  1.00 38.45 ? 218 HOH A O   1 
HETATM 1113 O O   . HOH B 2 .   ? -3.470  1.989   16.201  1.00 37.01 ? 219 HOH A O   1 
HETATM 1114 O O   . HOH B 2 .   ? -12.518 -2.450  9.417   1.00 46.42 ? 220 HOH A O   1 
HETATM 1115 O O   . HOH B 2 .   ? 2.270   -0.262  10.256  1.00 20.96 ? 221 HOH A O   1 
HETATM 1116 O O   . HOH B 2 .   ? -9.302  9.796   -3.575  1.00 54.17 ? 222 HOH A O   1 
HETATM 1117 O O   . HOH B 2 .   ? -1.747  16.561  -11.722 1.00 32.15 ? 223 HOH A O   1 
HETATM 1118 O O   . HOH B 2 .   ? -4.848  13.727  -10.888 1.00 36.41 ? 224 HOH A O   1 
HETATM 1119 O O   . HOH B 2 .   ? 10.080  14.913  -5.652  1.00 30.58 ? 225 HOH A O   1 
HETATM 1120 O O   . HOH B 2 .   ? 14.023  14.468  -2.848  1.00 29.02 ? 226 HOH A O   1 
HETATM 1121 O O   . HOH B 2 .   ? -13.094 8.652   -2.396  1.00 42.03 ? 227 HOH A O   1 
HETATM 1122 O O   . HOH B 2 .   ? -8.524  11.506  14.456  1.00 43.66 ? 228 HOH A O   1 
HETATM 1123 O O   . HOH B 2 .   ? 5.867   -11.960 -1.409  1.00 29.20 ? 229 HOH A O   1 
HETATM 1124 O O   . HOH B 2 .   ? 10.030  -3.963  7.939   1.00 39.79 ? 230 HOH A O   1 
HETATM 1125 O O   . HOH B 2 .   ? -0.886  11.537  -17.539 1.00 37.67 ? 231 HOH A O   1 
HETATM 1126 O O   . HOH B 2 .   ? 0.095   13.480  9.295   1.00 32.29 ? 232 HOH A O   1 
HETATM 1127 O O   . HOH B 2 .   ? 6.373   -13.680 -14.275 1.00 38.70 ? 233 HOH A O   1 
HETATM 1128 O O   . HOH B 2 .   ? -8.174  -1.754  -14.676 1.00 43.32 ? 234 HOH A O   1 
HETATM 1129 O O   . HOH B 2 .   ? 4.202   4.645   9.235   1.00 40.43 ? 235 HOH A O   1 
HETATM 1130 O O   . HOH B 2 .   ? 8.375   9.775   -1.557  1.00 23.72 ? 236 HOH A O   1 
# 
